data_1GP0
# 
_entry.id   1GP0 
# 
_audit_conform.dict_name       mmcif_pdbx.dic 
_audit_conform.dict_version    5.398 
_audit_conform.dict_location   http://mmcif.pdb.org/dictionaries/ascii/mmcif_pdbx.dic 
# 
loop_
_database_2.database_id 
_database_2.database_code 
_database_2.pdbx_database_accession 
_database_2.pdbx_DOI 
PDB   1GP0         pdb_00001gp0 10.2210/pdb1gp0/pdb 
PDBE  EBI-8775     ?            ?                   
WWPDB D_1290008775 ?            ?                   
# 
loop_
_pdbx_audit_revision_history.ordinal 
_pdbx_audit_revision_history.data_content_type 
_pdbx_audit_revision_history.major_revision 
_pdbx_audit_revision_history.minor_revision 
_pdbx_audit_revision_history.revision_date 
1 'Structure model' 1 0 2002-02-28 
2 'Structure model' 1 1 2011-05-08 
3 'Structure model' 1 2 2011-07-13 
4 'Structure model' 1 3 2017-07-05 
5 'Structure model' 1 4 2019-04-10 
6 'Structure model' 1 5 2024-11-13 
# 
_pdbx_audit_revision_details.ordinal             1 
_pdbx_audit_revision_details.revision_ordinal    1 
_pdbx_audit_revision_details.data_content_type   'Structure model' 
_pdbx_audit_revision_details.provider            repository 
_pdbx_audit_revision_details.type                'Initial release' 
_pdbx_audit_revision_details.description         ? 
_pdbx_audit_revision_details.details             ? 
# 
loop_
_pdbx_audit_revision_group.ordinal 
_pdbx_audit_revision_group.revision_ordinal 
_pdbx_audit_revision_group.data_content_type 
_pdbx_audit_revision_group.group 
1 2 'Structure model' 'Version format compliance' 
2 3 'Structure model' 'Version format compliance' 
3 4 'Structure model' 'Refinement description'    
4 5 'Structure model' 'Data collection'           
5 5 'Structure model' 'Source and taxonomy'       
6 6 'Structure model' 'Data collection'           
7 6 'Structure model' 'Database references'       
8 6 'Structure model' Other                       
9 6 'Structure model' 'Structure summary'         
# 
loop_
_pdbx_audit_revision_category.ordinal 
_pdbx_audit_revision_category.revision_ordinal 
_pdbx_audit_revision_category.data_content_type 
_pdbx_audit_revision_category.category 
1  4 'Structure model' software                  
2  5 'Structure model' database_PDB_rev          
3  5 'Structure model' database_PDB_rev_record   
4  5 'Structure model' entity_src_gen            
5  5 'Structure model' struct_biol               
6  6 'Structure model' chem_comp_atom            
7  6 'Structure model' chem_comp_bond            
8  6 'Structure model' database_2                
9  6 'Structure model' pdbx_database_status      
10 6 'Structure model' pdbx_entry_details        
11 6 'Structure model' pdbx_modification_feature 
# 
loop_
_pdbx_audit_revision_item.ordinal 
_pdbx_audit_revision_item.revision_ordinal 
_pdbx_audit_revision_item.data_content_type 
_pdbx_audit_revision_item.item 
1 4 'Structure model' '_software.name'                               
2 5 'Structure model' '_entity_src_gen.pdbx_host_org_cell_line'      
3 5 'Structure model' '_entity_src_gen.pdbx_host_org_variant'        
4 6 'Structure model' '_database_2.pdbx_DOI'                         
5 6 'Structure model' '_database_2.pdbx_database_accession'          
6 6 'Structure model' '_pdbx_database_status.status_code_sf'         
7 6 'Structure model' '_pdbx_entry_details.has_protein_modification' 
# 
_pdbx_database_status.status_code                     REL 
_pdbx_database_status.entry_id                        1GP0 
_pdbx_database_status.deposit_site                    PDBE 
_pdbx_database_status.process_site                    PDBE 
_pdbx_database_status.SG_entry                        . 
_pdbx_database_status.recvd_initial_deposition_date   2001-10-29 
_pdbx_database_status.pdb_format_compatible           Y 
_pdbx_database_status.status_code_sf                  REL 
_pdbx_database_status.status_code_mr                  ? 
_pdbx_database_status.status_code_cs                  ? 
_pdbx_database_status.methods_development_category    ? 
_pdbx_database_status.status_code_nmr_data            ? 
# 
loop_
_pdbx_database_related.db_name 
_pdbx_database_related.db_id 
_pdbx_database_related.content_type 
_pdbx_database_related.details 
PDB 1E6F unspecified 'HUMAN MIR-RECEPTOR, REPEAT 11'                                                            
PDB 1GP3 unspecified 'STRUCTURE OF A FUNCTIONAL IGF2R FRAGMENT DETERMINED FROM ANOMALOUS SCATTERING OF SULPHUR' 
# 
loop_
_audit_author.name 
_audit_author.pdbx_ordinal 
'Brown, J.'    1 
'Esnouf, R.M.' 2 
'Jones, M.A.'  3 
'Linnell, J.'  4 
'Harlos, K.'   5 
'Hassan, A.B.' 6 
'Jones, E.Y.'  7 
# 
_citation.id                        primary 
_citation.title                     'Structure of a Functional Igf2R Fragment Determined from the Anomalous Scattering of Sulfur' 
_citation.journal_abbrev            'Embo J.' 
_citation.journal_volume            21 
_citation.page_first                1054 
_citation.page_last                 ? 
_citation.year                      2002 
_citation.journal_id_ASTM           EMJODG 
_citation.country                   UK 
_citation.journal_id_ISSN           0261-4189 
_citation.journal_id_CSD            0897 
_citation.book_publisher            ? 
_citation.pdbx_database_id_PubMed   11867533 
_citation.pdbx_database_id_DOI      10.1093/EMBOJ/21.5.1054 
# 
loop_
_citation_author.citation_id 
_citation_author.name 
_citation_author.ordinal 
_citation_author.identifier_ORCID 
primary 'Brown, J.'    1 ? 
primary 'Esnouf, R.M.' 2 ? 
primary 'Jones, M.A.'  3 ? 
primary 'Linnell, J.'  4 ? 
primary 'Harlos, K.'   5 ? 
primary 'Hassan, A.B.' 6 ? 
primary 'Jones, E.Y.'  7 ? 
# 
loop_
_entity.id 
_entity.type 
_entity.src_method 
_entity.pdbx_description 
_entity.formula_weight 
_entity.pdbx_number_of_molecules 
_entity.pdbx_ec 
_entity.pdbx_mutation 
_entity.pdbx_fragment 
_entity.details 
1 polymer     man 'CATION-INDEPENDENT MANNOSE-6-PHOSPHATE RECEPTOR' 15564.672 1   ? ? 
'IGF-II-BINDING DOMAIN, REPEAT 11 RESIDUES 1508-1650' 
'RESIDUES VISIBLE IN THE ELECTRON DENSITY MAP CORRESPOND TO MATURE IGF2R RESIDUE NUMBERS 1515 -1647' 
2 non-polymer syn 'SULFATE ION'                                     96.063    1   ? ? ? ? 
3 water       nat water                                             18.015    179 ? ? ? ? 
# 
_entity_name_com.entity_id   1 
_entity_name_com.name        
'INSULIN-LIKE GROWTH FACTOR II RECEPTOR, CI MAN-6-P, RECEPTOR, CI-MPR, 300 KDA MANNOSE 6-PHOSPHATE RECEPTOR, MPR 300, MPR300' 
# 
_entity_poly.entity_id                      1 
_entity_poly.type                           'polypeptide(L)' 
_entity_poly.nstd_linkage                   no 
_entity_poly.nstd_monomer                   no 
_entity_poly.pdbx_seq_one_letter_code       
;MKSNEHDDCQVTNPSTGHLFDLSSLSGRAGFTAAYSEKGLVYMSICGENENCPPGVGACFGQTRISVGKANKRLRYVDQV
LQLVYKDGSPCPSKSGLSYKSVISFVCRPEAGPTNRPMLISLDKQTCTLFFSWHTPLACEQAT
;
_entity_poly.pdbx_seq_one_letter_code_can   
;MKSNEHDDCQVTNPSTGHLFDLSSLSGRAGFTAAYSEKGLVYMSICGENENCPPGVGACFGQTRISVGKANKRLRYVDQV
LQLVYKDGSPCPSKSGLSYKSVISFVCRPEAGPTNRPMLISLDKQTCTLFFSWHTPLACEQAT
;
_entity_poly.pdbx_strand_id                 A 
_entity_poly.pdbx_target_identifier         ? 
# 
loop_
_pdbx_entity_nonpoly.entity_id 
_pdbx_entity_nonpoly.name 
_pdbx_entity_nonpoly.comp_id 
2 'SULFATE ION' SO4 
3 water         HOH 
# 
loop_
_entity_poly_seq.entity_id 
_entity_poly_seq.num 
_entity_poly_seq.mon_id 
_entity_poly_seq.hetero 
1 1   MET n 
1 2   LYS n 
1 3   SER n 
1 4   ASN n 
1 5   GLU n 
1 6   HIS n 
1 7   ASP n 
1 8   ASP n 
1 9   CYS n 
1 10  GLN n 
1 11  VAL n 
1 12  THR n 
1 13  ASN n 
1 14  PRO n 
1 15  SER n 
1 16  THR n 
1 17  GLY n 
1 18  HIS n 
1 19  LEU n 
1 20  PHE n 
1 21  ASP n 
1 22  LEU n 
1 23  SER n 
1 24  SER n 
1 25  LEU n 
1 26  SER n 
1 27  GLY n 
1 28  ARG n 
1 29  ALA n 
1 30  GLY n 
1 31  PHE n 
1 32  THR n 
1 33  ALA n 
1 34  ALA n 
1 35  TYR n 
1 36  SER n 
1 37  GLU n 
1 38  LYS n 
1 39  GLY n 
1 40  LEU n 
1 41  VAL n 
1 42  TYR n 
1 43  MET n 
1 44  SER n 
1 45  ILE n 
1 46  CYS n 
1 47  GLY n 
1 48  GLU n 
1 49  ASN n 
1 50  GLU n 
1 51  ASN n 
1 52  CYS n 
1 53  PRO n 
1 54  PRO n 
1 55  GLY n 
1 56  VAL n 
1 57  GLY n 
1 58  ALA n 
1 59  CYS n 
1 60  PHE n 
1 61  GLY n 
1 62  GLN n 
1 63  THR n 
1 64  ARG n 
1 65  ILE n 
1 66  SER n 
1 67  VAL n 
1 68  GLY n 
1 69  LYS n 
1 70  ALA n 
1 71  ASN n 
1 72  LYS n 
1 73  ARG n 
1 74  LEU n 
1 75  ARG n 
1 76  TYR n 
1 77  VAL n 
1 78  ASP n 
1 79  GLN n 
1 80  VAL n 
1 81  LEU n 
1 82  GLN n 
1 83  LEU n 
1 84  VAL n 
1 85  TYR n 
1 86  LYS n 
1 87  ASP n 
1 88  GLY n 
1 89  SER n 
1 90  PRO n 
1 91  CYS n 
1 92  PRO n 
1 93  SER n 
1 94  LYS n 
1 95  SER n 
1 96  GLY n 
1 97  LEU n 
1 98  SER n 
1 99  TYR n 
1 100 LYS n 
1 101 SER n 
1 102 VAL n 
1 103 ILE n 
1 104 SER n 
1 105 PHE n 
1 106 VAL n 
1 107 CYS n 
1 108 ARG n 
1 109 PRO n 
1 110 GLU n 
1 111 ALA n 
1 112 GLY n 
1 113 PRO n 
1 114 THR n 
1 115 ASN n 
1 116 ARG n 
1 117 PRO n 
1 118 MET n 
1 119 LEU n 
1 120 ILE n 
1 121 SER n 
1 122 LEU n 
1 123 ASP n 
1 124 LYS n 
1 125 GLN n 
1 126 THR n 
1 127 CYS n 
1 128 THR n 
1 129 LEU n 
1 130 PHE n 
1 131 PHE n 
1 132 SER n 
1 133 TRP n 
1 134 HIS n 
1 135 THR n 
1 136 PRO n 
1 137 LEU n 
1 138 ALA n 
1 139 CYS n 
1 140 GLU n 
1 141 GLN n 
1 142 ALA n 
1 143 THR n 
# 
_entity_src_gen.entity_id                          1 
_entity_src_gen.pdbx_src_id                        1 
_entity_src_gen.pdbx_alt_source_flag               sample 
_entity_src_gen.pdbx_seq_type                      ? 
_entity_src_gen.pdbx_beg_seq_num                   ? 
_entity_src_gen.pdbx_end_seq_num                   ? 
_entity_src_gen.gene_src_common_name               HUMAN 
_entity_src_gen.gene_src_genus                     ? 
_entity_src_gen.pdbx_gene_src_gene                 ? 
_entity_src_gen.gene_src_species                   ? 
_entity_src_gen.gene_src_strain                    ? 
_entity_src_gen.gene_src_tissue                    PLACENTA 
_entity_src_gen.gene_src_tissue_fraction           ? 
_entity_src_gen.gene_src_details                   ? 
_entity_src_gen.pdbx_gene_src_fragment             ? 
_entity_src_gen.pdbx_gene_src_scientific_name      'HOMO SAPIENS' 
_entity_src_gen.pdbx_gene_src_ncbi_taxonomy_id     9606 
_entity_src_gen.pdbx_gene_src_variant              ? 
_entity_src_gen.pdbx_gene_src_cell_line            ? 
_entity_src_gen.pdbx_gene_src_atcc                 95661 
_entity_src_gen.pdbx_gene_src_organ                ? 
_entity_src_gen.pdbx_gene_src_organelle            ? 
_entity_src_gen.pdbx_gene_src_cell                 ? 
_entity_src_gen.pdbx_gene_src_cellular_location    ? 
_entity_src_gen.host_org_common_name               ? 
_entity_src_gen.pdbx_host_org_scientific_name      'ESCHERICHIA COLI' 
_entity_src_gen.pdbx_host_org_ncbi_taxonomy_id     562 
_entity_src_gen.host_org_genus                     ? 
_entity_src_gen.pdbx_host_org_gene                 ? 
_entity_src_gen.pdbx_host_org_organ                ? 
_entity_src_gen.host_org_species                   ? 
_entity_src_gen.pdbx_host_org_tissue               ? 
_entity_src_gen.pdbx_host_org_tissue_fraction      ? 
_entity_src_gen.pdbx_host_org_strain               ? 
_entity_src_gen.pdbx_host_org_variant              Origami 
_entity_src_gen.pdbx_host_org_cell_line            ? 
_entity_src_gen.pdbx_host_org_atcc                 ? 
_entity_src_gen.pdbx_host_org_culture_collection   ? 
_entity_src_gen.pdbx_host_org_cell                 ? 
_entity_src_gen.pdbx_host_org_organelle            ? 
_entity_src_gen.pdbx_host_org_cellular_location    ? 
_entity_src_gen.pdbx_host_org_vector_type          ? 
_entity_src_gen.pdbx_host_org_vector               ? 
_entity_src_gen.host_org_details                   ? 
_entity_src_gen.expression_system_id               ? 
_entity_src_gen.plasmid_name                       PET22B 
_entity_src_gen.plasmid_details                    ? 
_entity_src_gen.pdbx_description                   ? 
# 
loop_
_chem_comp.id 
_chem_comp.type 
_chem_comp.mon_nstd_flag 
_chem_comp.name 
_chem_comp.pdbx_synonyms 
_chem_comp.formula 
_chem_comp.formula_weight 
ALA 'L-peptide linking' y ALANINE         ? 'C3 H7 N O2'     89.093  
ARG 'L-peptide linking' y ARGININE        ? 'C6 H15 N4 O2 1' 175.209 
ASN 'L-peptide linking' y ASPARAGINE      ? 'C4 H8 N2 O3'    132.118 
ASP 'L-peptide linking' y 'ASPARTIC ACID' ? 'C4 H7 N O4'     133.103 
CYS 'L-peptide linking' y CYSTEINE        ? 'C3 H7 N O2 S'   121.158 
GLN 'L-peptide linking' y GLUTAMINE       ? 'C5 H10 N2 O3'   146.144 
GLU 'L-peptide linking' y 'GLUTAMIC ACID' ? 'C5 H9 N O4'     147.129 
GLY 'peptide linking'   y GLYCINE         ? 'C2 H5 N O2'     75.067  
HIS 'L-peptide linking' y HISTIDINE       ? 'C6 H10 N3 O2 1' 156.162 
HOH non-polymer         . WATER           ? 'H2 O'           18.015  
ILE 'L-peptide linking' y ISOLEUCINE      ? 'C6 H13 N O2'    131.173 
LEU 'L-peptide linking' y LEUCINE         ? 'C6 H13 N O2'    131.173 
LYS 'L-peptide linking' y LYSINE          ? 'C6 H15 N2 O2 1' 147.195 
MET 'L-peptide linking' y METHIONINE      ? 'C5 H11 N O2 S'  149.211 
PHE 'L-peptide linking' y PHENYLALANINE   ? 'C9 H11 N O2'    165.189 
PRO 'L-peptide linking' y PROLINE         ? 'C5 H9 N O2'     115.130 
SER 'L-peptide linking' y SERINE          ? 'C3 H7 N O3'     105.093 
SO4 non-polymer         . 'SULFATE ION'   ? 'O4 S -2'        96.063  
THR 'L-peptide linking' y THREONINE       ? 'C4 H9 N O3'     119.119 
TRP 'L-peptide linking' y TRYPTOPHAN      ? 'C11 H12 N2 O2'  204.225 
TYR 'L-peptide linking' y TYROSINE        ? 'C9 H11 N O3'    181.189 
VAL 'L-peptide linking' y VALINE          ? 'C5 H11 N O2'    117.146 
# 
loop_
_pdbx_poly_seq_scheme.asym_id 
_pdbx_poly_seq_scheme.entity_id 
_pdbx_poly_seq_scheme.seq_id 
_pdbx_poly_seq_scheme.mon_id 
_pdbx_poly_seq_scheme.ndb_seq_num 
_pdbx_poly_seq_scheme.pdb_seq_num 
_pdbx_poly_seq_scheme.auth_seq_num 
_pdbx_poly_seq_scheme.pdb_mon_id 
_pdbx_poly_seq_scheme.auth_mon_id 
_pdbx_poly_seq_scheme.pdb_strand_id 
_pdbx_poly_seq_scheme.pdb_ins_code 
_pdbx_poly_seq_scheme.hetero 
A 1 1   MET 1   1508 ?    ?   ?   A . n 
A 1 2   LYS 2   1509 ?    ?   ?   A . n 
A 1 3   SER 3   1510 ?    ?   ?   A . n 
A 1 4   ASN 4   1511 ?    ?   ?   A . n 
A 1 5   GLU 5   1512 ?    ?   ?   A . n 
A 1 6   HIS 6   1513 ?    ?   ?   A . n 
A 1 7   ASP 7   1514 ?    ?   ?   A . n 
A 1 8   ASP 8   1515 1515 ASP ASP A . n 
A 1 9   CYS 9   1516 1516 CYS CYS A . n 
A 1 10  GLN 10  1517 1517 GLN GLN A . n 
A 1 11  VAL 11  1518 1518 VAL VAL A . n 
A 1 12  THR 12  1519 1519 THR THR A . n 
A 1 13  ASN 13  1520 1520 ASN ASN A . n 
A 1 14  PRO 14  1521 1521 PRO PRO A . n 
A 1 15  SER 15  1522 1522 SER SER A . n 
A 1 16  THR 16  1523 1523 THR THR A . n 
A 1 17  GLY 17  1524 1524 GLY GLY A . n 
A 1 18  HIS 18  1525 1525 HIS HIS A . n 
A 1 19  LEU 19  1526 1526 LEU LEU A . n 
A 1 20  PHE 20  1527 1527 PHE PHE A . n 
A 1 21  ASP 21  1528 1528 ASP ASP A . n 
A 1 22  LEU 22  1529 1529 LEU LEU A . n 
A 1 23  SER 23  1530 1530 SER SER A . n 
A 1 24  SER 24  1531 1531 SER SER A . n 
A 1 25  LEU 25  1532 1532 LEU LEU A . n 
A 1 26  SER 26  1533 1533 SER SER A . n 
A 1 27  GLY 27  1534 1534 GLY GLY A . n 
A 1 28  ARG 28  1535 1535 ARG ARG A . n 
A 1 29  ALA 29  1536 1536 ALA ALA A . n 
A 1 30  GLY 30  1537 1537 GLY GLY A . n 
A 1 31  PHE 31  1538 1538 PHE PHE A . n 
A 1 32  THR 32  1539 1539 THR THR A . n 
A 1 33  ALA 33  1540 1540 ALA ALA A . n 
A 1 34  ALA 34  1541 1541 ALA ALA A . n 
A 1 35  TYR 35  1542 1542 TYR TYR A . n 
A 1 36  SER 36  1543 1543 SER SER A . n 
A 1 37  GLU 37  1544 1544 GLU GLU A . n 
A 1 38  LYS 38  1545 1545 LYS LYS A . n 
A 1 39  GLY 39  1546 1546 GLY GLY A . n 
A 1 40  LEU 40  1547 1547 LEU LEU A . n 
A 1 41  VAL 41  1548 1548 VAL VAL A . n 
A 1 42  TYR 42  1549 1549 TYR TYR A . n 
A 1 43  MET 43  1550 1550 MET MET A . n 
A 1 44  SER 44  1551 1551 SER SER A . n 
A 1 45  ILE 45  1552 1552 ILE ILE A . n 
A 1 46  CYS 46  1553 1553 CYS CYS A . n 
A 1 47  GLY 47  1554 1554 GLY GLY A . n 
A 1 48  GLU 48  1555 1555 GLU GLU A . n 
A 1 49  ASN 49  1556 1556 ASN ASN A . n 
A 1 50  GLU 50  1557 1557 GLU GLU A . n 
A 1 51  ASN 51  1558 1558 ASN ASN A . n 
A 1 52  CYS 52  1559 1559 CYS CYS A . n 
A 1 53  PRO 53  1560 1560 PRO PRO A . n 
A 1 54  PRO 54  1561 1561 PRO PRO A . n 
A 1 55  GLY 55  1562 1562 GLY GLY A . n 
A 1 56  VAL 56  1563 1563 VAL VAL A . n 
A 1 57  GLY 57  1564 1564 GLY GLY A . n 
A 1 58  ALA 58  1565 1565 ALA ALA A . n 
A 1 59  CYS 59  1566 1566 CYS CYS A . n 
A 1 60  PHE 60  1567 1567 PHE PHE A . n 
A 1 61  GLY 61  1568 1568 GLY GLY A . n 
A 1 62  GLN 62  1569 1569 GLN GLN A . n 
A 1 63  THR 63  1570 1570 THR THR A . n 
A 1 64  ARG 64  1571 1571 ARG ARG A . n 
A 1 65  ILE 65  1572 1572 ILE ILE A . n 
A 1 66  SER 66  1573 1573 SER SER A . n 
A 1 67  VAL 67  1574 1574 VAL VAL A . n 
A 1 68  GLY 68  1575 1575 GLY GLY A . n 
A 1 69  LYS 69  1576 1576 LYS LYS A . n 
A 1 70  ALA 70  1577 1577 ALA ALA A . n 
A 1 71  ASN 71  1578 1578 ASN ASN A . n 
A 1 72  LYS 72  1579 1579 LYS LYS A . n 
A 1 73  ARG 73  1580 1580 ARG ARG A . n 
A 1 74  LEU 74  1581 1581 LEU LEU A . n 
A 1 75  ARG 75  1582 1582 ARG ARG A . n 
A 1 76  TYR 76  1583 1583 TYR TYR A . n 
A 1 77  VAL 77  1584 1584 VAL VAL A . n 
A 1 78  ASP 78  1585 1585 ASP ASP A . n 
A 1 79  GLN 79  1586 1586 GLN GLN A . n 
A 1 80  VAL 80  1587 1587 VAL VAL A . n 
A 1 81  LEU 81  1588 1588 LEU LEU A . n 
A 1 82  GLN 82  1589 1589 GLN GLN A . n 
A 1 83  LEU 83  1590 1590 LEU LEU A . n 
A 1 84  VAL 84  1591 1591 VAL VAL A . n 
A 1 85  TYR 85  1592 1592 TYR TYR A . n 
A 1 86  LYS 86  1593 1593 LYS LYS A . n 
A 1 87  ASP 87  1594 1594 ASP ASP A . n 
A 1 88  GLY 88  1595 1595 GLY GLY A . n 
A 1 89  SER 89  1596 1596 SER SER A . n 
A 1 90  PRO 90  1597 1597 PRO PRO A . n 
A 1 91  CYS 91  1598 1598 CYS CYS A . n 
A 1 92  PRO 92  1599 1599 PRO PRO A . n 
A 1 93  SER 93  1600 1600 SER SER A . n 
A 1 94  LYS 94  1601 1601 LYS LYS A . n 
A 1 95  SER 95  1602 1602 SER SER A . n 
A 1 96  GLY 96  1603 1603 GLY GLY A . n 
A 1 97  LEU 97  1604 1604 LEU LEU A . n 
A 1 98  SER 98  1605 1605 SER SER A . n 
A 1 99  TYR 99  1606 1606 TYR TYR A . n 
A 1 100 LYS 100 1607 1607 LYS LYS A . n 
A 1 101 SER 101 1608 1608 SER SER A . n 
A 1 102 VAL 102 1609 1609 VAL VAL A . n 
A 1 103 ILE 103 1610 1610 ILE ILE A . n 
A 1 104 SER 104 1611 1611 SER SER A . n 
A 1 105 PHE 105 1612 1612 PHE PHE A . n 
A 1 106 VAL 106 1613 1613 VAL VAL A . n 
A 1 107 CYS 107 1614 1614 CYS CYS A . n 
A 1 108 ARG 108 1615 1615 ARG ARG A . n 
A 1 109 PRO 109 1616 1616 PRO PRO A . n 
A 1 110 GLU 110 1617 1617 GLU GLU A . n 
A 1 111 ALA 111 1618 1618 ALA ALA A . n 
A 1 112 GLY 112 1619 1619 GLY GLY A . n 
A 1 113 PRO 113 1620 1620 PRO PRO A . n 
A 1 114 THR 114 1621 1621 THR THR A . n 
A 1 115 ASN 115 1622 1622 ASN ASN A . n 
A 1 116 ARG 116 1623 1623 ARG ARG A . n 
A 1 117 PRO 117 1624 1624 PRO PRO A . n 
A 1 118 MET 118 1625 1625 MET MET A . n 
A 1 119 LEU 119 1626 1626 LEU LEU A . n 
A 1 120 ILE 120 1627 1627 ILE ILE A . n 
A 1 121 SER 121 1628 1628 SER SER A . n 
A 1 122 LEU 122 1629 1629 LEU LEU A . n 
A 1 123 ASP 123 1630 1630 ASP ASP A . n 
A 1 124 LYS 124 1631 1631 LYS LYS A . n 
A 1 125 GLN 125 1632 1632 GLN GLN A . n 
A 1 126 THR 126 1633 1633 THR THR A . n 
A 1 127 CYS 127 1634 1634 CYS CYS A . n 
A 1 128 THR 128 1635 1635 THR THR A . n 
A 1 129 LEU 129 1636 1636 LEU LEU A . n 
A 1 130 PHE 130 1637 1637 PHE PHE A . n 
A 1 131 PHE 131 1638 1638 PHE PHE A . n 
A 1 132 SER 132 1639 1639 SER SER A . n 
A 1 133 TRP 133 1640 1640 TRP TRP A . n 
A 1 134 HIS 134 1641 1641 HIS HIS A . n 
A 1 135 THR 135 1642 1642 THR THR A . n 
A 1 136 PRO 136 1643 1643 PRO PRO A . n 
A 1 137 LEU 137 1644 1644 LEU LEU A . n 
A 1 138 ALA 138 1645 1645 ALA ALA A . n 
A 1 139 CYS 139 1646 1646 CYS CYS A . n 
A 1 140 GLU 140 1647 1647 GLU GLU A . n 
A 1 141 GLN 141 1648 ?    ?   ?   A . n 
A 1 142 ALA 142 1649 ?    ?   ?   A . n 
A 1 143 THR 143 1650 ?    ?   ?   A . n 
# 
loop_
_pdbx_nonpoly_scheme.asym_id 
_pdbx_nonpoly_scheme.entity_id 
_pdbx_nonpoly_scheme.mon_id 
_pdbx_nonpoly_scheme.ndb_seq_num 
_pdbx_nonpoly_scheme.pdb_seq_num 
_pdbx_nonpoly_scheme.auth_seq_num 
_pdbx_nonpoly_scheme.pdb_mon_id 
_pdbx_nonpoly_scheme.auth_mon_id 
_pdbx_nonpoly_scheme.pdb_strand_id 
_pdbx_nonpoly_scheme.pdb_ins_code 
B 2 SO4 1   3001 3001 SO4 SO4 A . 
C 3 HOH 1   2001 2001 HOH HOH A . 
C 3 HOH 2   2002 2002 HOH HOH A . 
C 3 HOH 3   2003 2003 HOH HOH A . 
C 3 HOH 4   2004 2004 HOH HOH A . 
C 3 HOH 5   2005 2005 HOH HOH A . 
C 3 HOH 6   2006 2006 HOH HOH A . 
C 3 HOH 7   2007 2007 HOH HOH A . 
C 3 HOH 8   2008 2008 HOH HOH A . 
C 3 HOH 9   2009 2009 HOH HOH A . 
C 3 HOH 10  2010 2010 HOH HOH A . 
C 3 HOH 11  2011 2011 HOH HOH A . 
C 3 HOH 12  2012 2012 HOH HOH A . 
C 3 HOH 13  2013 2013 HOH HOH A . 
C 3 HOH 14  2014 2014 HOH HOH A . 
C 3 HOH 15  2015 2015 HOH HOH A . 
C 3 HOH 16  2016 2016 HOH HOH A . 
C 3 HOH 17  2017 2017 HOH HOH A . 
C 3 HOH 18  2018 2018 HOH HOH A . 
C 3 HOH 19  2019 2019 HOH HOH A . 
C 3 HOH 20  2020 2020 HOH HOH A . 
C 3 HOH 21  2021 2021 HOH HOH A . 
C 3 HOH 22  2022 2022 HOH HOH A . 
C 3 HOH 23  2023 2023 HOH HOH A . 
C 3 HOH 24  2024 2024 HOH HOH A . 
C 3 HOH 25  2025 2025 HOH HOH A . 
C 3 HOH 26  2026 2026 HOH HOH A . 
C 3 HOH 27  2027 2027 HOH HOH A . 
C 3 HOH 28  2028 2028 HOH HOH A . 
C 3 HOH 29  2029 2029 HOH HOH A . 
C 3 HOH 30  2030 2030 HOH HOH A . 
C 3 HOH 31  2031 2031 HOH HOH A . 
C 3 HOH 32  2032 2032 HOH HOH A . 
C 3 HOH 33  2033 2033 HOH HOH A . 
C 3 HOH 34  2034 2034 HOH HOH A . 
C 3 HOH 35  2035 2035 HOH HOH A . 
C 3 HOH 36  2036 2036 HOH HOH A . 
C 3 HOH 37  2037 2037 HOH HOH A . 
C 3 HOH 38  2038 2038 HOH HOH A . 
C 3 HOH 39  2039 2039 HOH HOH A . 
C 3 HOH 40  2040 2040 HOH HOH A . 
C 3 HOH 41  2041 2041 HOH HOH A . 
C 3 HOH 42  2042 2042 HOH HOH A . 
C 3 HOH 43  2043 2043 HOH HOH A . 
C 3 HOH 44  2044 2044 HOH HOH A . 
C 3 HOH 45  2045 2045 HOH HOH A . 
C 3 HOH 46  2046 2046 HOH HOH A . 
C 3 HOH 47  2047 2047 HOH HOH A . 
C 3 HOH 48  2048 2048 HOH HOH A . 
C 3 HOH 49  2049 2049 HOH HOH A . 
C 3 HOH 50  2050 2050 HOH HOH A . 
C 3 HOH 51  2051 2051 HOH HOH A . 
C 3 HOH 52  2052 2052 HOH HOH A . 
C 3 HOH 53  2053 2053 HOH HOH A . 
C 3 HOH 54  2054 2054 HOH HOH A . 
C 3 HOH 55  2055 2055 HOH HOH A . 
C 3 HOH 56  2056 2056 HOH HOH A . 
C 3 HOH 57  2057 2057 HOH HOH A . 
C 3 HOH 58  2058 2058 HOH HOH A . 
C 3 HOH 59  2059 2059 HOH HOH A . 
C 3 HOH 60  2060 2060 HOH HOH A . 
C 3 HOH 61  2061 2061 HOH HOH A . 
C 3 HOH 62  2062 2062 HOH HOH A . 
C 3 HOH 63  2063 2063 HOH HOH A . 
C 3 HOH 64  2064 2064 HOH HOH A . 
C 3 HOH 65  2065 2065 HOH HOH A . 
C 3 HOH 66  2066 2066 HOH HOH A . 
C 3 HOH 67  2067 2067 HOH HOH A . 
C 3 HOH 68  2068 2068 HOH HOH A . 
C 3 HOH 69  2069 2069 HOH HOH A . 
C 3 HOH 70  2070 2070 HOH HOH A . 
C 3 HOH 71  2071 2071 HOH HOH A . 
C 3 HOH 72  2072 2072 HOH HOH A . 
C 3 HOH 73  2073 2073 HOH HOH A . 
C 3 HOH 74  2074 2074 HOH HOH A . 
C 3 HOH 75  2075 2075 HOH HOH A . 
C 3 HOH 76  2076 2076 HOH HOH A . 
C 3 HOH 77  2077 2077 HOH HOH A . 
C 3 HOH 78  2078 2078 HOH HOH A . 
C 3 HOH 79  2079 2079 HOH HOH A . 
C 3 HOH 80  2080 2080 HOH HOH A . 
C 3 HOH 81  2081 2081 HOH HOH A . 
C 3 HOH 82  2082 2082 HOH HOH A . 
C 3 HOH 83  2083 2083 HOH HOH A . 
C 3 HOH 84  2084 2084 HOH HOH A . 
C 3 HOH 85  2085 2085 HOH HOH A . 
C 3 HOH 86  2086 2086 HOH HOH A . 
C 3 HOH 87  2087 2087 HOH HOH A . 
C 3 HOH 88  2088 2088 HOH HOH A . 
C 3 HOH 89  2089 2089 HOH HOH A . 
C 3 HOH 90  2090 2090 HOH HOH A . 
C 3 HOH 91  2091 2091 HOH HOH A . 
C 3 HOH 92  2092 2092 HOH HOH A . 
C 3 HOH 93  2093 2093 HOH HOH A . 
C 3 HOH 94  2094 2094 HOH HOH A . 
C 3 HOH 95  2095 2095 HOH HOH A . 
C 3 HOH 96  2096 2096 HOH HOH A . 
C 3 HOH 97  2097 2097 HOH HOH A . 
C 3 HOH 98  2098 2098 HOH HOH A . 
C 3 HOH 99  2099 2099 HOH HOH A . 
C 3 HOH 100 2100 2100 HOH HOH A . 
C 3 HOH 101 2101 2101 HOH HOH A . 
C 3 HOH 102 2102 2102 HOH HOH A . 
C 3 HOH 103 2103 2103 HOH HOH A . 
C 3 HOH 104 2104 2104 HOH HOH A . 
C 3 HOH 105 2105 2105 HOH HOH A . 
C 3 HOH 106 2106 2106 HOH HOH A . 
C 3 HOH 107 2107 2107 HOH HOH A . 
C 3 HOH 108 2108 2108 HOH HOH A . 
C 3 HOH 109 2109 2109 HOH HOH A . 
C 3 HOH 110 2110 2110 HOH HOH A . 
C 3 HOH 111 2111 2111 HOH HOH A . 
C 3 HOH 112 2112 2112 HOH HOH A . 
C 3 HOH 113 2113 2113 HOH HOH A . 
C 3 HOH 114 2114 2114 HOH HOH A . 
C 3 HOH 115 2115 2115 HOH HOH A . 
C 3 HOH 116 2116 2116 HOH HOH A . 
C 3 HOH 117 2117 2117 HOH HOH A . 
C 3 HOH 118 2118 2118 HOH HOH A . 
C 3 HOH 119 2119 2119 HOH HOH A . 
C 3 HOH 120 2120 2120 HOH HOH A . 
C 3 HOH 121 2121 2121 HOH HOH A . 
C 3 HOH 122 2122 2122 HOH HOH A . 
C 3 HOH 123 2123 2123 HOH HOH A . 
C 3 HOH 124 2124 2124 HOH HOH A . 
C 3 HOH 125 2125 2125 HOH HOH A . 
C 3 HOH 126 2126 2126 HOH HOH A . 
C 3 HOH 127 2127 2127 HOH HOH A . 
C 3 HOH 128 2128 2128 HOH HOH A . 
C 3 HOH 129 2129 2129 HOH HOH A . 
C 3 HOH 130 2130 2130 HOH HOH A . 
C 3 HOH 131 2131 2131 HOH HOH A . 
C 3 HOH 132 2132 2132 HOH HOH A . 
C 3 HOH 133 2133 2133 HOH HOH A . 
C 3 HOH 134 2134 2134 HOH HOH A . 
C 3 HOH 135 2135 2135 HOH HOH A . 
C 3 HOH 136 2136 2136 HOH HOH A . 
C 3 HOH 137 2137 2137 HOH HOH A . 
C 3 HOH 138 2138 2138 HOH HOH A . 
C 3 HOH 139 2139 2139 HOH HOH A . 
C 3 HOH 140 2140 2140 HOH HOH A . 
C 3 HOH 141 2141 2141 HOH HOH A . 
C 3 HOH 142 2142 2142 HOH HOH A . 
C 3 HOH 143 2143 2143 HOH HOH A . 
C 3 HOH 144 2144 2144 HOH HOH A . 
C 3 HOH 145 2145 2145 HOH HOH A . 
C 3 HOH 146 2146 2146 HOH HOH A . 
C 3 HOH 147 2147 2147 HOH HOH A . 
C 3 HOH 148 2148 2148 HOH HOH A . 
C 3 HOH 149 2149 2149 HOH HOH A . 
C 3 HOH 150 2150 2150 HOH HOH A . 
C 3 HOH 151 2151 2151 HOH HOH A . 
C 3 HOH 152 2152 2152 HOH HOH A . 
C 3 HOH 153 2153 2153 HOH HOH A . 
C 3 HOH 154 2154 2154 HOH HOH A . 
C 3 HOH 155 2155 2155 HOH HOH A . 
C 3 HOH 156 2156 2156 HOH HOH A . 
C 3 HOH 157 2157 2157 HOH HOH A . 
C 3 HOH 158 2158 2158 HOH HOH A . 
C 3 HOH 159 2159 2159 HOH HOH A . 
C 3 HOH 160 2160 2160 HOH HOH A . 
C 3 HOH 161 2161 2161 HOH HOH A . 
C 3 HOH 162 2162 2162 HOH HOH A . 
C 3 HOH 163 2163 2163 HOH HOH A . 
C 3 HOH 164 2164 2164 HOH HOH A . 
C 3 HOH 165 2165 2165 HOH HOH A . 
C 3 HOH 166 2166 2166 HOH HOH A . 
C 3 HOH 167 2167 2167 HOH HOH A . 
C 3 HOH 168 2168 2168 HOH HOH A . 
C 3 HOH 169 2169 2169 HOH HOH A . 
C 3 HOH 170 2170 2170 HOH HOH A . 
C 3 HOH 171 2171 2171 HOH HOH A . 
C 3 HOH 172 2172 2172 HOH HOH A . 
C 3 HOH 173 2173 2173 HOH HOH A . 
C 3 HOH 174 2174 2174 HOH HOH A . 
C 3 HOH 175 2175 2175 HOH HOH A . 
C 3 HOH 176 2176 2176 HOH HOH A . 
C 3 HOH 177 2177 2177 HOH HOH A . 
C 3 HOH 178 2178 2178 HOH HOH A . 
C 3 HOH 179 2179 2179 HOH HOH A . 
# 
loop_
_software.name 
_software.classification 
_software.version 
_software.citation_id 
_software.pdbx_ordinal 
CNS       refinement       1.0 ? 1 
DENZO     'data reduction' .   ? 2 
SCALEPACK 'data scaling'   .   ? 3 
SnB       phasing          .   ? 4 
# 
_cell.entry_id           1GP0 
_cell.length_a           49.405 
_cell.length_b           49.405 
_cell.length_c           118.540 
_cell.angle_alpha        90.00 
_cell.angle_beta         90.00 
_cell.angle_gamma        90.00 
_cell.Z_PDB              8 
_cell.pdbx_unique_axis   ? 
# 
_symmetry.entry_id                         1GP0 
_symmetry.space_group_name_H-M             'P 43 21 2' 
_symmetry.pdbx_full_space_group_name_H-M   ? 
_symmetry.cell_setting                     ? 
_symmetry.Int_Tables_number                96 
# 
_exptl.entry_id          1GP0 
_exptl.method            'X-RAY DIFFRACTION' 
_exptl.crystals_number   1 
# 
_exptl_crystal.id                    1 
_exptl_crystal.density_meas          ? 
_exptl_crystal.density_Matthews      2.18 
_exptl_crystal.density_percent_sol   42 
_exptl_crystal.description           'SULFUR PHASING DATA COLLECTED AT 1.77122 A ON ESRF BM14' 
# 
_exptl_crystal_grow.crystal_id      1 
_exptl_crystal_grow.method          ? 
_exptl_crystal_grow.temp            ? 
_exptl_crystal_grow.temp_details    ? 
_exptl_crystal_grow.pH              8.50 
_exptl_crystal_grow.pdbx_pH_range   ? 
_exptl_crystal_grow.pdbx_details    'PROTEIN WAS CRYSTALLIZED FROM 0.2 M LITHIUM SULFATE, 0.1 M TRIS HCL PH 8.5, 30 % PEG 4000' 
# 
_diffrn.id                     1 
_diffrn.ambient_temp           100.0 
_diffrn.ambient_temp_details   ? 
_diffrn.crystal_id             1 
# 
_diffrn_detector.diffrn_id              1 
_diffrn_detector.detector               CCD 
_diffrn_detector.type                   'ADSC CCD' 
_diffrn_detector.pdbx_collection_date   2000-11-15 
_diffrn_detector.details                'TOROIDAL MIRROR' 
# 
_diffrn_radiation.diffrn_id                        1 
_diffrn_radiation.wavelength_id                    1 
_diffrn_radiation.pdbx_monochromatic_or_laue_m_l   M 
_diffrn_radiation.monochromator                    'DIAMOND (111), GE(220)' 
_diffrn_radiation.pdbx_diffrn_protocol             'SINGLE WAVELENGTH' 
_diffrn_radiation.pdbx_scattering_type             x-ray 
# 
_diffrn_radiation_wavelength.id           1 
_diffrn_radiation_wavelength.wavelength   0.933 
_diffrn_radiation_wavelength.wt           1.0 
# 
_diffrn_source.diffrn_id                   1 
_diffrn_source.source                      SYNCHROTRON 
_diffrn_source.type                        'ESRF BEAMLINE ID14-2' 
_diffrn_source.pdbx_synchrotron_site       ESRF 
_diffrn_source.pdbx_synchrotron_beamline   ID14-2 
_diffrn_source.pdbx_wavelength             0.933 
_diffrn_source.pdbx_wavelength_list        ? 
# 
_reflns.pdbx_diffrn_id               1 
_reflns.pdbx_ordinal                 1 
_reflns.entry_id                     1GP0 
_reflns.observed_criterion_sigma_I   -3.000 
_reflns.observed_criterion_sigma_F   ? 
_reflns.d_resolution_low             20.000 
_reflns.d_resolution_high            1.400 
_reflns.number_obs                   29550 
_reflns.number_all                   ? 
_reflns.percent_possible_obs         98.7 
_reflns.pdbx_Rmerge_I_obs            0.09700 
_reflns.pdbx_Rsym_value              ? 
_reflns.pdbx_netI_over_sigmaI        35.7000 
_reflns.B_iso_Wilson_estimate        18.5 
_reflns.pdbx_redundancy              25.800 
# 
_reflns_shell.pdbx_diffrn_id         1 
_reflns_shell.pdbx_ordinal           1 
_reflns_shell.d_res_high             1.40 
_reflns_shell.d_res_low              1.45 
_reflns_shell.percent_possible_all   95.6 
_reflns_shell.Rmerge_I_obs           0.45200 
_reflns_shell.pdbx_Rsym_value        ? 
_reflns_shell.meanI_over_sigI_obs    9.400 
_reflns_shell.pdbx_redundancy        ? 
# 
_refine.pdbx_refine_id                           'X-RAY DIFFRACTION' 
_refine.entry_id                                 1GP0 
_refine.pdbx_diffrn_id                           1 
_refine.pdbx_TLS_residual_ADP_flag               ? 
_refine.ls_number_reflns_obs                     28735 
_refine.ls_number_reflns_all                     ? 
_refine.pdbx_ls_sigma_I                          ? 
_refine.pdbx_ls_sigma_F                          0.0 
_refine.pdbx_data_cutoff_high_absF               764785.89 
_refine.pdbx_data_cutoff_low_absF                0.000000 
_refine.pdbx_data_cutoff_high_rms_absF           ? 
_refine.ls_d_res_low                             19.62 
_refine.ls_d_res_high                            1.40 
_refine.ls_percent_reflns_obs                    96.4 
_refine.ls_R_factor_obs                          0.209 
_refine.ls_R_factor_all                          ? 
_refine.ls_R_factor_R_work                       0.209 
_refine.ls_R_factor_R_free                       0.237 
_refine.ls_R_factor_R_free_error                 0.006 
_refine.ls_R_factor_R_free_error_details         ? 
_refine.ls_percent_reflns_R_free                 4.9 
_refine.ls_number_reflns_R_free                  1402 
_refine.ls_number_parameters                     ? 
_refine.ls_number_restraints                     ? 
_refine.occupancy_min                            ? 
_refine.occupancy_max                            ? 
_refine.correlation_coeff_Fo_to_Fc               ? 
_refine.correlation_coeff_Fo_to_Fc_free          ? 
_refine.B_iso_mean                               22.5 
_refine.aniso_B[1][1]                            -1.36 
_refine.aniso_B[2][2]                            -1.36 
_refine.aniso_B[3][3]                            2.73 
_refine.aniso_B[1][2]                            0.00 
_refine.aniso_B[1][3]                            0.00 
_refine.aniso_B[2][3]                            0.00 
_refine.solvent_model_details                    'FLAT MODEL' 
_refine.solvent_model_param_ksol                 0.387586 
_refine.solvent_model_param_bsol                 38.7082 
_refine.pdbx_solvent_vdw_probe_radii             ? 
_refine.pdbx_solvent_ion_probe_radii             ? 
_refine.pdbx_solvent_shrinkage_radii             ? 
_refine.pdbx_ls_cross_valid_method               THROUGHOUT 
_refine.details                                  ? 
_refine.pdbx_starting_model                      ? 
_refine.pdbx_method_to_determine_struct          OTHER 
_refine.pdbx_isotropic_thermal_model             RESTRAINED 
_refine.pdbx_stereochemistry_target_values       ? 
_refine.pdbx_stereochem_target_val_spec_case     ? 
_refine.pdbx_R_Free_selection_details            RANDOM 
_refine.pdbx_overall_ESU_R                       ? 
_refine.pdbx_overall_ESU_R_Free                  ? 
_refine.overall_SU_ML                            ? 
_refine.pdbx_overall_phase_error                 ? 
_refine.overall_SU_B                             ? 
_refine.overall_SU_R_Cruickshank_DPI             ? 
_refine.pdbx_overall_SU_R_free_Cruickshank_DPI   ? 
_refine.pdbx_overall_SU_R_Blow_DPI               ? 
_refine.pdbx_overall_SU_R_free_Blow_DPI          ? 
# 
_refine_analyze.pdbx_refine_id                  'X-RAY DIFFRACTION' 
_refine_analyze.entry_id                        1GP0 
_refine_analyze.Luzzati_coordinate_error_obs    0.16 
_refine_analyze.Luzzati_sigma_a_obs             0.04 
_refine_analyze.Luzzati_d_res_low_obs           5.00 
_refine_analyze.Luzzati_coordinate_error_free   0.18 
_refine_analyze.Luzzati_sigma_a_free            0.02 
_refine_analyze.Luzzati_d_res_low_free          ? 
_refine_analyze.number_disordered_residues      ? 
_refine_analyze.occupancy_sum_hydrogen          ? 
_refine_analyze.occupancy_sum_non_hydrogen      ? 
# 
_refine_hist.pdbx_refine_id                   'X-RAY DIFFRACTION' 
_refine_hist.cycle_id                         LAST 
_refine_hist.pdbx_number_atoms_protein        1006 
_refine_hist.pdbx_number_atoms_nucleic_acid   0 
_refine_hist.pdbx_number_atoms_ligand         5 
_refine_hist.number_atoms_solvent             179 
_refine_hist.number_atoms_total               1190 
_refine_hist.d_res_high                       1.40 
_refine_hist.d_res_low                        19.62 
# 
loop_
_refine_ls_restr.type 
_refine_ls_restr.dev_ideal 
_refine_ls_restr.dev_ideal_target 
_refine_ls_restr.weight 
_refine_ls_restr.number 
_refine_ls_restr.pdbx_refine_id 
_refine_ls_restr.pdbx_restraint_function 
c_bond_d                0.013 ?    ? ? 'X-RAY DIFFRACTION' ? 
c_bond_d_na             ?     ?    ? ? 'X-RAY DIFFRACTION' ? 
c_bond_d_prot           ?     ?    ? ? 'X-RAY DIFFRACTION' ? 
c_angle_d               ?     ?    ? ? 'X-RAY DIFFRACTION' ? 
c_angle_d_na            ?     ?    ? ? 'X-RAY DIFFRACTION' ? 
c_angle_d_prot          ?     ?    ? ? 'X-RAY DIFFRACTION' ? 
c_angle_deg             1.7   ?    ? ? 'X-RAY DIFFRACTION' ? 
c_angle_deg_na          ?     ?    ? ? 'X-RAY DIFFRACTION' ? 
c_angle_deg_prot        ?     ?    ? ? 'X-RAY DIFFRACTION' ? 
c_dihedral_angle_d      26.7  ?    ? ? 'X-RAY DIFFRACTION' ? 
c_dihedral_angle_d_na   ?     ?    ? ? 'X-RAY DIFFRACTION' ? 
c_dihedral_angle_d_prot ?     ?    ? ? 'X-RAY DIFFRACTION' ? 
c_improper_angle_d      1.21  ?    ? ? 'X-RAY DIFFRACTION' ? 
c_improper_angle_d_na   ?     ?    ? ? 'X-RAY DIFFRACTION' ? 
c_improper_angle_d_prot ?     ?    ? ? 'X-RAY DIFFRACTION' ? 
c_mcbond_it             2.73  1.50 ? ? 'X-RAY DIFFRACTION' ? 
c_mcangle_it            3.60  2.00 ? ? 'X-RAY DIFFRACTION' ? 
c_scbond_it             4.77  2.00 ? ? 'X-RAY DIFFRACTION' ? 
c_scangle_it            5.91  2.50 ? ? 'X-RAY DIFFRACTION' ? 
# 
_refine_ls_shell.pdbx_refine_id                   'X-RAY DIFFRACTION' 
_refine_ls_shell.pdbx_total_number_of_bins_used   6 
_refine_ls_shell.d_res_high                       1.40 
_refine_ls_shell.d_res_low                        1.49 
_refine_ls_shell.number_reflns_R_work             4227 
_refine_ls_shell.R_factor_R_work                  0.227 
_refine_ls_shell.percent_reflns_obs               91.7 
_refine_ls_shell.R_factor_R_free                  0.261 
_refine_ls_shell.R_factor_R_free_error            0.017 
_refine_ls_shell.percent_reflns_R_free            5.2 
_refine_ls_shell.number_reflns_R_free             230 
_refine_ls_shell.number_reflns_all                ? 
_refine_ls_shell.R_factor_all                     ? 
# 
loop_
_pdbx_xplor_file.pdbx_refine_id 
_pdbx_xplor_file.serial_no 
_pdbx_xplor_file.param_file 
_pdbx_xplor_file.topol_file 
'X-RAY DIFFRACTION' 1 PROTEIN_REP.PARAM PROTEIN.TOP 
'X-RAY DIFFRACTION' 2 WATER_REP.PARAM   ?           
'X-RAY DIFFRACTION' 3 ION.PARAM         ?           
# 
_struct.entry_id                  1GP0 
_struct.title                     'Human IGF2R domain 11' 
_struct.pdbx_model_details        ? 
_struct.pdbx_CASP_flag            ? 
_struct.pdbx_model_type_details   ? 
# 
_struct_keywords.entry_id        1GP0 
_struct_keywords.pdbx_keywords   RECEPTOR 
_struct_keywords.text            
'RECEPTOR, INSULIN-LIKE GROWTH FACTOR, CATION INDEPENDENT MANNOSE 6-PHOSPHATE, TRANSPORT, BETA BARREL' 
# 
loop_
_struct_asym.id 
_struct_asym.pdbx_blank_PDB_chainid_flag 
_struct_asym.pdbx_modified 
_struct_asym.entity_id 
_struct_asym.details 
A N N 1 ? 
B N N 2 ? 
C N N 3 ? 
# 
_struct_ref.id                         1 
_struct_ref.db_name                    UNP 
_struct_ref.db_code                    MPRI_HUMAN 
_struct_ref.entity_id                  1 
_struct_ref.pdbx_seq_one_letter_code   ? 
_struct_ref.pdbx_align_begin           ? 
_struct_ref.pdbx_db_accession          P11717 
_struct_ref.pdbx_db_isoform            ? 
# 
_struct_ref_seq.align_id                      1 
_struct_ref_seq.ref_id                        1 
_struct_ref_seq.pdbx_PDB_id_code              1GP0 
_struct_ref_seq.pdbx_strand_id                A 
_struct_ref_seq.seq_align_beg                 1 
_struct_ref_seq.pdbx_seq_align_beg_ins_code   ? 
_struct_ref_seq.seq_align_end                 143 
_struct_ref_seq.pdbx_seq_align_end_ins_code   ? 
_struct_ref_seq.pdbx_db_accession             P11717 
_struct_ref_seq.db_align_beg                  1508 
_struct_ref_seq.pdbx_db_align_beg_ins_code    ? 
_struct_ref_seq.db_align_end                  1650 
_struct_ref_seq.pdbx_db_align_end_ins_code    ? 
_struct_ref_seq.pdbx_auth_seq_align_beg       1508 
_struct_ref_seq.pdbx_auth_seq_align_end       1650 
# 
_pdbx_struct_assembly.id                   1 
_pdbx_struct_assembly.details              author_and_software_defined_assembly 
_pdbx_struct_assembly.method_details       PQS 
_pdbx_struct_assembly.oligomeric_details   monomeric 
_pdbx_struct_assembly.oligomeric_count     1 
# 
_pdbx_struct_assembly_gen.assembly_id       1 
_pdbx_struct_assembly_gen.oper_expression   1 
_pdbx_struct_assembly_gen.asym_id_list      A,B,C 
# 
_pdbx_struct_oper_list.id                   1 
_pdbx_struct_oper_list.type                 'identity operation' 
_pdbx_struct_oper_list.name                 1_555 
_pdbx_struct_oper_list.symmetry_operation   x,y,z 
_pdbx_struct_oper_list.matrix[1][1]         1.0000000000 
_pdbx_struct_oper_list.matrix[1][2]         0.0000000000 
_pdbx_struct_oper_list.matrix[1][3]         0.0000000000 
_pdbx_struct_oper_list.vector[1]            0.0000000000 
_pdbx_struct_oper_list.matrix[2][1]         0.0000000000 
_pdbx_struct_oper_list.matrix[2][2]         1.0000000000 
_pdbx_struct_oper_list.matrix[2][3]         0.0000000000 
_pdbx_struct_oper_list.vector[2]            0.0000000000 
_pdbx_struct_oper_list.matrix[3][1]         0.0000000000 
_pdbx_struct_oper_list.matrix[3][2]         0.0000000000 
_pdbx_struct_oper_list.matrix[3][3]         1.0000000000 
_pdbx_struct_oper_list.vector[3]            0.0000000000 
# 
loop_
_struct_conf.conf_type_id 
_struct_conf.id 
_struct_conf.pdbx_PDB_helix_id 
_struct_conf.beg_label_comp_id 
_struct_conf.beg_label_asym_id 
_struct_conf.beg_label_seq_id 
_struct_conf.pdbx_beg_PDB_ins_code 
_struct_conf.end_label_comp_id 
_struct_conf.end_label_asym_id 
_struct_conf.end_label_seq_id 
_struct_conf.pdbx_end_PDB_ins_code 
_struct_conf.beg_auth_comp_id 
_struct_conf.beg_auth_asym_id 
_struct_conf.beg_auth_seq_id 
_struct_conf.end_auth_comp_id 
_struct_conf.end_auth_asym_id 
_struct_conf.end_auth_seq_id 
_struct_conf.pdbx_PDB_helix_class 
_struct_conf.details 
_struct_conf.pdbx_PDB_helix_length 
HELX_P HELX_P1 1 SER A 23  ? LEU A 25  ? SER A 1530 LEU A 1532 5 ? 3 
HELX_P HELX_P2 2 PRO A 136 ? CYS A 139 ? PRO A 1643 CYS A 1646 5 ? 4 
# 
_struct_conf_type.id          HELX_P 
_struct_conf_type.criteria    ? 
_struct_conf_type.reference   ? 
# 
loop_
_struct_conn.id 
_struct_conn.conn_type_id 
_struct_conn.pdbx_leaving_atom_flag 
_struct_conn.pdbx_PDB_id 
_struct_conn.ptnr1_label_asym_id 
_struct_conn.ptnr1_label_comp_id 
_struct_conn.ptnr1_label_seq_id 
_struct_conn.ptnr1_label_atom_id 
_struct_conn.pdbx_ptnr1_label_alt_id 
_struct_conn.pdbx_ptnr1_PDB_ins_code 
_struct_conn.pdbx_ptnr1_standard_comp_id 
_struct_conn.ptnr1_symmetry 
_struct_conn.ptnr2_label_asym_id 
_struct_conn.ptnr2_label_comp_id 
_struct_conn.ptnr2_label_seq_id 
_struct_conn.ptnr2_label_atom_id 
_struct_conn.pdbx_ptnr2_label_alt_id 
_struct_conn.pdbx_ptnr2_PDB_ins_code 
_struct_conn.ptnr1_auth_asym_id 
_struct_conn.ptnr1_auth_comp_id 
_struct_conn.ptnr1_auth_seq_id 
_struct_conn.ptnr2_auth_asym_id 
_struct_conn.ptnr2_auth_comp_id 
_struct_conn.ptnr2_auth_seq_id 
_struct_conn.ptnr2_symmetry 
_struct_conn.pdbx_ptnr3_label_atom_id 
_struct_conn.pdbx_ptnr3_label_seq_id 
_struct_conn.pdbx_ptnr3_label_comp_id 
_struct_conn.pdbx_ptnr3_label_asym_id 
_struct_conn.pdbx_ptnr3_label_alt_id 
_struct_conn.pdbx_ptnr3_PDB_ins_code 
_struct_conn.details 
_struct_conn.pdbx_dist_value 
_struct_conn.pdbx_value_order 
_struct_conn.pdbx_role 
disulf1 disulf ? ? A CYS 9   SG ? ? ? 1_555 A CYS 46  SG ? ? A CYS 1516 A CYS 1553 1_555 ? ? ? ? ? ? ? 2.049 ? ? 
disulf2 disulf ? ? A CYS 52  SG ? ? ? 1_555 A CYS 59  SG ? ? A CYS 1559 A CYS 1566 1_555 ? ? ? ? ? ? ? 2.138 ? ? 
disulf3 disulf ? ? A CYS 91  SG ? ? ? 1_555 A CYS 127 SG ? ? A CYS 1598 A CYS 1634 1_555 ? ? ? ? ? ? ? 2.017 ? ? 
disulf4 disulf ? ? A CYS 107 SG ? ? ? 1_555 A CYS 139 SG ? ? A CYS 1614 A CYS 1646 1_555 ? ? ? ? ? ? ? 2.059 ? ? 
# 
_struct_conn_type.id          disulf 
_struct_conn_type.criteria    ? 
_struct_conn_type.reference   ? 
# 
loop_
_pdbx_modification_feature.ordinal 
_pdbx_modification_feature.label_comp_id 
_pdbx_modification_feature.label_asym_id 
_pdbx_modification_feature.label_seq_id 
_pdbx_modification_feature.label_alt_id 
_pdbx_modification_feature.modified_residue_label_comp_id 
_pdbx_modification_feature.modified_residue_label_asym_id 
_pdbx_modification_feature.modified_residue_label_seq_id 
_pdbx_modification_feature.modified_residue_label_alt_id 
_pdbx_modification_feature.auth_comp_id 
_pdbx_modification_feature.auth_asym_id 
_pdbx_modification_feature.auth_seq_id 
_pdbx_modification_feature.PDB_ins_code 
_pdbx_modification_feature.symmetry 
_pdbx_modification_feature.modified_residue_auth_comp_id 
_pdbx_modification_feature.modified_residue_auth_asym_id 
_pdbx_modification_feature.modified_residue_auth_seq_id 
_pdbx_modification_feature.modified_residue_PDB_ins_code 
_pdbx_modification_feature.modified_residue_symmetry 
_pdbx_modification_feature.comp_id_linking_atom 
_pdbx_modification_feature.modified_residue_id_linking_atom 
_pdbx_modification_feature.modified_residue_id 
_pdbx_modification_feature.ref_pcm_id 
_pdbx_modification_feature.ref_comp_id 
_pdbx_modification_feature.type 
_pdbx_modification_feature.category 
1 CYS A 9   ? CYS A 46  ? CYS A 1516 ? 1_555 CYS A 1553 ? 1_555 SG SG . . . None 'Disulfide bridge' 
2 CYS A 52  ? CYS A 59  ? CYS A 1559 ? 1_555 CYS A 1566 ? 1_555 SG SG . . . None 'Disulfide bridge' 
3 CYS A 91  ? CYS A 127 ? CYS A 1598 ? 1_555 CYS A 1634 ? 1_555 SG SG . . . None 'Disulfide bridge' 
4 CYS A 107 ? CYS A 139 ? CYS A 1614 ? 1_555 CYS A 1646 ? 1_555 SG SG . . . None 'Disulfide bridge' 
# 
loop_
_struct_sheet.id 
_struct_sheet.type 
_struct_sheet.number_strands 
_struct_sheet.details 
AA ? 2 ? 
AB ? 3 ? 
AC ? 5 ? 
# 
loop_
_struct_sheet_order.sheet_id 
_struct_sheet_order.range_id_1 
_struct_sheet_order.range_id_2 
_struct_sheet_order.offset 
_struct_sheet_order.sense 
AA 1 2 ? anti-parallel 
AB 1 2 ? anti-parallel 
AB 2 3 ? anti-parallel 
AC 1 2 ? anti-parallel 
AC 2 3 ? anti-parallel 
AC 3 4 ? parallel      
AC 4 5 ? anti-parallel 
# 
loop_
_struct_sheet_range.sheet_id 
_struct_sheet_range.id 
_struct_sheet_range.beg_label_comp_id 
_struct_sheet_range.beg_label_asym_id 
_struct_sheet_range.beg_label_seq_id 
_struct_sheet_range.pdbx_beg_PDB_ins_code 
_struct_sheet_range.end_label_comp_id 
_struct_sheet_range.end_label_asym_id 
_struct_sheet_range.end_label_seq_id 
_struct_sheet_range.pdbx_end_PDB_ins_code 
_struct_sheet_range.beg_auth_comp_id 
_struct_sheet_range.beg_auth_asym_id 
_struct_sheet_range.beg_auth_seq_id 
_struct_sheet_range.end_auth_comp_id 
_struct_sheet_range.end_auth_asym_id 
_struct_sheet_range.end_auth_seq_id 
AA 1 GLN A 10  ? THR A 12  ? GLN A 1517 THR A 1519 
AA 2 LEU A 19  ? ASP A 21  ? LEU A 1526 ASP A 1528 
AB 1 PHE A 31  ? TYR A 35  ? PHE A 1538 TYR A 1542 
AB 2 GLY A 39  ? MET A 43  ? GLY A 1546 MET A 1550 
AB 3 ALA A 58  ? PHE A 60  ? ALA A 1565 PHE A 1567 
AC 1 ARG A 75  ? VAL A 77  ? ARG A 1582 VAL A 1584 
AC 2 VAL A 80  ? TYR A 85  ? VAL A 1587 TYR A 1592 
AC 3 LYS A 100 ? CYS A 107 ? LYS A 1607 CYS A 1614 
AC 4 THR A 128 ? THR A 135 ? THR A 1635 THR A 1642 
AC 5 MET A 118 ? ASP A 123 ? MET A 1625 ASP A 1630 
# 
loop_
_pdbx_struct_sheet_hbond.sheet_id 
_pdbx_struct_sheet_hbond.range_id_1 
_pdbx_struct_sheet_hbond.range_id_2 
_pdbx_struct_sheet_hbond.range_1_label_atom_id 
_pdbx_struct_sheet_hbond.range_1_label_comp_id 
_pdbx_struct_sheet_hbond.range_1_label_asym_id 
_pdbx_struct_sheet_hbond.range_1_label_seq_id 
_pdbx_struct_sheet_hbond.range_1_PDB_ins_code 
_pdbx_struct_sheet_hbond.range_1_auth_atom_id 
_pdbx_struct_sheet_hbond.range_1_auth_comp_id 
_pdbx_struct_sheet_hbond.range_1_auth_asym_id 
_pdbx_struct_sheet_hbond.range_1_auth_seq_id 
_pdbx_struct_sheet_hbond.range_2_label_atom_id 
_pdbx_struct_sheet_hbond.range_2_label_comp_id 
_pdbx_struct_sheet_hbond.range_2_label_asym_id 
_pdbx_struct_sheet_hbond.range_2_label_seq_id 
_pdbx_struct_sheet_hbond.range_2_PDB_ins_code 
_pdbx_struct_sheet_hbond.range_2_auth_atom_id 
_pdbx_struct_sheet_hbond.range_2_auth_comp_id 
_pdbx_struct_sheet_hbond.range_2_auth_asym_id 
_pdbx_struct_sheet_hbond.range_2_auth_seq_id 
AA 1 2 N VAL A 11  ? N VAL A 1518 O PHE A 20  ? O PHE A 1527 
AB 1 2 N TYR A 35  ? N TYR A 1542 O GLY A 39  ? O GLY A 1546 
AB 2 3 N TYR A 42  ? N TYR A 1549 O CYS A 59  ? O CYS A 1566 
AC 1 2 N VAL A 77  ? N VAL A 1584 O VAL A 80  ? O VAL A 1587 
AC 2 3 N TYR A 85  ? N TYR A 1592 O SER A 101 ? O SER A 1608 
AC 3 4 N VAL A 102 ? N VAL A 1609 O LEU A 129 ? O LEU A 1636 
AC 4 5 N SER A 132 ? N SER A 1639 O MET A 118 ? O MET A 1625 
# 
_struct_site.id                   AC1 
_struct_site.pdbx_evidence_code   Software 
_struct_site.pdbx_auth_asym_id    ? 
_struct_site.pdbx_auth_comp_id    ? 
_struct_site.pdbx_auth_seq_id     ? 
_struct_site.pdbx_auth_ins_code   ? 
_struct_site.pdbx_num_residues    6 
_struct_site.details              'BINDING SITE FOR RESIDUE SO4 A3001' 
# 
loop_
_struct_site_gen.id 
_struct_site_gen.site_id 
_struct_site_gen.pdbx_num_res 
_struct_site_gen.label_comp_id 
_struct_site_gen.label_asym_id 
_struct_site_gen.label_seq_id 
_struct_site_gen.pdbx_auth_ins_code 
_struct_site_gen.auth_comp_id 
_struct_site_gen.auth_asym_id 
_struct_site_gen.auth_seq_id 
_struct_site_gen.label_atom_id 
_struct_site_gen.label_alt_id 
_struct_site_gen.symmetry 
_struct_site_gen.details 
1 AC1 6 ARG A 108 ? ARG A 1615 . ? 1_555 ? 
2 AC1 6 GLY A 112 ? GLY A 1619 . ? 1_555 ? 
3 AC1 6 PRO A 113 ? PRO A 1620 . ? 1_555 ? 
4 AC1 6 THR A 114 ? THR A 1621 . ? 1_555 ? 
5 AC1 6 ASN A 115 ? ASN A 1622 . ? 1_555 ? 
6 AC1 6 HOH C .   ? HOH A 2179 . ? 1_555 ? 
# 
_pdbx_entry_details.entry_id                   1GP0 
_pdbx_entry_details.compound_details           
;TRANSPORT OF PHOSPHORYLATED LYSOSOMAL ENZYMES FROM
 THE GOLGI COMPLEX AND THE CELL SURFACE TO LYSOSOMES. LYSOSOMAL
 ENZYMES BEARING PHOSPHOMANNOSYL RESIDUES BIND SPECIFICALLY TO
 MANNOSE-6-PHOSPHATE RECEPTORS IN THE GOLGI APPARATUS AND THE
 RESULTING RECEPTOR-LIGAND COMPLEX IS TRANSPORTED TO AN ACIDIC
 PRELYOSOMAL COMPARTMENT WHERE THE LOW PH MEDIATES THE DISSOCIATION
 OF THE COMPLEX. THIS RECEPTOR ALSO BINDS INSULIN GROWTH FACTOR II.
;
_pdbx_entry_details.source_details             ? 
_pdbx_entry_details.nonpolymer_details         ? 
_pdbx_entry_details.sequence_details           ? 
_pdbx_entry_details.has_ligand_of_interest     ? 
_pdbx_entry_details.has_protein_modification   Y 
# 
loop_
_pdbx_validate_symm_contact.id 
_pdbx_validate_symm_contact.PDB_model_num 
_pdbx_validate_symm_contact.auth_atom_id_1 
_pdbx_validate_symm_contact.auth_asym_id_1 
_pdbx_validate_symm_contact.auth_comp_id_1 
_pdbx_validate_symm_contact.auth_seq_id_1 
_pdbx_validate_symm_contact.PDB_ins_code_1 
_pdbx_validate_symm_contact.label_alt_id_1 
_pdbx_validate_symm_contact.site_symmetry_1 
_pdbx_validate_symm_contact.auth_atom_id_2 
_pdbx_validate_symm_contact.auth_asym_id_2 
_pdbx_validate_symm_contact.auth_comp_id_2 
_pdbx_validate_symm_contact.auth_seq_id_2 
_pdbx_validate_symm_contact.PDB_ins_code_2 
_pdbx_validate_symm_contact.label_alt_id_2 
_pdbx_validate_symm_contact.site_symmetry_2 
_pdbx_validate_symm_contact.dist 
1 1 O A HOH 2020 ? ? 1_555 O A HOH 2170 ? ? 6_455 2.01 
2 1 O A HOH 2022 ? ? 1_555 O A HOH 2041 ? ? 4_555 2.09 
# 
_pdbx_validate_rmsd_angle.id                         1 
_pdbx_validate_rmsd_angle.PDB_model_num              1 
_pdbx_validate_rmsd_angle.auth_atom_id_1             CG 
_pdbx_validate_rmsd_angle.auth_asym_id_1             A 
_pdbx_validate_rmsd_angle.auth_comp_id_1             MET 
_pdbx_validate_rmsd_angle.auth_seq_id_1              1550 
_pdbx_validate_rmsd_angle.PDB_ins_code_1             ? 
_pdbx_validate_rmsd_angle.label_alt_id_1             ? 
_pdbx_validate_rmsd_angle.auth_atom_id_2             SD 
_pdbx_validate_rmsd_angle.auth_asym_id_2             A 
_pdbx_validate_rmsd_angle.auth_comp_id_2             MET 
_pdbx_validate_rmsd_angle.auth_seq_id_2              1550 
_pdbx_validate_rmsd_angle.PDB_ins_code_2             ? 
_pdbx_validate_rmsd_angle.label_alt_id_2             ? 
_pdbx_validate_rmsd_angle.auth_atom_id_3             CE 
_pdbx_validate_rmsd_angle.auth_asym_id_3             A 
_pdbx_validate_rmsd_angle.auth_comp_id_3             MET 
_pdbx_validate_rmsd_angle.auth_seq_id_3              1550 
_pdbx_validate_rmsd_angle.PDB_ins_code_3             ? 
_pdbx_validate_rmsd_angle.label_alt_id_3             ? 
_pdbx_validate_rmsd_angle.angle_value                89.95 
_pdbx_validate_rmsd_angle.angle_target_value         100.20 
_pdbx_validate_rmsd_angle.angle_deviation            -10.25 
_pdbx_validate_rmsd_angle.angle_standard_deviation   1.60 
_pdbx_validate_rmsd_angle.linker_flag                N 
# 
_pdbx_validate_torsion.id              1 
_pdbx_validate_torsion.PDB_model_num   1 
_pdbx_validate_torsion.auth_comp_id    SER 
_pdbx_validate_torsion.auth_asym_id    A 
_pdbx_validate_torsion.auth_seq_id     1543 
_pdbx_validate_torsion.PDB_ins_code    ? 
_pdbx_validate_torsion.label_alt_id    ? 
_pdbx_validate_torsion.phi             56.45 
_pdbx_validate_torsion.psi             -153.29 
# 
loop_
_pdbx_distant_solvent_atoms.id 
_pdbx_distant_solvent_atoms.PDB_model_num 
_pdbx_distant_solvent_atoms.auth_atom_id 
_pdbx_distant_solvent_atoms.label_alt_id 
_pdbx_distant_solvent_atoms.auth_asym_id 
_pdbx_distant_solvent_atoms.auth_comp_id 
_pdbx_distant_solvent_atoms.auth_seq_id 
_pdbx_distant_solvent_atoms.PDB_ins_code 
_pdbx_distant_solvent_atoms.neighbor_macromolecule_distance 
_pdbx_distant_solvent_atoms.neighbor_ligand_distance 
1 1 O ? A HOH 2026 ? 6.19 . 
2 1 O ? A HOH 2029 ? 6.71 . 
3 1 O ? A HOH 2031 ? 7.00 . 
4 1 O ? A HOH 2033 ? 5.81 . 
# 
loop_
_pdbx_unobs_or_zero_occ_residues.id 
_pdbx_unobs_or_zero_occ_residues.PDB_model_num 
_pdbx_unobs_or_zero_occ_residues.polymer_flag 
_pdbx_unobs_or_zero_occ_residues.occupancy_flag 
_pdbx_unobs_or_zero_occ_residues.auth_asym_id 
_pdbx_unobs_or_zero_occ_residues.auth_comp_id 
_pdbx_unobs_or_zero_occ_residues.auth_seq_id 
_pdbx_unobs_or_zero_occ_residues.PDB_ins_code 
_pdbx_unobs_or_zero_occ_residues.label_asym_id 
_pdbx_unobs_or_zero_occ_residues.label_comp_id 
_pdbx_unobs_or_zero_occ_residues.label_seq_id 
1  1 Y 1 A MET 1508 ? A MET 1   
2  1 Y 1 A LYS 1509 ? A LYS 2   
3  1 Y 1 A SER 1510 ? A SER 3   
4  1 Y 1 A ASN 1511 ? A ASN 4   
5  1 Y 1 A GLU 1512 ? A GLU 5   
6  1 Y 1 A HIS 1513 ? A HIS 6   
7  1 Y 1 A ASP 1514 ? A ASP 7   
8  1 Y 1 A GLN 1648 ? A GLN 141 
9  1 Y 1 A ALA 1649 ? A ALA 142 
10 1 Y 1 A THR 1650 ? A THR 143 
# 
loop_
_chem_comp_atom.comp_id 
_chem_comp_atom.atom_id 
_chem_comp_atom.type_symbol 
_chem_comp_atom.pdbx_aromatic_flag 
_chem_comp_atom.pdbx_stereo_config 
_chem_comp_atom.pdbx_ordinal 
ALA N    N N N 1   
ALA CA   C N S 2   
ALA C    C N N 3   
ALA O    O N N 4   
ALA CB   C N N 5   
ALA OXT  O N N 6   
ALA H    H N N 7   
ALA H2   H N N 8   
ALA HA   H N N 9   
ALA HB1  H N N 10  
ALA HB2  H N N 11  
ALA HB3  H N N 12  
ALA HXT  H N N 13  
ARG N    N N N 14  
ARG CA   C N S 15  
ARG C    C N N 16  
ARG O    O N N 17  
ARG CB   C N N 18  
ARG CG   C N N 19  
ARG CD   C N N 20  
ARG NE   N N N 21  
ARG CZ   C N N 22  
ARG NH1  N N N 23  
ARG NH2  N N N 24  
ARG OXT  O N N 25  
ARG H    H N N 26  
ARG H2   H N N 27  
ARG HA   H N N 28  
ARG HB2  H N N 29  
ARG HB3  H N N 30  
ARG HG2  H N N 31  
ARG HG3  H N N 32  
ARG HD2  H N N 33  
ARG HD3  H N N 34  
ARG HE   H N N 35  
ARG HH11 H N N 36  
ARG HH12 H N N 37  
ARG HH21 H N N 38  
ARG HH22 H N N 39  
ARG HXT  H N N 40  
ASN N    N N N 41  
ASN CA   C N S 42  
ASN C    C N N 43  
ASN O    O N N 44  
ASN CB   C N N 45  
ASN CG   C N N 46  
ASN OD1  O N N 47  
ASN ND2  N N N 48  
ASN OXT  O N N 49  
ASN H    H N N 50  
ASN H2   H N N 51  
ASN HA   H N N 52  
ASN HB2  H N N 53  
ASN HB3  H N N 54  
ASN HD21 H N N 55  
ASN HD22 H N N 56  
ASN HXT  H N N 57  
ASP N    N N N 58  
ASP CA   C N S 59  
ASP C    C N N 60  
ASP O    O N N 61  
ASP CB   C N N 62  
ASP CG   C N N 63  
ASP OD1  O N N 64  
ASP OD2  O N N 65  
ASP OXT  O N N 66  
ASP H    H N N 67  
ASP H2   H N N 68  
ASP HA   H N N 69  
ASP HB2  H N N 70  
ASP HB3  H N N 71  
ASP HD2  H N N 72  
ASP HXT  H N N 73  
CYS N    N N N 74  
CYS CA   C N R 75  
CYS C    C N N 76  
CYS O    O N N 77  
CYS CB   C N N 78  
CYS SG   S N N 79  
CYS OXT  O N N 80  
CYS H    H N N 81  
CYS H2   H N N 82  
CYS HA   H N N 83  
CYS HB2  H N N 84  
CYS HB3  H N N 85  
CYS HG   H N N 86  
CYS HXT  H N N 87  
GLN N    N N N 88  
GLN CA   C N S 89  
GLN C    C N N 90  
GLN O    O N N 91  
GLN CB   C N N 92  
GLN CG   C N N 93  
GLN CD   C N N 94  
GLN OE1  O N N 95  
GLN NE2  N N N 96  
GLN OXT  O N N 97  
GLN H    H N N 98  
GLN H2   H N N 99  
GLN HA   H N N 100 
GLN HB2  H N N 101 
GLN HB3  H N N 102 
GLN HG2  H N N 103 
GLN HG3  H N N 104 
GLN HE21 H N N 105 
GLN HE22 H N N 106 
GLN HXT  H N N 107 
GLU N    N N N 108 
GLU CA   C N S 109 
GLU C    C N N 110 
GLU O    O N N 111 
GLU CB   C N N 112 
GLU CG   C N N 113 
GLU CD   C N N 114 
GLU OE1  O N N 115 
GLU OE2  O N N 116 
GLU OXT  O N N 117 
GLU H    H N N 118 
GLU H2   H N N 119 
GLU HA   H N N 120 
GLU HB2  H N N 121 
GLU HB3  H N N 122 
GLU HG2  H N N 123 
GLU HG3  H N N 124 
GLU HE2  H N N 125 
GLU HXT  H N N 126 
GLY N    N N N 127 
GLY CA   C N N 128 
GLY C    C N N 129 
GLY O    O N N 130 
GLY OXT  O N N 131 
GLY H    H N N 132 
GLY H2   H N N 133 
GLY HA2  H N N 134 
GLY HA3  H N N 135 
GLY HXT  H N N 136 
HIS N    N N N 137 
HIS CA   C N S 138 
HIS C    C N N 139 
HIS O    O N N 140 
HIS CB   C N N 141 
HIS CG   C Y N 142 
HIS ND1  N Y N 143 
HIS CD2  C Y N 144 
HIS CE1  C Y N 145 
HIS NE2  N Y N 146 
HIS OXT  O N N 147 
HIS H    H N N 148 
HIS H2   H N N 149 
HIS HA   H N N 150 
HIS HB2  H N N 151 
HIS HB3  H N N 152 
HIS HD1  H N N 153 
HIS HD2  H N N 154 
HIS HE1  H N N 155 
HIS HE2  H N N 156 
HIS HXT  H N N 157 
HOH O    O N N 158 
HOH H1   H N N 159 
HOH H2   H N N 160 
ILE N    N N N 161 
ILE CA   C N S 162 
ILE C    C N N 163 
ILE O    O N N 164 
ILE CB   C N S 165 
ILE CG1  C N N 166 
ILE CG2  C N N 167 
ILE CD1  C N N 168 
ILE OXT  O N N 169 
ILE H    H N N 170 
ILE H2   H N N 171 
ILE HA   H N N 172 
ILE HB   H N N 173 
ILE HG12 H N N 174 
ILE HG13 H N N 175 
ILE HG21 H N N 176 
ILE HG22 H N N 177 
ILE HG23 H N N 178 
ILE HD11 H N N 179 
ILE HD12 H N N 180 
ILE HD13 H N N 181 
ILE HXT  H N N 182 
LEU N    N N N 183 
LEU CA   C N S 184 
LEU C    C N N 185 
LEU O    O N N 186 
LEU CB   C N N 187 
LEU CG   C N N 188 
LEU CD1  C N N 189 
LEU CD2  C N N 190 
LEU OXT  O N N 191 
LEU H    H N N 192 
LEU H2   H N N 193 
LEU HA   H N N 194 
LEU HB2  H N N 195 
LEU HB3  H N N 196 
LEU HG   H N N 197 
LEU HD11 H N N 198 
LEU HD12 H N N 199 
LEU HD13 H N N 200 
LEU HD21 H N N 201 
LEU HD22 H N N 202 
LEU HD23 H N N 203 
LEU HXT  H N N 204 
LYS N    N N N 205 
LYS CA   C N S 206 
LYS C    C N N 207 
LYS O    O N N 208 
LYS CB   C N N 209 
LYS CG   C N N 210 
LYS CD   C N N 211 
LYS CE   C N N 212 
LYS NZ   N N N 213 
LYS OXT  O N N 214 
LYS H    H N N 215 
LYS H2   H N N 216 
LYS HA   H N N 217 
LYS HB2  H N N 218 
LYS HB3  H N N 219 
LYS HG2  H N N 220 
LYS HG3  H N N 221 
LYS HD2  H N N 222 
LYS HD3  H N N 223 
LYS HE2  H N N 224 
LYS HE3  H N N 225 
LYS HZ1  H N N 226 
LYS HZ2  H N N 227 
LYS HZ3  H N N 228 
LYS HXT  H N N 229 
MET N    N N N 230 
MET CA   C N S 231 
MET C    C N N 232 
MET O    O N N 233 
MET CB   C N N 234 
MET CG   C N N 235 
MET SD   S N N 236 
MET CE   C N N 237 
MET OXT  O N N 238 
MET H    H N N 239 
MET H2   H N N 240 
MET HA   H N N 241 
MET HB2  H N N 242 
MET HB3  H N N 243 
MET HG2  H N N 244 
MET HG3  H N N 245 
MET HE1  H N N 246 
MET HE2  H N N 247 
MET HE3  H N N 248 
MET HXT  H N N 249 
PHE N    N N N 250 
PHE CA   C N S 251 
PHE C    C N N 252 
PHE O    O N N 253 
PHE CB   C N N 254 
PHE CG   C Y N 255 
PHE CD1  C Y N 256 
PHE CD2  C Y N 257 
PHE CE1  C Y N 258 
PHE CE2  C Y N 259 
PHE CZ   C Y N 260 
PHE OXT  O N N 261 
PHE H    H N N 262 
PHE H2   H N N 263 
PHE HA   H N N 264 
PHE HB2  H N N 265 
PHE HB3  H N N 266 
PHE HD1  H N N 267 
PHE HD2  H N N 268 
PHE HE1  H N N 269 
PHE HE2  H N N 270 
PHE HZ   H N N 271 
PHE HXT  H N N 272 
PRO N    N N N 273 
PRO CA   C N S 274 
PRO C    C N N 275 
PRO O    O N N 276 
PRO CB   C N N 277 
PRO CG   C N N 278 
PRO CD   C N N 279 
PRO OXT  O N N 280 
PRO H    H N N 281 
PRO HA   H N N 282 
PRO HB2  H N N 283 
PRO HB3  H N N 284 
PRO HG2  H N N 285 
PRO HG3  H N N 286 
PRO HD2  H N N 287 
PRO HD3  H N N 288 
PRO HXT  H N N 289 
SER N    N N N 290 
SER CA   C N S 291 
SER C    C N N 292 
SER O    O N N 293 
SER CB   C N N 294 
SER OG   O N N 295 
SER OXT  O N N 296 
SER H    H N N 297 
SER H2   H N N 298 
SER HA   H N N 299 
SER HB2  H N N 300 
SER HB3  H N N 301 
SER HG   H N N 302 
SER HXT  H N N 303 
SO4 S    S N N 304 
SO4 O1   O N N 305 
SO4 O2   O N N 306 
SO4 O3   O N N 307 
SO4 O4   O N N 308 
THR N    N N N 309 
THR CA   C N S 310 
THR C    C N N 311 
THR O    O N N 312 
THR CB   C N R 313 
THR OG1  O N N 314 
THR CG2  C N N 315 
THR OXT  O N N 316 
THR H    H N N 317 
THR H2   H N N 318 
THR HA   H N N 319 
THR HB   H N N 320 
THR HG1  H N N 321 
THR HG21 H N N 322 
THR HG22 H N N 323 
THR HG23 H N N 324 
THR HXT  H N N 325 
TRP N    N N N 326 
TRP CA   C N S 327 
TRP C    C N N 328 
TRP O    O N N 329 
TRP CB   C N N 330 
TRP CG   C Y N 331 
TRP CD1  C Y N 332 
TRP CD2  C Y N 333 
TRP NE1  N Y N 334 
TRP CE2  C Y N 335 
TRP CE3  C Y N 336 
TRP CZ2  C Y N 337 
TRP CZ3  C Y N 338 
TRP CH2  C Y N 339 
TRP OXT  O N N 340 
TRP H    H N N 341 
TRP H2   H N N 342 
TRP HA   H N N 343 
TRP HB2  H N N 344 
TRP HB3  H N N 345 
TRP HD1  H N N 346 
TRP HE1  H N N 347 
TRP HE3  H N N 348 
TRP HZ2  H N N 349 
TRP HZ3  H N N 350 
TRP HH2  H N N 351 
TRP HXT  H N N 352 
TYR N    N N N 353 
TYR CA   C N S 354 
TYR C    C N N 355 
TYR O    O N N 356 
TYR CB   C N N 357 
TYR CG   C Y N 358 
TYR CD1  C Y N 359 
TYR CD2  C Y N 360 
TYR CE1  C Y N 361 
TYR CE2  C Y N 362 
TYR CZ   C Y N 363 
TYR OH   O N N 364 
TYR OXT  O N N 365 
TYR H    H N N 366 
TYR H2   H N N 367 
TYR HA   H N N 368 
TYR HB2  H N N 369 
TYR HB3  H N N 370 
TYR HD1  H N N 371 
TYR HD2  H N N 372 
TYR HE1  H N N 373 
TYR HE2  H N N 374 
TYR HH   H N N 375 
TYR HXT  H N N 376 
VAL N    N N N 377 
VAL CA   C N S 378 
VAL C    C N N 379 
VAL O    O N N 380 
VAL CB   C N N 381 
VAL CG1  C N N 382 
VAL CG2  C N N 383 
VAL OXT  O N N 384 
VAL H    H N N 385 
VAL H2   H N N 386 
VAL HA   H N N 387 
VAL HB   H N N 388 
VAL HG11 H N N 389 
VAL HG12 H N N 390 
VAL HG13 H N N 391 
VAL HG21 H N N 392 
VAL HG22 H N N 393 
VAL HG23 H N N 394 
VAL HXT  H N N 395 
# 
loop_
_chem_comp_bond.comp_id 
_chem_comp_bond.atom_id_1 
_chem_comp_bond.atom_id_2 
_chem_comp_bond.value_order 
_chem_comp_bond.pdbx_aromatic_flag 
_chem_comp_bond.pdbx_stereo_config 
_chem_comp_bond.pdbx_ordinal 
ALA N   CA   sing N N 1   
ALA N   H    sing N N 2   
ALA N   H2   sing N N 3   
ALA CA  C    sing N N 4   
ALA CA  CB   sing N N 5   
ALA CA  HA   sing N N 6   
ALA C   O    doub N N 7   
ALA C   OXT  sing N N 8   
ALA CB  HB1  sing N N 9   
ALA CB  HB2  sing N N 10  
ALA CB  HB3  sing N N 11  
ALA OXT HXT  sing N N 12  
ARG N   CA   sing N N 13  
ARG N   H    sing N N 14  
ARG N   H2   sing N N 15  
ARG CA  C    sing N N 16  
ARG CA  CB   sing N N 17  
ARG CA  HA   sing N N 18  
ARG C   O    doub N N 19  
ARG C   OXT  sing N N 20  
ARG CB  CG   sing N N 21  
ARG CB  HB2  sing N N 22  
ARG CB  HB3  sing N N 23  
ARG CG  CD   sing N N 24  
ARG CG  HG2  sing N N 25  
ARG CG  HG3  sing N N 26  
ARG CD  NE   sing N N 27  
ARG CD  HD2  sing N N 28  
ARG CD  HD3  sing N N 29  
ARG NE  CZ   sing N N 30  
ARG NE  HE   sing N N 31  
ARG CZ  NH1  sing N N 32  
ARG CZ  NH2  doub N N 33  
ARG NH1 HH11 sing N N 34  
ARG NH1 HH12 sing N N 35  
ARG NH2 HH21 sing N N 36  
ARG NH2 HH22 sing N N 37  
ARG OXT HXT  sing N N 38  
ASN N   CA   sing N N 39  
ASN N   H    sing N N 40  
ASN N   H2   sing N N 41  
ASN CA  C    sing N N 42  
ASN CA  CB   sing N N 43  
ASN CA  HA   sing N N 44  
ASN C   O    doub N N 45  
ASN C   OXT  sing N N 46  
ASN CB  CG   sing N N 47  
ASN CB  HB2  sing N N 48  
ASN CB  HB3  sing N N 49  
ASN CG  OD1  doub N N 50  
ASN CG  ND2  sing N N 51  
ASN ND2 HD21 sing N N 52  
ASN ND2 HD22 sing N N 53  
ASN OXT HXT  sing N N 54  
ASP N   CA   sing N N 55  
ASP N   H    sing N N 56  
ASP N   H2   sing N N 57  
ASP CA  C    sing N N 58  
ASP CA  CB   sing N N 59  
ASP CA  HA   sing N N 60  
ASP C   O    doub N N 61  
ASP C   OXT  sing N N 62  
ASP CB  CG   sing N N 63  
ASP CB  HB2  sing N N 64  
ASP CB  HB3  sing N N 65  
ASP CG  OD1  doub N N 66  
ASP CG  OD2  sing N N 67  
ASP OD2 HD2  sing N N 68  
ASP OXT HXT  sing N N 69  
CYS N   CA   sing N N 70  
CYS N   H    sing N N 71  
CYS N   H2   sing N N 72  
CYS CA  C    sing N N 73  
CYS CA  CB   sing N N 74  
CYS CA  HA   sing N N 75  
CYS C   O    doub N N 76  
CYS C   OXT  sing N N 77  
CYS CB  SG   sing N N 78  
CYS CB  HB2  sing N N 79  
CYS CB  HB3  sing N N 80  
CYS SG  HG   sing N N 81  
CYS OXT HXT  sing N N 82  
GLN N   CA   sing N N 83  
GLN N   H    sing N N 84  
GLN N   H2   sing N N 85  
GLN CA  C    sing N N 86  
GLN CA  CB   sing N N 87  
GLN CA  HA   sing N N 88  
GLN C   O    doub N N 89  
GLN C   OXT  sing N N 90  
GLN CB  CG   sing N N 91  
GLN CB  HB2  sing N N 92  
GLN CB  HB3  sing N N 93  
GLN CG  CD   sing N N 94  
GLN CG  HG2  sing N N 95  
GLN CG  HG3  sing N N 96  
GLN CD  OE1  doub N N 97  
GLN CD  NE2  sing N N 98  
GLN NE2 HE21 sing N N 99  
GLN NE2 HE22 sing N N 100 
GLN OXT HXT  sing N N 101 
GLU N   CA   sing N N 102 
GLU N   H    sing N N 103 
GLU N   H2   sing N N 104 
GLU CA  C    sing N N 105 
GLU CA  CB   sing N N 106 
GLU CA  HA   sing N N 107 
GLU C   O    doub N N 108 
GLU C   OXT  sing N N 109 
GLU CB  CG   sing N N 110 
GLU CB  HB2  sing N N 111 
GLU CB  HB3  sing N N 112 
GLU CG  CD   sing N N 113 
GLU CG  HG2  sing N N 114 
GLU CG  HG3  sing N N 115 
GLU CD  OE1  doub N N 116 
GLU CD  OE2  sing N N 117 
GLU OE2 HE2  sing N N 118 
GLU OXT HXT  sing N N 119 
GLY N   CA   sing N N 120 
GLY N   H    sing N N 121 
GLY N   H2   sing N N 122 
GLY CA  C    sing N N 123 
GLY CA  HA2  sing N N 124 
GLY CA  HA3  sing N N 125 
GLY C   O    doub N N 126 
GLY C   OXT  sing N N 127 
GLY OXT HXT  sing N N 128 
HIS N   CA   sing N N 129 
HIS N   H    sing N N 130 
HIS N   H2   sing N N 131 
HIS CA  C    sing N N 132 
HIS CA  CB   sing N N 133 
HIS CA  HA   sing N N 134 
HIS C   O    doub N N 135 
HIS C   OXT  sing N N 136 
HIS CB  CG   sing N N 137 
HIS CB  HB2  sing N N 138 
HIS CB  HB3  sing N N 139 
HIS CG  ND1  sing Y N 140 
HIS CG  CD2  doub Y N 141 
HIS ND1 CE1  doub Y N 142 
HIS ND1 HD1  sing N N 143 
HIS CD2 NE2  sing Y N 144 
HIS CD2 HD2  sing N N 145 
HIS CE1 NE2  sing Y N 146 
HIS CE1 HE1  sing N N 147 
HIS NE2 HE2  sing N N 148 
HIS OXT HXT  sing N N 149 
HOH O   H1   sing N N 150 
HOH O   H2   sing N N 151 
ILE N   CA   sing N N 152 
ILE N   H    sing N N 153 
ILE N   H2   sing N N 154 
ILE CA  C    sing N N 155 
ILE CA  CB   sing N N 156 
ILE CA  HA   sing N N 157 
ILE C   O    doub N N 158 
ILE C   OXT  sing N N 159 
ILE CB  CG1  sing N N 160 
ILE CB  CG2  sing N N 161 
ILE CB  HB   sing N N 162 
ILE CG1 CD1  sing N N 163 
ILE CG1 HG12 sing N N 164 
ILE CG1 HG13 sing N N 165 
ILE CG2 HG21 sing N N 166 
ILE CG2 HG22 sing N N 167 
ILE CG2 HG23 sing N N 168 
ILE CD1 HD11 sing N N 169 
ILE CD1 HD12 sing N N 170 
ILE CD1 HD13 sing N N 171 
ILE OXT HXT  sing N N 172 
LEU N   CA   sing N N 173 
LEU N   H    sing N N 174 
LEU N   H2   sing N N 175 
LEU CA  C    sing N N 176 
LEU CA  CB   sing N N 177 
LEU CA  HA   sing N N 178 
LEU C   O    doub N N 179 
LEU C   OXT  sing N N 180 
LEU CB  CG   sing N N 181 
LEU CB  HB2  sing N N 182 
LEU CB  HB3  sing N N 183 
LEU CG  CD1  sing N N 184 
LEU CG  CD2  sing N N 185 
LEU CG  HG   sing N N 186 
LEU CD1 HD11 sing N N 187 
LEU CD1 HD12 sing N N 188 
LEU CD1 HD13 sing N N 189 
LEU CD2 HD21 sing N N 190 
LEU CD2 HD22 sing N N 191 
LEU CD2 HD23 sing N N 192 
LEU OXT HXT  sing N N 193 
LYS N   CA   sing N N 194 
LYS N   H    sing N N 195 
LYS N   H2   sing N N 196 
LYS CA  C    sing N N 197 
LYS CA  CB   sing N N 198 
LYS CA  HA   sing N N 199 
LYS C   O    doub N N 200 
LYS C   OXT  sing N N 201 
LYS CB  CG   sing N N 202 
LYS CB  HB2  sing N N 203 
LYS CB  HB3  sing N N 204 
LYS CG  CD   sing N N 205 
LYS CG  HG2  sing N N 206 
LYS CG  HG3  sing N N 207 
LYS CD  CE   sing N N 208 
LYS CD  HD2  sing N N 209 
LYS CD  HD3  sing N N 210 
LYS CE  NZ   sing N N 211 
LYS CE  HE2  sing N N 212 
LYS CE  HE3  sing N N 213 
LYS NZ  HZ1  sing N N 214 
LYS NZ  HZ2  sing N N 215 
LYS NZ  HZ3  sing N N 216 
LYS OXT HXT  sing N N 217 
MET N   CA   sing N N 218 
MET N   H    sing N N 219 
MET N   H2   sing N N 220 
MET CA  C    sing N N 221 
MET CA  CB   sing N N 222 
MET CA  HA   sing N N 223 
MET C   O    doub N N 224 
MET C   OXT  sing N N 225 
MET CB  CG   sing N N 226 
MET CB  HB2  sing N N 227 
MET CB  HB3  sing N N 228 
MET CG  SD   sing N N 229 
MET CG  HG2  sing N N 230 
MET CG  HG3  sing N N 231 
MET SD  CE   sing N N 232 
MET CE  HE1  sing N N 233 
MET CE  HE2  sing N N 234 
MET CE  HE3  sing N N 235 
MET OXT HXT  sing N N 236 
PHE N   CA   sing N N 237 
PHE N   H    sing N N 238 
PHE N   H2   sing N N 239 
PHE CA  C    sing N N 240 
PHE CA  CB   sing N N 241 
PHE CA  HA   sing N N 242 
PHE C   O    doub N N 243 
PHE C   OXT  sing N N 244 
PHE CB  CG   sing N N 245 
PHE CB  HB2  sing N N 246 
PHE CB  HB3  sing N N 247 
PHE CG  CD1  doub Y N 248 
PHE CG  CD2  sing Y N 249 
PHE CD1 CE1  sing Y N 250 
PHE CD1 HD1  sing N N 251 
PHE CD2 CE2  doub Y N 252 
PHE CD2 HD2  sing N N 253 
PHE CE1 CZ   doub Y N 254 
PHE CE1 HE1  sing N N 255 
PHE CE2 CZ   sing Y N 256 
PHE CE2 HE2  sing N N 257 
PHE CZ  HZ   sing N N 258 
PHE OXT HXT  sing N N 259 
PRO N   CA   sing N N 260 
PRO N   CD   sing N N 261 
PRO N   H    sing N N 262 
PRO CA  C    sing N N 263 
PRO CA  CB   sing N N 264 
PRO CA  HA   sing N N 265 
PRO C   O    doub N N 266 
PRO C   OXT  sing N N 267 
PRO CB  CG   sing N N 268 
PRO CB  HB2  sing N N 269 
PRO CB  HB3  sing N N 270 
PRO CG  CD   sing N N 271 
PRO CG  HG2  sing N N 272 
PRO CG  HG3  sing N N 273 
PRO CD  HD2  sing N N 274 
PRO CD  HD3  sing N N 275 
PRO OXT HXT  sing N N 276 
SER N   CA   sing N N 277 
SER N   H    sing N N 278 
SER N   H2   sing N N 279 
SER CA  C    sing N N 280 
SER CA  CB   sing N N 281 
SER CA  HA   sing N N 282 
SER C   O    doub N N 283 
SER C   OXT  sing N N 284 
SER CB  OG   sing N N 285 
SER CB  HB2  sing N N 286 
SER CB  HB3  sing N N 287 
SER OG  HG   sing N N 288 
SER OXT HXT  sing N N 289 
SO4 S   O1   doub N N 290 
SO4 S   O2   doub N N 291 
SO4 S   O3   sing N N 292 
SO4 S   O4   sing N N 293 
THR N   CA   sing N N 294 
THR N   H    sing N N 295 
THR N   H2   sing N N 296 
THR CA  C    sing N N 297 
THR CA  CB   sing N N 298 
THR CA  HA   sing N N 299 
THR C   O    doub N N 300 
THR C   OXT  sing N N 301 
THR CB  OG1  sing N N 302 
THR CB  CG2  sing N N 303 
THR CB  HB   sing N N 304 
THR OG1 HG1  sing N N 305 
THR CG2 HG21 sing N N 306 
THR CG2 HG22 sing N N 307 
THR CG2 HG23 sing N N 308 
THR OXT HXT  sing N N 309 
TRP N   CA   sing N N 310 
TRP N   H    sing N N 311 
TRP N   H2   sing N N 312 
TRP CA  C    sing N N 313 
TRP CA  CB   sing N N 314 
TRP CA  HA   sing N N 315 
TRP C   O    doub N N 316 
TRP C   OXT  sing N N 317 
TRP CB  CG   sing N N 318 
TRP CB  HB2  sing N N 319 
TRP CB  HB3  sing N N 320 
TRP CG  CD1  doub Y N 321 
TRP CG  CD2  sing Y N 322 
TRP CD1 NE1  sing Y N 323 
TRP CD1 HD1  sing N N 324 
TRP CD2 CE2  doub Y N 325 
TRP CD2 CE3  sing Y N 326 
TRP NE1 CE2  sing Y N 327 
TRP NE1 HE1  sing N N 328 
TRP CE2 CZ2  sing Y N 329 
TRP CE3 CZ3  doub Y N 330 
TRP CE3 HE3  sing N N 331 
TRP CZ2 CH2  doub Y N 332 
TRP CZ2 HZ2  sing N N 333 
TRP CZ3 CH2  sing Y N 334 
TRP CZ3 HZ3  sing N N 335 
TRP CH2 HH2  sing N N 336 
TRP OXT HXT  sing N N 337 
TYR N   CA   sing N N 338 
TYR N   H    sing N N 339 
TYR N   H2   sing N N 340 
TYR CA  C    sing N N 341 
TYR CA  CB   sing N N 342 
TYR CA  HA   sing N N 343 
TYR C   O    doub N N 344 
TYR C   OXT  sing N N 345 
TYR CB  CG   sing N N 346 
TYR CB  HB2  sing N N 347 
TYR CB  HB3  sing N N 348 
TYR CG  CD1  doub Y N 349 
TYR CG  CD2  sing Y N 350 
TYR CD1 CE1  sing Y N 351 
TYR CD1 HD1  sing N N 352 
TYR CD2 CE2  doub Y N 353 
TYR CD2 HD2  sing N N 354 
TYR CE1 CZ   doub Y N 355 
TYR CE1 HE1  sing N N 356 
TYR CE2 CZ   sing Y N 357 
TYR CE2 HE2  sing N N 358 
TYR CZ  OH   sing N N 359 
TYR OH  HH   sing N N 360 
TYR OXT HXT  sing N N 361 
VAL N   CA   sing N N 362 
VAL N   H    sing N N 363 
VAL N   H2   sing N N 364 
VAL CA  C    sing N N 365 
VAL CA  CB   sing N N 366 
VAL CA  HA   sing N N 367 
VAL C   O    doub N N 368 
VAL C   OXT  sing N N 369 
VAL CB  CG1  sing N N 370 
VAL CB  CG2  sing N N 371 
VAL CB  HB   sing N N 372 
VAL CG1 HG11 sing N N 373 
VAL CG1 HG12 sing N N 374 
VAL CG1 HG13 sing N N 375 
VAL CG2 HG21 sing N N 376 
VAL CG2 HG22 sing N N 377 
VAL CG2 HG23 sing N N 378 
VAL OXT HXT  sing N N 379 
# 
_atom_sites.entry_id                    1GP0 
_atom_sites.fract_transf_matrix[1][1]   0.00698017 
_atom_sites.fract_transf_matrix[1][2]   -0.01888576 
_atom_sites.fract_transf_matrix[1][3]   0.00207446 
_atom_sites.fract_transf_matrix[2][1]   -0.01255382 
_atom_sites.fract_transf_matrix[2][2]   -0.00292572 
_atom_sites.fract_transf_matrix[2][3]   0.01560576 
_atom_sites.fract_transf_matrix[3][1]   -0.00594368 
_atom_sites.fract_transf_matrix[3][2]   -0.00277920 
_atom_sites.fract_transf_matrix[3][3]   -0.00530234 
_atom_sites.fract_transf_vector[1]      0.000063 
_atom_sites.fract_transf_vector[2]      0.112544 
_atom_sites.fract_transf_vector[3]      0.145952 
# 
loop_
_atom_type.symbol 
C 
N 
O 
S 
# 
loop_
_atom_site.group_PDB 
_atom_site.id 
_atom_site.type_symbol 
_atom_site.label_atom_id 
_atom_site.label_alt_id 
_atom_site.label_comp_id 
_atom_site.label_asym_id 
_atom_site.label_entity_id 
_atom_site.label_seq_id 
_atom_site.pdbx_PDB_ins_code 
_atom_site.Cartn_x 
_atom_site.Cartn_y 
_atom_site.Cartn_z 
_atom_site.occupancy 
_atom_site.B_iso_or_equiv 
_atom_site.pdbx_formal_charge 
_atom_site.auth_seq_id 
_atom_site.auth_comp_id 
_atom_site.auth_asym_id 
_atom_site.auth_atom_id 
_atom_site.pdbx_PDB_model_num 
ATOM   1    N N   . ASP A 1 8   ? 9.640   2.975   -11.960 1.00 47.53 ? 1515 ASP A N   1 
ATOM   2    C CA  . ASP A 1 8   ? 8.275   3.003   -12.566 1.00 41.53 ? 1515 ASP A CA  1 
ATOM   3    C C   . ASP A 1 8   ? 7.416   1.810   -12.147 1.00 37.04 ? 1515 ASP A C   1 
ATOM   4    O O   . ASP A 1 8   ? 6.816   1.116   -12.980 1.00 39.13 ? 1515 ASP A O   1 
ATOM   5    C CB  . ASP A 1 8   ? 8.365   3.063   -14.086 1.00 34.88 ? 1515 ASP A CB  1 
ATOM   6    C CG  . ASP A 1 8   ? 9.279   2.010   -14.656 1.00 41.88 ? 1515 ASP A CG  1 
ATOM   7    O OD1 . ASP A 1 8   ? 9.247   1.802   -15.890 1.00 53.51 ? 1515 ASP A OD1 1 
ATOM   8    O OD2 . ASP A 1 8   ? 10.041  1.396   -13.876 1.00 52.62 ? 1515 ASP A OD2 1 
ATOM   9    N N   . CYS A 1 9   ? 7.367   1.585   -10.843 1.00 39.07 ? 1516 CYS A N   1 
ATOM   10   C CA  . CYS A 1 9   ? 6.569   0.524   -10.260 1.00 28.62 ? 1516 CYS A CA  1 
ATOM   11   C C   . CYS A 1 9   ? 6.909   -0.882  -10.747 1.00 19.77 ? 1516 CYS A C   1 
ATOM   12   O O   . CYS A 1 9   ? 6.040   -1.716  -10.995 1.00 20.24 ? 1516 CYS A O   1 
ATOM   13   C CB  . CYS A 1 9   ? 5.100   0.829   -10.491 1.00 26.69 ? 1516 CYS A CB  1 
ATOM   14   S SG  . CYS A 1 9   ? 4.057   0.410   -9.066  1.00 23.86 ? 1516 CYS A SG  1 
ATOM   15   N N   . GLN A 1 10  ? 8.204   -1.126  -10.892 1.00 24.89 ? 1517 GLN A N   1 
ATOM   16   C CA  . GLN A 1 10  ? 8.663   -2.454  -11.287 1.00 30.03 ? 1517 GLN A CA  1 
ATOM   17   C C   . GLN A 1 10  ? 9.883   -2.860  -10.463 1.00 21.96 ? 1517 GLN A C   1 
ATOM   18   O O   . GLN A 1 10  ? 10.594  -2.015  -9.928  1.00 25.02 ? 1517 GLN A O   1 
ATOM   19   C CB  . GLN A 1 10  ? 8.984   -2.507  -12.783 1.00 25.13 ? 1517 GLN A CB  1 
ATOM   20   C CG  . GLN A 1 10  ? 9.737   -1.332  -13.325 1.00 44.00 ? 1517 GLN A CG  1 
ATOM   21   C CD  . GLN A 1 10  ? 10.029  -1.487  -14.806 1.00 36.67 ? 1517 GLN A CD  1 
ATOM   22   O OE1 . GLN A 1 10  ? 9.129   -1.750  -15.608 1.00 46.33 ? 1517 GLN A OE1 1 
ATOM   23   N NE2 . GLN A 1 10  ? 11.294  -1.331  -15.175 1.00 51.10 ? 1517 GLN A NE2 1 
ATOM   24   N N   . VAL A 1 11  ? 10.089  -4.163  -10.304 1.00 20.30 ? 1518 VAL A N   1 
ATOM   25   C CA  . VAL A 1 11  ? 11.243  -4.655  -9.569  1.00 21.01 ? 1518 VAL A CA  1 
ATOM   26   C C   . VAL A 1 11  ? 11.578  -6.036  -10.125 1.00 20.15 ? 1518 VAL A C   1 
ATOM   27   O O   . VAL A 1 11  ? 10.713  -6.745  -10.646 1.00 19.47 ? 1518 VAL A O   1 
ATOM   28   C CB  . VAL A 1 11  ? 10.957  -4.728  -8.031  1.00 19.76 ? 1518 VAL A CB  1 
ATOM   29   C CG1 . VAL A 1 11  ? 9.967   -5.845  -7.722  1.00 18.45 ? 1518 VAL A CG1 1 
ATOM   30   C CG2 . VAL A 1 11  ? 12.275  -4.937  -7.266  1.00 22.42 ? 1518 VAL A CG2 1 
ATOM   31   N N   . THR A 1 12  ? 12.842  -6.429  -9.996  1.00 26.86 ? 1519 THR A N   1 
ATOM   32   C CA  . THR A 1 12  ? 13.249  -7.729  -10.496 1.00 29.10 ? 1519 THR A CA  1 
ATOM   33   C C   . THR A 1 12  ? 13.633  -8.684  -9.386  1.00 21.19 ? 1519 THR A C   1 
ATOM   34   O O   . THR A 1 12  ? 14.130  -8.261  -8.347  1.00 30.85 ? 1519 THR A O   1 
ATOM   35   C CB  . THR A 1 12  ? 14.467  -7.608  -11.422 1.00 34.08 ? 1519 THR A CB  1 
ATOM   36   O OG1 . THR A 1 12  ? 15.554  -7.011  -10.700 1.00 41.61 ? 1519 THR A OG1 1 
ATOM   37   C CG2 . THR A 1 12  ? 14.142  -6.753  -12.609 1.00 25.64 ? 1519 THR A CG2 1 
ATOM   38   N N   . ASN A 1 13  ? 13.368  -9.966  -9.602  1.00 23.86 ? 1520 ASN A N   1 
ATOM   39   C CA  . ASN A 1 13  ? 13.784  -10.983 -8.643  1.00 27.67 ? 1520 ASN A CA  1 
ATOM   40   C C   . ASN A 1 13  ? 15.277  -11.086 -8.985  1.00 34.70 ? 1520 ASN A C   1 
ATOM   41   O O   . ASN A 1 13  ? 15.632  -11.467 -10.101 1.00 29.61 ? 1520 ASN A O   1 
ATOM   42   C CB  . ASN A 1 13  ? 13.088  -12.310 -8.930  1.00 22.79 ? 1520 ASN A CB  1 
ATOM   43   C CG  . ASN A 1 13  ? 13.628  -13.450 -8.070  1.00 27.90 ? 1520 ASN A CG  1 
ATOM   44   O OD1 . ASN A 1 13  ? 14.678  -13.324 -7.444  1.00 32.33 ? 1520 ASN A OD1 1 
ATOM   45   N ND2 . ASN A 1 13  ? 12.907  -14.565 -8.042  1.00 32.92 ? 1520 ASN A ND2 1 
ATOM   46   N N   . PRO A 1 14  ? 16.159  -10.739 -8.036  1.00 28.75 ? 1521 PRO A N   1 
ATOM   47   C CA  . PRO A 1 14  ? 17.617  -10.765 -8.212  1.00 38.00 ? 1521 PRO A CA  1 
ATOM   48   C C   . PRO A 1 14  ? 18.223  -12.094 -8.653  1.00 37.75 ? 1521 PRO A C   1 
ATOM   49   O O   . PRO A 1 14  ? 19.328  -12.122 -9.199  1.00 43.23 ? 1521 PRO A O   1 
ATOM   50   C CB  . PRO A 1 14  ? 18.148  -10.358 -6.832  1.00 39.46 ? 1521 PRO A CB  1 
ATOM   51   C CG  . PRO A 1 14  ? 16.979  -9.728  -6.147  1.00 37.34 ? 1521 PRO A CG  1 
ATOM   52   C CD  . PRO A 1 14  ? 15.822  -10.545 -6.616  1.00 32.02 ? 1521 PRO A CD  1 
ATOM   53   N N   . SER A 1 15  ? 17.501  -13.185 -8.426  1.00 34.57 ? 1522 SER A N   1 
ATOM   54   C CA  . SER A 1 15  ? 18.010  -14.517 -8.742  1.00 39.47 ? 1522 SER A CA  1 
ATOM   55   C C   . SER A 1 15  ? 17.500  -15.201 -10.002 1.00 41.17 ? 1522 SER A C   1 
ATOM   56   O O   . SER A 1 15  ? 17.953  -16.296 -10.336 1.00 51.34 ? 1522 SER A O   1 
ATOM   57   C CB  . SER A 1 15  ? 17.760  -15.441 -7.552  1.00 43.21 ? 1522 SER A CB  1 
ATOM   58   O OG  . SER A 1 15  ? 16.380  -15.478 -7.227  1.00 53.31 ? 1522 SER A OG  1 
ATOM   59   N N   . THR A 1 16  ? 16.558  -14.583 -10.702 1.00 34.89 ? 1523 THR A N   1 
ATOM   60   C CA  . THR A 1 16  ? 16.024  -15.189 -11.912 1.00 35.32 ? 1523 THR A CA  1 
ATOM   61   C C   . THR A 1 16  ? 15.945  -14.147 -13.004 1.00 27.73 ? 1523 THR A C   1 
ATOM   62   O O   . THR A 1 16  ? 15.807  -14.468 -14.183 1.00 33.46 ? 1523 THR A O   1 
ATOM   63   C CB  . THR A 1 16  ? 14.618  -15.739 -11.675 1.00 37.33 ? 1523 THR A CB  1 
ATOM   64   O OG1 . THR A 1 16  ? 13.737  -14.655 -11.345 1.00 35.53 ? 1523 THR A OG1 1 
ATOM   65   C CG2 . THR A 1 16  ? 14.628  -16.720 -10.512 1.00 33.51 ? 1523 THR A CG2 1 
ATOM   66   N N   . GLY A 1 17  ? 16.030  -12.890 -12.588 1.00 27.73 ? 1524 GLY A N   1 
ATOM   67   C CA  . GLY A 1 17  ? 15.954  -11.778 -13.516 1.00 29.27 ? 1524 GLY A CA  1 
ATOM   68   C C   . GLY A 1 17  ? 14.536  -11.435 -13.941 1.00 25.44 ? 1524 GLY A C   1 
ATOM   69   O O   . GLY A 1 17  ? 14.345  -10.556 -14.779 1.00 34.22 ? 1524 GLY A O   1 
ATOM   70   N N   . HIS A 1 18  ? 13.549  -12.125 -13.374 1.00 28.46 ? 1525 HIS A N   1 
ATOM   71   C CA  . HIS A 1 18  ? 12.148  -11.896 -13.723 1.00 28.35 ? 1525 HIS A CA  1 
ATOM   72   C C   . HIS A 1 18  ? 11.719  -10.480 -13.329 1.00 22.90 ? 1525 HIS A C   1 
ATOM   73   O O   . HIS A 1 18  ? 11.958  -10.044 -12.211 1.00 22.14 ? 1525 HIS A O   1 
ATOM   74   C CB  . HIS A 1 18  ? 11.261  -12.935 -13.032 1.00 26.27 ? 1525 HIS A CB  1 
ATOM   75   C CG  . HIS A 1 18  ? 9.818   -12.851 -13.412 1.00 27.49 ? 1525 HIS A CG  1 
ATOM   76   N ND1 . HIS A 1 18  ? 8.914   -12.044 -12.752 1.00 31.77 ? 1525 HIS A ND1 1 
ATOM   77   C CD2 . HIS A 1 18  ? 9.124   -13.464 -14.401 1.00 28.32 ? 1525 HIS A CD2 1 
ATOM   78   C CE1 . HIS A 1 18  ? 7.726   -12.165 -13.321 1.00 31.04 ? 1525 HIS A CE1 1 
ATOM   79   N NE2 . HIS A 1 18  ? 7.827   -13.019 -14.325 1.00 39.14 ? 1525 HIS A NE2 1 
ATOM   80   N N   . LEU A 1 19  ? 11.100  -9.778  -14.264 1.00 24.98 ? 1526 LEU A N   1 
ATOM   81   C CA  . LEU A 1 19  ? 10.642  -8.412  -14.026 1.00 21.82 ? 1526 LEU A CA  1 
ATOM   82   C C   . LEU A 1 19  ? 9.167   -8.393  -13.623 1.00 23.22 ? 1526 LEU A C   1 
ATOM   83   O O   . LEU A 1 19  ? 8.294   -8.882  -14.350 1.00 24.58 ? 1526 LEU A O   1 
ATOM   84   C CB  . LEU A 1 19  ? 10.844  -7.580  -15.299 1.00 25.56 ? 1526 LEU A CB  1 
ATOM   85   C CG  . LEU A 1 19  ? 10.481  -6.085  -15.279 1.00 28.87 ? 1526 LEU A CG  1 
ATOM   86   C CD1 . LEU A 1 19  ? 8.967   -5.908  -15.218 1.00 34.43 ? 1526 LEU A CD1 1 
ATOM   87   C CD2 . LEU A 1 19  ? 11.188  -5.399  -14.126 1.00 34.97 ? 1526 LEU A CD2 1 
ATOM   88   N N   . PHE A 1 20  ? 8.909   -7.842  -12.440 1.00 18.71 ? 1527 PHE A N   1 
ATOM   89   C CA  . PHE A 1 20  ? 7.532   -7.705  -11.949 1.00 18.98 ? 1527 PHE A CA  1 
ATOM   90   C C   . PHE A 1 20  ? 7.134   -6.280  -12.288 1.00 19.35 ? 1527 PHE A C   1 
ATOM   91   O O   . PHE A 1 20  ? 7.887   -5.359  -12.015 1.00 22.27 ? 1527 PHE A O   1 
ATOM   92   C CB  . PHE A 1 20  ? 7.498   -7.890  -10.437 1.00 18.56 ? 1527 PHE A CB  1 
ATOM   93   C CG  . PHE A 1 20  ? 7.798   -9.287  -10.008 1.00 17.60 ? 1527 PHE A CG  1 
ATOM   94   C CD1 . PHE A 1 20  ? 6.803   -10.260 -9.997  1.00 19.30 ? 1527 PHE A CD1 1 
ATOM   95   C CD2 . PHE A 1 20  ? 9.075   -9.623  -9.586  1.00 16.86 ? 1527 PHE A CD2 1 
ATOM   96   C CE1 . PHE A 1 20  ? 7.077   -11.561 -9.555  1.00 22.26 ? 1527 PHE A CE1 1 
ATOM   97   C CE2 . PHE A 1 20  ? 9.355   -10.922 -9.143  1.00 21.08 ? 1527 PHE A CE2 1 
ATOM   98   C CZ  . PHE A 1 20  ? 8.362   -11.886 -9.127  1.00 20.83 ? 1527 PHE A CZ  1 
ATOM   99   N N   . ASP A 1 21  ? 5.957   -6.117  -12.874 1.00 23.35 ? 1528 ASP A N   1 
ATOM   100  C CA  . ASP A 1 21  ? 5.477   -4.797  -13.259 1.00 22.91 ? 1528 ASP A CA  1 
ATOM   101  C C   . ASP A 1 21  ? 4.096   -4.585  -12.648 1.00 17.33 ? 1528 ASP A C   1 
ATOM   102  O O   . ASP A 1 21  ? 3.156   -5.309  -12.973 1.00 20.99 ? 1528 ASP A O   1 
ATOM   103  C CB  . ASP A 1 21  ? 5.388   -4.711  -14.785 1.00 23.57 ? 1528 ASP A CB  1 
ATOM   104  C CG  . ASP A 1 21  ? 4.732   -3.420  -15.272 1.00 26.46 ? 1528 ASP A CG  1 
ATOM   105  O OD1 . ASP A 1 21  ? 4.794   -2.401  -14.555 1.00 24.40 ? 1528 ASP A OD1 1 
ATOM   106  O OD2 . ASP A 1 21  ? 4.184   -3.419  -16.407 1.00 42.91 ? 1528 ASP A OD2 1 
ATOM   107  N N   . LEU A 1 22  ? 4.014   -3.614  -11.744 1.00 16.41 ? 1529 LEU A N   1 
ATOM   108  C CA  . LEU A 1 22  ? 2.742   -3.297  -11.091 1.00 16.49 ? 1529 LEU A CA  1 
ATOM   109  C C   . LEU A 1 22  ? 2.141   -2.005  -11.642 1.00 19.29 ? 1529 LEU A C   1 
ATOM   110  O O   . LEU A 1 22  ? 1.174   -1.470  -11.086 1.00 17.16 ? 1529 LEU A O   1 
ATOM   111  C CB  . LEU A 1 22  ? 2.921   -3.167  -9.563  1.00 17.83 ? 1529 LEU A CB  1 
ATOM   112  C CG  . LEU A 1 22  ? 3.421   -4.384  -8.794  1.00 18.53 ? 1529 LEU A CG  1 
ATOM   113  C CD1 . LEU A 1 22  ? 3.406   -4.064  -7.292  1.00 19.59 ? 1529 LEU A CD1 1 
ATOM   114  C CD2 . LEU A 1 22  ? 2.541   -5.564  -9.091  1.00 20.79 ? 1529 LEU A CD2 1 
ATOM   115  N N   . SER A 1 23  ? 2.656   -1.527  -12.767 1.00 17.36 ? 1530 SER A N   1 
ATOM   116  C CA  . SER A 1 23  ? 2.140   -0.265  -13.303 1.00 18.20 ? 1530 SER A CA  1 
ATOM   117  C C   . SER A 1 23  ? 0.676   -0.307  -13.716 1.00 15.72 ? 1530 SER A C   1 
ATOM   118  O O   . SER A 1 23  ? 0.025   0.739   -13.712 1.00 15.65 ? 1530 SER A O   1 
ATOM   119  C CB  . SER A 1 23  ? 3.016   0.246   -14.439 1.00 20.68 ? 1530 SER A CB  1 
ATOM   120  O OG  . SER A 1 23  ? 2.936   -0.637  -15.521 1.00 23.04 ? 1530 SER A OG  1 
ATOM   121  N N   . SER A 1 24  ? 0.145   -1.477  -14.032 1.00 14.56 ? 1531 SER A N   1 
ATOM   122  C CA  . SER A 1 24  ? -1.278  -1.568  -14.387 1.00 13.90 ? 1531 SER A CA  1 
ATOM   123  C C   . SER A 1 24  ? -2.168  -1.235  -13.177 1.00 16.62 ? 1531 SER A C   1 
ATOM   124  O O   . SER A 1 24  ? -3.386  -1.027  -13.333 1.00 16.27 ? 1531 SER A O   1 
ATOM   125  C CB  . SER A 1 24  ? -1.645  -2.978  -14.921 1.00 16.48 ? 1531 SER A CB  1 
ATOM   126  O OG  . SER A 1 24  ? -1.595  -3.960  -13.896 1.00 19.22 ? 1531 SER A OG  1 
ATOM   127  N N   . LEU A 1 25  ? -1.589  -1.211  -11.963 1.00 13.60 ? 1532 LEU A N   1 
ATOM   128  C CA  . LEU A 1 25  ? -2.351  -0.857  -10.738 1.00 13.39 ? 1532 LEU A CA  1 
ATOM   129  C C   . LEU A 1 25  ? -2.031  0.572   -10.314 1.00 13.60 ? 1532 LEU A C   1 
ATOM   130  O O   . LEU A 1 25  ? -2.550  1.030   -9.288  1.00 14.05 ? 1532 LEU A O   1 
ATOM   131  C CB  . LEU A 1 25  ? -1.952  -1.781  -9.566  1.00 14.92 ? 1532 LEU A CB  1 
ATOM   132  C CG  . LEU A 1 25  ? -2.104  -3.285  -9.791  1.00 14.06 ? 1532 LEU A CG  1 
ATOM   133  C CD1 . LEU A 1 25  ? -1.632  -4.030  -8.546  1.00 19.44 ? 1532 LEU A CD1 1 
ATOM   134  C CD2 . LEU A 1 25  ? -3.547  -3.619  -10.117 1.00 19.33 ? 1532 LEU A CD2 1 
ATOM   135  N N   . SER A 1 26  ? -1.162  1.258   -11.044 1.00 13.48 ? 1533 SER A N   1 
ATOM   136  C CA  . SER A 1 26  ? -0.773  2.602   -10.648 1.00 14.37 ? 1533 SER A CA  1 
ATOM   137  C C   . SER A 1 26  ? -1.806  3.656   -11.026 1.00 15.07 ? 1533 SER A C   1 
ATOM   138  O O   . SER A 1 26  ? -2.869  3.331   -11.540 1.00 14.50 ? 1533 SER A O   1 
ATOM   139  C CB  . SER A 1 26  ? 0.599   2.956   -11.243 1.00 17.91 ? 1533 SER A CB  1 
ATOM   140  O OG  . SER A 1 26  ? 0.531   3.137   -12.659 1.00 17.86 ? 1533 SER A OG  1 
ATOM   141  N N   . GLY A 1 27  ? -1.520  4.910   -10.736 1.00 13.94 ? 1534 GLY A N   1 
ATOM   142  C CA  . GLY A 1 27  ? -2.428  5.985   -11.109 1.00 15.47 ? 1534 GLY A CA  1 
ATOM   143  C C   . GLY A 1 27  ? -3.128  6.651   -9.948  1.00 13.39 ? 1534 GLY A C   1 
ATOM   144  O O   . GLY A 1 27  ? -3.301  6.051   -8.890  1.00 12.26 ? 1534 GLY A O   1 
ATOM   145  N N   . ARG A 1 28  ? -3.594  7.873   -10.169 1.00 14.12 ? 1535 ARG A N   1 
ATOM   146  C CA  . ARG A 1 28  ? -4.206  8.629   -9.109  1.00 12.27 ? 1535 ARG A CA  1 
ATOM   147  C C   . ARG A 1 28  ? -5.606  8.193   -8.718  1.00 12.60 ? 1535 ARG A C   1 
ATOM   148  O O   . ARG A 1 28  ? -6.063  8.508   -7.624  1.00 13.78 ? 1535 ARG A O   1 
ATOM   149  C CB  . ARG A 1 28  ? -4.155  10.127  -9.455  1.00 15.97 ? 1535 ARG A CB  1 
ATOM   150  C CG  . ARG A 1 28  ? -2.760  10.676  -9.644  1.00 20.98 ? 1535 ARG A CG  1 
ATOM   151  C CD  . ARG A 1 28  ? -2.720  12.148  -10.110 1.00 27.71 ? 1535 ARG A CD  1 
ATOM   152  N NE  . ARG A 1 28  ? -3.077  13.074  -9.037  1.00 32.41 ? 1535 ARG A NE  1 
ATOM   153  C CZ  . ARG A 1 28  ? -4.309  13.523  -8.833  1.00 24.88 ? 1535 ARG A CZ  1 
ATOM   154  N NH1 . ARG A 1 28  ? -5.288  13.132  -9.637  1.00 32.50 ? 1535 ARG A NH1 1 
ATOM   155  N NH2 . ARG A 1 28  ? -4.568  14.355  -7.831  1.00 28.34 ? 1535 ARG A NH2 1 
ATOM   156  N N   . ALA A 1 29  ? -6.293  7.449   -9.590  1.00 14.04 ? 1536 ALA A N   1 
ATOM   157  C CA  . ALA A 1 29  ? -7.628  6.995   -9.227  1.00 14.36 ? 1536 ALA A CA  1 
ATOM   158  C C   . ALA A 1 29  ? -7.526  6.010   -8.063  1.00 13.77 ? 1536 ALA A C   1 
ATOM   159  O O   . ALA A 1 29  ? -8.260  6.110   -7.100  1.00 13.50 ? 1536 ALA A O   1 
ATOM   160  C CB  . ALA A 1 29  ? -8.305  6.366   -10.438 1.00 17.15 ? 1536 ALA A CB  1 
ATOM   161  N N   . GLY A 1 30  ? -6.618  5.045   -8.170  1.00 12.24 ? 1537 GLY A N   1 
ATOM   162  C CA  . GLY A 1 30  ? -6.418  4.126   -7.074  1.00 13.27 ? 1537 GLY A CA  1 
ATOM   163  C C   . GLY A 1 30  ? -7.562  3.232   -6.654  1.00 11.20 ? 1537 GLY A C   1 
ATOM   164  O O   . GLY A 1 30  ? -8.492  2.909   -7.426  1.00 13.04 ? 1537 GLY A O   1 
ATOM   165  N N   . PHE A 1 31  ? -7.543  2.900   -5.363  1.00 10.35 ? 1538 PHE A N   1 
ATOM   166  C CA  . PHE A 1 31  ? -8.411  1.911   -4.765  1.00 10.85 ? 1538 PHE A CA  1 
ATOM   167  C C   . PHE A 1 31  ? -8.852  2.268   -3.377  1.00 11.07 ? 1538 PHE A C   1 
ATOM   168  O O   . PHE A 1 31  ? -8.443  3.344   -2.856  1.00 11.17 ? 1538 PHE A O   1 
ATOM   169  C CB  . PHE A 1 31  ? -7.607  0.594   -4.676  1.00 10.63 ? 1538 PHE A CB  1 
ATOM   170  C CG  . PHE A 1 31  ? -6.948  0.218   -5.960  1.00 10.74 ? 1538 PHE A CG  1 
ATOM   171  C CD1 . PHE A 1 31  ? -5.640  0.554   -6.206  1.00 11.95 ? 1538 PHE A CD1 1 
ATOM   172  C CD2 . PHE A 1 31  ? -7.678  -0.359  -7.002  1.00 13.28 ? 1538 PHE A CD2 1 
ATOM   173  C CE1 . PHE A 1 31  ? -5.059  0.356   -7.429  1.00 15.06 ? 1538 PHE A CE1 1 
ATOM   174  C CE2 . PHE A 1 31  ? -7.088  -0.564  -8.255  1.00 13.63 ? 1538 PHE A CE2 1 
ATOM   175  C CZ  . PHE A 1 31  ? -5.779  -0.196  -8.463  1.00 13.34 ? 1538 PHE A CZ  1 
ATOM   176  N N   . THR A 1 32  ? -9.688  1.433   -2.777  1.00 12.18 ? 1539 THR A N   1 
ATOM   177  C CA  . THR A 1 32  ? -10.011 1.606   -1.382  1.00 12.82 ? 1539 THR A CA  1 
ATOM   178  C C   . THR A 1 32  ? -9.819  0.281   -0.685  1.00 12.99 ? 1539 THR A C   1 
ATOM   179  O O   . THR A 1 32  ? -9.879  -0.814  -1.310  1.00 14.36 ? 1539 THR A O   1 
ATOM   180  C CB  . THR A 1 32  ? -11.438 2.076   -1.116  1.00 13.59 ? 1539 THR A CB  1 
ATOM   181  O OG1 . THR A 1 32  ? -12.339 1.068   -1.565  1.00 17.23 ? 1539 THR A OG1 1 
ATOM   182  C CG2 . THR A 1 32  ? -11.757 3.367   -1.861  1.00 17.67 ? 1539 THR A CG2 1 
ATOM   183  N N   . ALA A 1 33  ? -9.591  0.352   0.619   1.00 13.11 ? 1540 ALA A N   1 
ATOM   184  C CA  . ALA A 1 33  ? -9.481  -0.825  1.498   1.00 12.15 ? 1540 ALA A CA  1 
ATOM   185  C C   . ALA A 1 33  ? -10.398 -0.551  2.662   1.00 13.74 ? 1540 ALA A C   1 
ATOM   186  O O   . ALA A 1 33  ? -10.431 0.550   3.190   1.00 15.17 ? 1540 ALA A O   1 
ATOM   187  C CB  . ALA A 1 33  ? -8.076  -1.025  2.011   1.00 14.81 ? 1540 ALA A CB  1 
ATOM   188  N N   . ALA A 1 34  ? -11.157 -1.543  3.113   1.00 15.41 ? 1541 ALA A N   1 
ATOM   189  C CA  . ALA A 1 34  ? -12.054 -1.355  4.239   1.00 14.47 ? 1541 ALA A CA  1 
ATOM   190  C C   . ALA A 1 34  ? -11.307 -1.132  5.539   1.00 15.47 ? 1541 ALA A C   1 
ATOM   191  O O   . ALA A 1 34  ? -10.293 -1.750  5.775   1.00 16.79 ? 1541 ALA A O   1 
ATOM   192  C CB  . ALA A 1 34  ? -12.952 -2.581  4.360   1.00 16.39 ? 1541 ALA A CB  1 
ATOM   193  N N   . TYR A 1 35  ? -11.815 -0.223  6.373   1.00 18.69 ? 1542 TYR A N   1 
ATOM   194  C CA  . TYR A 1 35  ? -11.214 0.130   7.657   1.00 19.80 ? 1542 TYR A CA  1 
ATOM   195  C C   . TYR A 1 35  ? -12.347 0.150   8.669   1.00 20.75 ? 1542 TYR A C   1 
ATOM   196  O O   . TYR A 1 35  ? -13.387 0.775   8.434   1.00 24.04 ? 1542 TYR A O   1 
ATOM   197  C CB  . TYR A 1 35  ? -10.582 1.535   7.546   1.00 18.00 ? 1542 TYR A CB  1 
ATOM   198  C CG  . TYR A 1 35  ? -10.134 2.101   8.872   1.00 18.27 ? 1542 TYR A CG  1 
ATOM   199  C CD1 . TYR A 1 35  ? -9.092  1.526   9.595   1.00 21.39 ? 1542 TYR A CD1 1 
ATOM   200  C CD2 . TYR A 1 35  ? -10.769 3.208   9.410   1.00 19.90 ? 1542 TYR A CD2 1 
ATOM   201  C CE1 . TYR A 1 35  ? -8.703  2.053   10.834  1.00 29.17 ? 1542 TYR A CE1 1 
ATOM   202  C CE2 . TYR A 1 35  ? -10.386 3.741   10.632  1.00 20.96 ? 1542 TYR A CE2 1 
ATOM   203  C CZ  . TYR A 1 35  ? -9.365  3.165   11.338  1.00 22.49 ? 1542 TYR A CZ  1 
ATOM   204  O OH  . TYR A 1 35  ? -8.990  3.700   12.569  1.00 24.50 ? 1542 TYR A OH  1 
ATOM   205  N N   . SER A 1 36  ? -12.155 -0.530  9.788   1.00 30.03 ? 1543 SER A N   1 
ATOM   206  C CA  . SER A 1 36  ? -13.191 -0.561  10.815  1.00 30.84 ? 1543 SER A CA  1 
ATOM   207  C C   . SER A 1 36  ? -14.514 -1.076  10.261  1.00 32.74 ? 1543 SER A C   1 
ATOM   208  O O   . SER A 1 36  ? -14.543 -1.821  9.278   1.00 33.48 ? 1543 SER A O   1 
ATOM   209  C CB  . SER A 1 36  ? -13.402 0.836   11.395  1.00 29.20 ? 1543 SER A CB  1 
ATOM   210  O OG  . SER A 1 36  ? -14.274 1.598   10.571  1.00 39.40 ? 1543 SER A OG  1 
ATOM   211  N N   . GLU A 1 37  ? -15.614 -0.655  10.881  1.00 32.29 ? 1544 GLU A N   1 
ATOM   212  C CA  . GLU A 1 37  ? -16.939 -1.129  10.501  1.00 36.54 ? 1544 GLU A CA  1 
ATOM   213  C C   . GLU A 1 37  ? -17.604 -0.533  9.260   1.00 36.36 ? 1544 GLU A C   1 
ATOM   214  O O   . GLU A 1 37  ? -18.234 -1.262  8.492   1.00 42.70 ? 1544 GLU A O   1 
ATOM   215  C CB  . GLU A 1 37  ? -17.873 -1.007  11.716  1.00 37.88 ? 1544 GLU A CB  1 
ATOM   216  C CG  . GLU A 1 37  ? -17.124 -0.812  13.045  1.00 47.63 ? 1544 GLU A CG  1 
ATOM   217  C CD  . GLU A 1 37  ? -16.083 -1.898  13.335  1.00 52.91 ? 1544 GLU A CD  1 
ATOM   218  O OE1 . GLU A 1 37  ? -15.099 -1.602  14.053  1.00 49.66 ? 1544 GLU A OE1 1 
ATOM   219  O OE2 . GLU A 1 37  ? -16.253 -3.046  12.860  1.00 52.14 ? 1544 GLU A OE2 1 
ATOM   220  N N   . LYS A 1 38  ? -17.465 0.771   9.048   1.00 30.30 ? 1545 LYS A N   1 
ATOM   221  C CA  . LYS A 1 38  ? -18.081 1.426   7.899   1.00 37.71 ? 1545 LYS A CA  1 
ATOM   222  C C   . LYS A 1 38  ? -17.098 2.291   7.118   1.00 29.84 ? 1545 LYS A C   1 
ATOM   223  O O   . LYS A 1 38  ? -17.426 2.806   6.043   1.00 30.57 ? 1545 LYS A O   1 
ATOM   224  C CB  . LYS A 1 38  ? -19.249 2.313   8.359   1.00 36.91 ? 1545 LYS A CB  1 
ATOM   225  C CG  . LYS A 1 38  ? -20.593 1.625   8.430   1.00 46.78 ? 1545 LYS A CG  1 
ATOM   226  C CD  . LYS A 1 38  ? -21.624 2.388   7.603   1.00 42.69 ? 1545 LYS A CD  1 
ATOM   227  C CE  . LYS A 1 38  ? -21.242 2.403   6.122   1.00 48.35 ? 1545 LYS A CE  1 
ATOM   228  N NZ  . LYS A 1 38  ? -22.171 3.205   5.267   1.00 48.10 ? 1545 LYS A NZ  1 
ATOM   229  N N   . GLY A 1 39  ? -15.886 2.441   7.652   1.00 24.67 ? 1546 GLY A N   1 
ATOM   230  C CA  . GLY A 1 39  ? -14.905 3.293   7.005   1.00 25.24 ? 1546 GLY A CA  1 
ATOM   231  C C   . GLY A 1 39  ? -13.992 2.676   5.966   1.00 20.19 ? 1546 GLY A C   1 
ATOM   232  O O   . GLY A 1 39  ? -14.093 1.497   5.607   1.00 25.93 ? 1546 GLY A O   1 
ATOM   233  N N   . LEU A 1 40  ? -13.116 3.510   5.426   1.00 16.86 ? 1547 LEU A N   1 
ATOM   234  C CA  . LEU A 1 40  ? -12.186 3.029   4.431   1.00 14.21 ? 1547 LEU A CA  1 
ATOM   235  C C   . LEU A 1 40  ? -10.898 3.849   4.400   1.00 13.59 ? 1547 LEU A C   1 
ATOM   236  O O   . LEU A 1 40  ? -10.787 4.927   5.045   1.00 14.48 ? 1547 LEU A O   1 
ATOM   237  C CB  . LEU A 1 40  ? -12.849 3.048   3.045   1.00 19.88 ? 1547 LEU A CB  1 
ATOM   238  C CG  . LEU A 1 40  ? -13.275 4.392   2.447   1.00 18.96 ? 1547 LEU A CG  1 
ATOM   239  C CD1 . LEU A 1 40  ? -12.089 5.099   1.821   1.00 21.44 ? 1547 LEU A CD1 1 
ATOM   240  C CD2 . LEU A 1 40  ? -14.364 4.154   1.392   1.00 24.32 ? 1547 LEU A CD2 1 
ATOM   241  N N   . VAL A 1 41  ? -9.928  3.309   3.691   1.00 10.65 ? 1548 VAL A N   1 
ATOM   242  C CA  . VAL A 1 41  ? -8.654  3.956   3.383   1.00 10.94 ? 1548 VAL A CA  1 
ATOM   243  C C   . VAL A 1 41  ? -8.541  4.094   1.864   1.00 11.75 ? 1548 VAL A C   1 
ATOM   244  O O   . VAL A 1 41  ? -8.805  3.117   1.128   1.00 13.00 ? 1548 VAL A O   1 
ATOM   245  C CB  . VAL A 1 41  ? -7.418  3.153   3.855   1.00 10.96 ? 1548 VAL A CB  1 
ATOM   246  C CG1 . VAL A 1 41  ? -6.121  3.712   3.264   1.00 13.73 ? 1548 VAL A CG1 1 
ATOM   247  C CG2 . VAL A 1 41  ? -7.349  3.152   5.387   1.00 15.92 ? 1548 VAL A CG2 1 
ATOM   248  N N   . TYR A 1 42  ? -8.277  5.292   1.363   1.00 9.53  ? 1549 TYR A N   1 
ATOM   249  C CA  . TYR A 1 42  ? -8.034  5.528   -0.052  1.00 9.80  ? 1549 TYR A CA  1 
ATOM   250  C C   . TYR A 1 42  ? -6.552  5.279   -0.315  1.00 11.17 ? 1549 TYR A C   1 
ATOM   251  O O   . TYR A 1 42  ? -5.692  5.733   0.467   1.00 12.16 ? 1549 TYR A O   1 
ATOM   252  C CB  . TYR A 1 42  ? -8.335  6.978   -0.412  1.00 12.59 ? 1549 TYR A CB  1 
ATOM   253  C CG  . TYR A 1 42  ? -9.788  7.326   -0.493  1.00 11.86 ? 1549 TYR A CG  1 
ATOM   254  C CD1 . TYR A 1 42  ? -10.609 6.786   -1.502  1.00 14.81 ? 1549 TYR A CD1 1 
ATOM   255  C CD2 . TYR A 1 42  ? -10.355 8.203   0.417   1.00 13.91 ? 1549 TYR A CD2 1 
ATOM   256  C CE1 . TYR A 1 42  ? -11.957 7.140   -1.579  1.00 16.51 ? 1549 TYR A CE1 1 
ATOM   257  C CE2 . TYR A 1 42  ? -11.693 8.555   0.335   1.00 14.33 ? 1549 TYR A CE2 1 
ATOM   258  C CZ  . TYR A 1 42  ? -12.478 8.024   -0.662  1.00 16.29 ? 1549 TYR A CZ  1 
ATOM   259  O OH  . TYR A 1 42  ? -13.799 8.417   -0.729  1.00 21.50 ? 1549 TYR A OH  1 
ATOM   260  N N   . MET A 1 43  ? -6.175  4.624   -1.389  1.00 9.81  ? 1550 MET A N   1 
ATOM   261  C CA  . MET A 1 43  ? -4.776  4.377   -1.661  1.00 10.81 ? 1550 MET A CA  1 
ATOM   262  C C   . MET A 1 43  ? -4.454  4.214   -3.112  1.00 9.51  ? 1550 MET A C   1 
ATOM   263  O O   . MET A 1 43  ? -5.254  3.632   -3.886  1.00 10.56 ? 1550 MET A O   1 
ATOM   264  C CB  . MET A 1 43  ? -4.329  3.144   -0.879  1.00 17.35 ? 1550 MET A CB  1 
ATOM   265  C CG  . MET A 1 43  ? -5.194  1.940   -1.108  1.00 17.17 ? 1550 MET A CG  1 
ATOM   266  S SD  . MET A 1 43  ? -4.816  0.649   0.085   1.00 22.87 ? 1550 MET A SD  1 
ATOM   267  C CE  . MET A 1 43  ? -3.150  0.470   -0.640  1.00 10.46 ? 1550 MET A CE  1 
ATOM   268  N N   . SER A 1 44  ? -3.306  4.736   -3.514  1.00 9.65  ? 1551 SER A N   1 
ATOM   269  C CA  . SER A 1 44  ? -2.778  4.531   -4.841  1.00 9.36  ? 1551 SER A CA  1 
ATOM   270  C C   . SER A 1 44  ? -1.456  3.789   -4.730  1.00 10.46 ? 1551 SER A C   1 
ATOM   271  O O   . SER A 1 44  ? -0.808  3.802   -3.666  1.00 11.36 ? 1551 SER A O   1 
ATOM   272  C CB  . SER A 1 44  ? -2.566  5.863   -5.571  1.00 11.27 ? 1551 SER A CB  1 
ATOM   273  O OG  . SER A 1 44  ? -3.826  6.337   -6.079  1.00 12.94 ? 1551 SER A OG  1 
ATOM   274  N N   . ILE A 1 45  ? -1.079  3.150   -5.825  1.00 11.08 ? 1552 ILE A N   1 
ATOM   275  C CA  . ILE A 1 45  ? 0.116   2.333   -5.921  1.00 11.36 ? 1552 ILE A CA  1 
ATOM   276  C C   . ILE A 1 45  ? 1.166   3.062   -6.716  1.00 13.27 ? 1552 ILE A C   1 
ATOM   277  O O   . ILE A 1 45  ? 0.955   3.439   -7.869  1.00 14.03 ? 1552 ILE A O   1 
ATOM   278  C CB  . ILE A 1 45  ? -0.228  0.987   -6.590  1.00 11.26 ? 1552 ILE A CB  1 
ATOM   279  C CG1 . ILE A 1 45  ? -1.354  0.276   -5.838  1.00 12.55 ? 1552 ILE A CG1 1 
ATOM   280  C CG2 . ILE A 1 45  ? 1.024   0.104   -6.677  1.00 14.09 ? 1552 ILE A CG2 1 
ATOM   281  C CD1 . ILE A 1 45  ? -1.171  0.156   -4.315  1.00 13.12 ? 1552 ILE A CD1 1 
ATOM   282  N N   . CYS A 1 46  ? 2.311   3.295   -6.080  1.00 13.43 ? 1553 CYS A N   1 
ATOM   283  C CA  . CYS A 1 46  ? 3.449   3.984   -6.683  1.00 15.83 ? 1553 CYS A CA  1 
ATOM   284  C C   . CYS A 1 46  ? 3.239   5.435   -7.015  1.00 16.25 ? 1553 CYS A C   1 
ATOM   285  O O   . CYS A 1 46  ? 3.900   5.979   -7.913  1.00 17.91 ? 1553 CYS A O   1 
ATOM   286  C CB  . CYS A 1 46  ? 3.930   3.236   -7.924  1.00 16.65 ? 1553 CYS A CB  1 
ATOM   287  S SG  . CYS A 1 46  ? 4.713   1.634   -7.559  1.00 18.99 ? 1553 CYS A SG  1 
ATOM   288  N N   . GLY A 1 47  ? 2.325   6.071   -6.302  1.00 13.22 ? 1554 GLY A N   1 
ATOM   289  C CA  . GLY A 1 47  ? 2.063   7.475   -6.542  1.00 13.67 ? 1554 GLY A CA  1 
ATOM   290  C C   . GLY A 1 47  ? 0.938   7.985   -5.659  1.00 12.51 ? 1554 GLY A C   1 
ATOM   291  O O   . GLY A 1 47  ? 0.310   7.217   -4.923  1.00 13.57 ? 1554 GLY A O   1 
ATOM   292  N N   . GLU A 1 48  ? 0.693   9.290   -5.716  1.00 13.43 ? 1555 GLU A N   1 
ATOM   293  C CA  . GLU A 1 48  ? -0.331  9.902   -4.880  1.00 12.08 ? 1555 GLU A CA  1 
ATOM   294  C C   . GLU A 1 48  ? -1.764  9.497   -5.306  1.00 12.78 ? 1555 GLU A C   1 
ATOM   295  O O   . GLU A 1 48  ? -2.006  9.121   -6.462  1.00 13.56 ? 1555 GLU A O   1 
ATOM   296  C CB  . GLU A 1 48  ? -0.224  11.453  -4.897  1.00 14.68 ? 1555 GLU A CB  1 
ATOM   297  C CG  . GLU A 1 48  ? -0.685  12.099  -6.202  1.00 14.76 ? 1555 GLU A CG  1 
ATOM   298  C CD  . GLU A 1 48  ? -0.517  13.627  -6.224  1.00 25.36 ? 1555 GLU A CD  1 
ATOM   299  O OE1 . GLU A 1 48  ? 0.246   14.181  -5.410  1.00 24.33 ? 1555 GLU A OE1 1 
ATOM   300  O OE2 . GLU A 1 48  ? -1.161  14.288  -7.069  1.00 26.76 ? 1555 GLU A OE2 1 
ATOM   301  N N   . ASN A 1 49  ? -2.690  9.621   -4.369  1.00 11.56 ? 1556 ASN A N   1 
ATOM   302  C CA  . ASN A 1 49  ? -4.092  9.283   -4.618  1.00 11.45 ? 1556 ASN A CA  1 
ATOM   303  C C   . ASN A 1 49  ? -4.882  10.583  -4.739  1.00 12.17 ? 1556 ASN A C   1 
ATOM   304  O O   . ASN A 1 49  ? -4.721  11.490  -3.899  1.00 13.19 ? 1556 ASN A O   1 
ATOM   305  C CB  . ASN A 1 49  ? -4.636  8.415   -3.480  1.00 11.28 ? 1556 ASN A CB  1 
ATOM   306  C CG  . ASN A 1 49  ? -6.049  8.001   -3.729  1.00 12.14 ? 1556 ASN A CG  1 
ATOM   307  O OD1 . ASN A 1 49  ? -6.984  8.646   -3.265  1.00 13.21 ? 1556 ASN A OD1 1 
ATOM   308  N ND2 . ASN A 1 49  ? -6.228  6.895   -4.476  1.00 14.00 ? 1556 ASN A ND2 1 
ATOM   309  N N   . GLU A 1 50  ? -5.794  10.641  -5.717  1.00 12.34 ? 1557 GLU A N   1 
ATOM   310  C CA  . GLU A 1 50  ? -6.545  11.885  -5.941  1.00 12.61 ? 1557 GLU A CA  1 
ATOM   311  C C   . GLU A 1 50  ? -7.483  12.273  -4.819  1.00 14.51 ? 1557 GLU A C   1 
ATOM   312  O O   . GLU A 1 50  ? -7.906  13.435  -4.764  1.00 16.61 ? 1557 GLU A O   1 
ATOM   313  C CB  . GLU A 1 50  ? -7.331  11.804  -7.264  1.00 16.82 ? 1557 GLU A CB  1 
ATOM   314  C CG  . GLU A 1 50  ? -8.430  10.777  -7.276  1.00 15.68 ? 1557 GLU A CG  1 
ATOM   315  C CD  . GLU A 1 50  ? -9.128  10.612  -8.634  1.00 20.82 ? 1557 GLU A CD  1 
ATOM   316  O OE1 . GLU A 1 50  ? -8.698  11.261  -9.611  1.00 35.90 ? 1557 GLU A OE1 1 
ATOM   317  O OE2 . GLU A 1 50  ? -10.099 9.826   -8.684  1.00 23.61 ? 1557 GLU A OE2 1 
ATOM   318  N N   . ASN A 1 51  ? -7.794  11.352  -3.902  1.00 12.11 ? 1558 ASN A N   1 
ATOM   319  C CA  . ASN A 1 51  ? -8.694  11.636  -2.776  1.00 11.36 ? 1558 ASN A CA  1 
ATOM   320  C C   . ASN A 1 51  ? -7.967  12.077  -1.516  1.00 12.17 ? 1558 ASN A C   1 
ATOM   321  O O   . ASN A 1 51  ? -8.583  12.452  -0.528  1.00 15.30 ? 1558 ASN A O   1 
ATOM   322  C CB  . ASN A 1 51  ? -9.515  10.394  -2.474  1.00 13.25 ? 1558 ASN A CB  1 
ATOM   323  C CG  . ASN A 1 51  ? -10.258 9.919   -3.699  1.00 16.15 ? 1558 ASN A CG  1 
ATOM   324  O OD1 . ASN A 1 51  ? -11.176 10.603  -4.198  1.00 18.13 ? 1558 ASN A OD1 1 
ATOM   325  N ND2 . ASN A 1 51  ? -9.823  8.799   -4.255  1.00 15.22 ? 1558 ASN A ND2 1 
ATOM   326  N N   . CYS A 1 52  ? -6.656  12.045  -1.601  1.00 12.70 ? 1559 CYS A N   1 
ATOM   327  C CA  . CYS A 1 52  ? -5.817  12.396  -0.450  1.00 12.26 ? 1559 CYS A CA  1 
ATOM   328  C C   . CYS A 1 52  ? -5.101  13.709  -0.661  1.00 13.69 ? 1559 CYS A C   1 
ATOM   329  O O   . CYS A 1 52  ? -5.124  14.269  -1.771  1.00 15.33 ? 1559 CYS A O   1 
ATOM   330  C CB  . CYS A 1 52  ? -4.787  11.283  -0.264  1.00 11.55 ? 1559 CYS A CB  1 
ATOM   331  S SG  . CYS A 1 52  ? -5.470  9.637   0.085   1.00 13.71 ? 1559 CYS A SG  1 
ATOM   332  N N   . PRO A 1 53  ? -4.474  14.235  0.407   1.00 11.90 ? 1560 PRO A N   1 
ATOM   333  C CA  . PRO A 1 53  ? -3.744  15.496  0.250   1.00 14.27 ? 1560 PRO A CA  1 
ATOM   334  C C   . PRO A 1 53  ? -2.637  15.326  -0.788  1.00 14.75 ? 1560 PRO A C   1 
ATOM   335  O O   . PRO A 1 53  ? -2.174  14.219  -1.091  1.00 13.05 ? 1560 PRO A O   1 
ATOM   336  C CB  . PRO A 1 53  ? -3.150  15.719  1.637   1.00 14.82 ? 1560 PRO A CB  1 
ATOM   337  C CG  . PRO A 1 53  ? -4.131  15.050  2.591   1.00 13.96 ? 1560 PRO A CG  1 
ATOM   338  C CD  . PRO A 1 53  ? -4.486  13.779  1.807   1.00 13.11 ? 1560 PRO A CD  1 
ATOM   339  N N   . PRO A 1 54  ? -2.150  16.429  -1.350  1.00 15.28 ? 1561 PRO A N   1 
ATOM   340  C CA  . PRO A 1 54  ? -1.076  16.347  -2.339  1.00 12.58 ? 1561 PRO A CA  1 
ATOM   341  C C   . PRO A 1 54  ? 0.139   15.545  -1.791  1.00 15.26 ? 1561 PRO A C   1 
ATOM   342  O O   . PRO A 1 54  ? 0.548   15.728  -0.645  1.00 16.06 ? 1561 PRO A O   1 
ATOM   343  C CB  . PRO A 1 54  ? -0.728  17.824  -2.585  1.00 19.42 ? 1561 PRO A CB  1 
ATOM   344  C CG  . PRO A 1 54  ? -2.047  18.488  -2.383  1.00 18.24 ? 1561 PRO A CG  1 
ATOM   345  C CD  . PRO A 1 54  ? -2.582  17.822  -1.134  1.00 18.77 ? 1561 PRO A CD  1 
ATOM   346  N N   . GLY A 1 55  ? 0.665   14.659  -2.638  1.00 14.32 ? 1562 GLY A N   1 
ATOM   347  C CA  . GLY A 1 55  ? 1.801   13.792  -2.319  1.00 15.24 ? 1562 GLY A CA  1 
ATOM   348  C C   . GLY A 1 55  ? 1.487   12.552  -1.452  1.00 13.87 ? 1562 GLY A C   1 
ATOM   349  O O   . GLY A 1 55  ? 2.379   11.712  -1.224  1.00 16.22 ? 1562 GLY A O   1 
ATOM   350  N N   . VAL A 1 56  ? 0.259   12.452  -0.991  1.00 12.32 ? 1563 VAL A N   1 
ATOM   351  C CA  . VAL A 1 56  ? -0.112  11.364  -0.083  1.00 12.56 ? 1563 VAL A CA  1 
ATOM   352  C C   . VAL A 1 56  ? -0.610  10.147  -0.853  1.00 10.74 ? 1563 VAL A C   1 
ATOM   353  O O   . VAL A 1 56  ? -1.471  10.246  -1.728  1.00 12.67 ? 1563 VAL A O   1 
ATOM   354  C CB  . VAL A 1 56  ? -1.150  11.869  0.908   1.00 10.27 ? 1563 VAL A CB  1 
ATOM   355  C CG1 . VAL A 1 56  ? -1.665  10.741  1.785   1.00 11.88 ? 1563 VAL A CG1 1 
ATOM   356  C CG2 . VAL A 1 56  ? -0.502  12.962  1.837   1.00 12.93 ? 1563 VAL A CG2 1 
ATOM   357  N N   . GLY A 1 57  ? -0.012  8.997   -0.553  1.00 10.90 ? 1564 GLY A N   1 
ATOM   358  C CA  . GLY A 1 57  ? -0.378  7.751   -1.231  1.00 10.85 ? 1564 GLY A CA  1 
ATOM   359  C C   . GLY A 1 57  ? -1.505  6.993   -0.582  1.00 9.82  ? 1564 GLY A C   1 
ATOM   360  O O   . GLY A 1 57  ? -2.148  6.170   -1.249  1.00 10.85 ? 1564 GLY A O   1 
ATOM   361  N N   . ALA A 1 58  ? -1.774  7.197   0.692   1.00 9.79  ? 1565 ALA A N   1 
ATOM   362  C CA  . ALA A 1 58  ? -2.842  6.534   1.408   1.00 9.51  ? 1565 ALA A CA  1 
ATOM   363  C C   . ALA A 1 58  ? -3.370  7.425   2.505   1.00 9.16  ? 1565 ALA A C   1 
ATOM   364  O O   . ALA A 1 58  ? -2.586  8.116   3.201   1.00 10.12 ? 1565 ALA A O   1 
ATOM   365  C CB  . ALA A 1 58  ? -2.388  5.180   1.979   1.00 11.65 ? 1565 ALA A CB  1 
ATOM   366  N N   . CYS A 1 59  ? -4.676  7.463   2.683   1.00 8.67  ? 1566 CYS A N   1 
ATOM   367  C CA  . CYS A 1 59  ? -5.267  8.300   3.713   1.00 9.41  ? 1566 CYS A CA  1 
ATOM   368  C C   . CYS A 1 59  ? -6.594  7.767   4.194   1.00 9.56  ? 1566 CYS A C   1 
ATOM   369  O O   . CYS A 1 59  ? -7.234  6.978   3.470   1.00 10.37 ? 1566 CYS A O   1 
ATOM   370  C CB  . CYS A 1 59  ? -5.448  9.750   3.187   1.00 9.19  ? 1566 CYS A CB  1 
ATOM   371  S SG  . CYS A 1 59  ? -6.660  9.962   1.831   1.00 12.69 ? 1566 CYS A SG  1 
ATOM   372  N N   . PHE A 1 60  ? -7.002  8.095   5.401   1.00 9.54  ? 1567 PHE A N   1 
ATOM   373  C CA  . PHE A 1 60  ? -8.305  7.704   5.914   1.00 10.39 ? 1567 PHE A CA  1 
ATOM   374  C C   . PHE A 1 60  ? -9.400  8.386   5.113   1.00 10.45 ? 1567 PHE A C   1 
ATOM   375  O O   . PHE A 1 60  ? -9.346  9.617   4.867   1.00 12.12 ? 1567 PHE A O   1 
ATOM   376  C CB  . PHE A 1 60  ? -8.413  8.066   7.405   1.00 12.20 ? 1567 PHE A CB  1 
ATOM   377  C CG  . PHE A 1 60  ? -7.567  7.216   8.275   1.00 13.11 ? 1567 PHE A CG  1 
ATOM   378  C CD1 . PHE A 1 60  ? -7.821  5.847   8.398   1.00 15.47 ? 1567 PHE A CD1 1 
ATOM   379  C CD2 . PHE A 1 60  ? -6.530  7.780   9.014   1.00 15.90 ? 1567 PHE A CD2 1 
ATOM   380  C CE1 . PHE A 1 60  ? -7.035  5.050   9.267   1.00 18.23 ? 1567 PHE A CE1 1 
ATOM   381  C CE2 . PHE A 1 60  ? -5.765  6.991   9.859   1.00 16.18 ? 1567 PHE A CE2 1 
ATOM   382  C CZ  . PHE A 1 60  ? -6.025  5.633   9.978   1.00 15.63 ? 1567 PHE A CZ  1 
ATOM   383  N N   . GLY A 1 61  ? -10.415 7.632   4.697   1.00 11.13 ? 1568 GLY A N   1 
ATOM   384  C CA  . GLY A 1 61  ? -11.467 8.248   3.911   1.00 13.77 ? 1568 GLY A CA  1 
ATOM   385  C C   . GLY A 1 61  ? -12.329 9.257   4.659   1.00 10.98 ? 1568 GLY A C   1 
ATOM   386  O O   . GLY A 1 61  ? -12.748 10.261  4.073   1.00 14.04 ? 1568 GLY A O   1 
ATOM   387  N N   . GLN A 1 62  ? -12.534 9.048   5.946   1.00 10.54 ? 1569 GLN A N   1 
ATOM   388  C CA  . GLN A 1 62  ? -13.430 9.933   6.684   1.00 13.14 ? 1569 GLN A CA  1 
ATOM   389  C C   . GLN A 1 62  ? -12.867 11.340  6.874   1.00 11.59 ? 1569 GLN A C   1 
ATOM   390  O O   . GLN A 1 62  ? -13.628 12.329  6.961   1.00 13.01 ? 1569 GLN A O   1 
ATOM   391  C CB  . GLN A 1 62  ? -13.667 9.326   8.060   1.00 14.19 ? 1569 GLN A CB  1 
ATOM   392  C CG  . GLN A 1 62  ? -14.735 9.974   8.948   1.00 18.65 ? 1569 GLN A CG  1 
ATOM   393  C CD  . GLN A 1 62  ? -16.115 9.780   8.405   1.00 21.37 ? 1569 GLN A CD  1 
ATOM   394  O OE1 . GLN A 1 62  ? -16.470 8.697   7.908   1.00 23.60 ? 1569 GLN A OE1 1 
ATOM   395  N NE2 . GLN A 1 62  ? -16.919 10.826  8.485   1.00 23.11 ? 1569 GLN A NE2 1 
ATOM   396  N N   . THR A 1 63  ? -11.541 11.420  6.929   1.00 10.42 ? 1570 THR A N   1 
ATOM   397  C CA  . THR A 1 63  ? -10.853 12.698  7.270   1.00 9.58  ? 1570 THR A CA  1 
ATOM   398  C C   . THR A 1 63  ? -9.851  13.180  6.260   1.00 10.19 ? 1570 THR A C   1 
ATOM   399  O O   . THR A 1 63  ? -9.435  14.355  6.297   1.00 11.36 ? 1570 THR A O   1 
ATOM   400  C CB  . THR A 1 63  ? -10.068 12.471  8.567   1.00 11.66 ? 1570 THR A CB  1 
ATOM   401  O OG1 . THR A 1 63  ? -9.074  11.461  8.291   1.00 11.55 ? 1570 THR A OG1 1 
ATOM   402  C CG2 . THR A 1 63  ? -10.956 12.010  9.717   1.00 12.93 ? 1570 THR A CG2 1 
ATOM   403  N N   . ARG A 1 64  ? -9.421  12.288  5.376   1.00 10.18 ? 1571 ARG A N   1 
ATOM   404  C CA  . ARG A 1 64  ? -8.361  12.500  4.407   1.00 10.13 ? 1571 ARG A CA  1 
ATOM   405  C C   . ARG A 1 64  ? -6.979  12.694  5.041   1.00 8.93  ? 1571 ARG A C   1 
ATOM   406  O O   . ARG A 1 64  ? -6.013  13.084  4.374   1.00 11.06 ? 1571 ARG A O   1 
ATOM   407  C CB  . ARG A 1 64  ? -8.708  13.604  3.397   1.00 11.22 ? 1571 ARG A CB  1 
ATOM   408  C CG  . ARG A 1 64  ? -10.082 13.420  2.739   1.00 13.10 ? 1571 ARG A CG  1 
ATOM   409  C CD  . ARG A 1 64  ? -10.376 11.950  2.220   1.00 11.93 ? 1571 ARG A CD  1 
ATOM   410  N NE  . ARG A 1 64  ? -11.795 11.833  1.835   1.00 13.86 ? 1571 ARG A NE  1 
ATOM   411  C CZ  . ARG A 1 64  ? -12.274 12.228  0.661   1.00 12.12 ? 1571 ARG A CZ  1 
ATOM   412  N NH1 . ARG A 1 64  ? -11.486 12.736  -0.258  1.00 15.84 ? 1571 ARG A NH1 1 
ATOM   413  N NH2 . ARG A 1 64  ? -13.570 12.101  0.421   1.00 16.69 ? 1571 ARG A NH2 1 
ATOM   414  N N   . ILE A 1 65  ? -6.888  12.337  6.321   1.00 10.04 ? 1572 ILE A N   1 
ATOM   415  C CA  . ILE A 1 65  ? -5.620  12.437  7.022   1.00 10.58 ? 1572 ILE A CA  1 
ATOM   416  C C   . ILE A 1 65  ? -4.653  11.353  6.522   1.00 11.01 ? 1572 ILE A C   1 
ATOM   417  O O   . ILE A 1 65  ? -5.002  10.174  6.383   1.00 10.30 ? 1572 ILE A O   1 
ATOM   418  C CB  . ILE A 1 65  ? -5.898  12.364  8.528   1.00 12.03 ? 1572 ILE A CB  1 
ATOM   419  C CG1 . ILE A 1 65  ? -6.548  13.703  8.941   1.00 11.73 ? 1572 ILE A CG1 1 
ATOM   420  C CG2 . ILE A 1 65  ? -4.608  12.126  9.336   1.00 14.47 ? 1572 ILE A CG2 1 
ATOM   421  C CD1 . ILE A 1 65  ? -7.117  13.702  10.372  1.00 13.97 ? 1572 ILE A CD1 1 
ATOM   422  N N   . SER A 1 66  ? -3.424  11.743  6.279   1.00 10.41 ? 1573 SER A N   1 
ATOM   423  C CA  . SER A 1 66  ? -2.408  10.892  5.716   1.00 9.43  ? 1573 SER A CA  1 
ATOM   424  C C   . SER A 1 66  ? -1.895  9.733   6.523   1.00 10.53 ? 1573 SER A C   1 
ATOM   425  O O   . SER A 1 66  ? -1.580  9.864   7.722   1.00 11.40 ? 1573 SER A O   1 
ATOM   426  C CB  . SER A 1 66  ? -1.188  11.728  5.358   1.00 11.12 ? 1573 SER A CB  1 
ATOM   427  O OG  . SER A 1 66  ? -0.145  10.922  4.823   1.00 11.58 ? 1573 SER A OG  1 
ATOM   428  N N   . VAL A 1 67  ? -1.821  8.574   5.896   1.00 9.44  ? 1574 VAL A N   1 
ATOM   429  C CA  . VAL A 1 67  ? -1.162  7.443   6.533   1.00 10.94 ? 1574 VAL A CA  1 
ATOM   430  C C   . VAL A 1 67  ? 0.079   7.083   5.737   1.00 10.89 ? 1574 VAL A C   1 
ATOM   431  O O   . VAL A 1 67  ? 0.608   5.960   5.867   1.00 12.55 ? 1574 VAL A O   1 
ATOM   432  C CB  . VAL A 1 67  ? -2.073  6.223   6.779   1.00 9.95  ? 1574 VAL A CB  1 
ATOM   433  C CG1 . VAL A 1 67  ? -3.114  6.615   7.759   1.00 13.48 ? 1574 VAL A CG1 1 
ATOM   434  C CG2 . VAL A 1 67  ? -2.736  5.722   5.476   1.00 12.93 ? 1574 VAL A CG2 1 
ATOM   435  N N   . GLY A 1 68  ? 0.606   8.023   4.946   1.00 10.50 ? 1575 GLY A N   1 
ATOM   436  C CA  . GLY A 1 68  ? 1.880   7.813   4.262   1.00 12.22 ? 1575 GLY A CA  1 
ATOM   437  C C   . GLY A 1 68  ? 2.057   8.538   2.963   1.00 12.03 ? 1575 GLY A C   1 
ATOM   438  O O   . GLY A 1 68  ? 1.120   8.564   2.125   1.00 11.23 ? 1575 GLY A O   1 
ATOM   439  N N   . LYS A 1 69  ? 3.230   9.127   2.755   1.00 13.48 ? 1576 LYS A N   1 
ATOM   440  C CA  . LYS A 1 69  ? 3.545   9.826   1.523   1.00 12.42 ? 1576 LYS A CA  1 
ATOM   441  C C   . LYS A 1 69  ? 3.873   8.823   0.432   1.00 12.30 ? 1576 LYS A C   1 
ATOM   442  O O   . LYS A 1 69  ? 4.553   7.799   0.672   1.00 14.54 ? 1576 LYS A O   1 
ATOM   443  C CB  . LYS A 1 69  ? 4.732   10.778  1.734   1.00 13.73 ? 1576 LYS A CB  1 
ATOM   444  C CG  . LYS A 1 69  ? 4.396   11.994  2.561   1.00 18.16 ? 1576 LYS A CG  1 
ATOM   445  C CD  . LYS A 1 69  ? 5.599   12.943  2.622   1.00 20.45 ? 1576 LYS A CD  1 
ATOM   446  C CE  . LYS A 1 69  ? 5.267   14.097  3.535   1.00 25.15 ? 1576 LYS A CE  1 
ATOM   447  N NZ  . LYS A 1 69  ? 6.347   15.126  3.529   1.00 33.47 ? 1576 LYS A NZ  1 
ATOM   448  N N   . ALA A 1 70  ? 3.370   9.056   -0.778  1.00 14.19 ? 1577 ALA A N   1 
ATOM   449  C CA  . ALA A 1 70  ? 3.642   8.122   -1.856  1.00 13.29 ? 1577 ALA A CA  1 
ATOM   450  C C   . ALA A 1 70  ? 5.093   8.101   -2.293  1.00 15.88 ? 1577 ALA A C   1 
ATOM   451  O O   . ALA A 1 70  ? 5.826   9.079   -2.133  1.00 14.76 ? 1577 ALA A O   1 
ATOM   452  C CB  . ALA A 1 70  ? 2.759   8.476   -3.085  1.00 15.85 ? 1577 ALA A CB  1 
ATOM   453  N N   . ASN A 1 71  ? 5.488   6.953   -2.828  1.00 14.83 ? 1578 ASN A N   1 
ATOM   454  C CA  . ASN A 1 71  ? 6.790   6.805   -3.477  1.00 13.62 ? 1578 ASN A CA  1 
ATOM   455  C C   . ASN A 1 71  ? 6.659   5.631   -4.422  1.00 14.40 ? 1578 ASN A C   1 
ATOM   456  O O   . ASN A 1 71  ? 5.618   4.955   -4.420  1.00 15.37 ? 1578 ASN A O   1 
ATOM   457  C CB  . ASN A 1 71  ? 7.951   6.650   -2.462  1.00 13.65 ? 1578 ASN A CB  1 
ATOM   458  C CG  . ASN A 1 71  ? 7.913   5.331   -1.701  1.00 13.35 ? 1578 ASN A CG  1 
ATOM   459  O OD1 . ASN A 1 71  ? 8.029   4.273   -2.307  1.00 15.85 ? 1578 ASN A OD1 1 
ATOM   460  N ND2 . ASN A 1 71  ? 7.735   5.391   -0.389  1.00 15.23 ? 1578 ASN A ND2 1 
ATOM   461  N N   . LYS A 1 72  ? 7.673   5.384   -5.255  1.00 16.24 ? 1579 LYS A N   1 
ATOM   462  C CA  . LYS A 1 72  ? 7.632   4.294   -6.222  1.00 15.80 ? 1579 LYS A CA  1 
ATOM   463  C C   . LYS A 1 72  ? 8.750   3.279   -6.039  1.00 18.11 ? 1579 LYS A C   1 
ATOM   464  O O   . LYS A 1 72  ? 9.109   2.549   -6.961  1.00 21.02 ? 1579 LYS A O   1 
ATOM   465  C CB  . LYS A 1 72  ? 7.643   4.845   -7.653  1.00 25.17 ? 1579 LYS A CB  1 
ATOM   466  C CG  . LYS A 1 72  ? 8.734   5.848   -7.923  1.00 27.36 ? 1579 LYS A CG  1 
ATOM   467  C CD  . LYS A 1 72  ? 10.136  5.252   -7.797  1.00 43.41 ? 1579 LYS A CD  1 
ATOM   468  C CE  . LYS A 1 72  ? 11.215  6.278   -8.136  1.00 35.39 ? 1579 LYS A CE  1 
ATOM   469  N NZ  . LYS A 1 72  ? 11.099  6.757   -9.544  1.00 38.01 ? 1579 LYS A NZ  1 
ATOM   470  N N   . ARG A 1 73  ? 9.246   3.207   -4.822  1.00 16.47 ? 1580 ARG A N   1 
ATOM   471  C CA  . ARG A 1 73  ? 10.336  2.292   -4.492  1.00 17.87 ? 1580 ARG A CA  1 
ATOM   472  C C   . ARG A 1 73  ? 9.812   0.904   -4.161  1.00 15.02 ? 1580 ARG A C   1 
ATOM   473  O O   . ARG A 1 73  ? 9.703   0.515   -2.999  1.00 16.50 ? 1580 ARG A O   1 
ATOM   474  C CB  . ARG A 1 73  ? 11.157  2.883   -3.351  1.00 19.83 ? 1580 ARG A CB  1 
ATOM   475  C CG  . ARG A 1 73  ? 12.010  4.084   -3.780  1.00 26.10 ? 1580 ARG A CG  1 
ATOM   476  C CD  . ARG A 1 73  ? 13.086  4.384   -2.745  1.00 40.10 ? 1580 ARG A CD  1 
ATOM   477  N NE  . ARG A 1 73  ? 12.486  4.755   -1.473  1.00 45.53 ? 1580 ARG A NE  1 
ATOM   478  C CZ  . ARG A 1 73  ? 11.739  5.838   -1.290  1.00 37.54 ? 1580 ARG A CZ  1 
ATOM   479  N NH1 . ARG A 1 73  ? 11.497  6.673   -2.295  1.00 40.44 ? 1580 ARG A NH1 1 
ATOM   480  N NH2 . ARG A 1 73  ? 11.227  6.082   -0.098  1.00 43.33 ? 1580 ARG A NH2 1 
ATOM   481  N N   . LEU A 1 74  ? 9.494   0.163   -5.202  1.00 16.08 ? 1581 LEU A N   1 
ATOM   482  C CA  . LEU A 1 74  ? 8.976   -1.191  -5.068  1.00 14.10 ? 1581 LEU A CA  1 
ATOM   483  C C   . LEU A 1 74  ? 10.164  -2.118  -4.805  1.00 15.81 ? 1581 LEU A C   1 
ATOM   484  O O   . LEU A 1 74  ? 11.179  -2.089  -5.528  1.00 19.23 ? 1581 LEU A O   1 
ATOM   485  C CB  . LEU A 1 74  ? 8.241   -1.593  -6.361  1.00 16.05 ? 1581 LEU A CB  1 
ATOM   486  C CG  . LEU A 1 74  ? 7.546   -2.944  -6.347  1.00 14.67 ? 1581 LEU A CG  1 
ATOM   487  C CD1 . LEU A 1 74  ? 6.398   -2.954  -5.314  1.00 15.54 ? 1581 LEU A CD1 1 
ATOM   488  C CD2 . LEU A 1 74  ? 7.011   -3.258  -7.737  1.00 18.04 ? 1581 LEU A CD2 1 
ATOM   489  N N   . ARG A 1 75  ? 10.029  -2.948  -3.783  1.00 14.85 ? 1582 ARG A N   1 
ATOM   490  C CA  . ARG A 1 75  ? 11.108  -3.867  -3.394  1.00 15.21 ? 1582 ARG A CA  1 
ATOM   491  C C   . ARG A 1 75  ? 10.704  -5.322  -3.432  1.00 16.67 ? 1582 ARG A C   1 
ATOM   492  O O   . ARG A 1 75  ? 9.540   -5.681  -3.252  1.00 16.13 ? 1582 ARG A O   1 
ATOM   493  C CB  . ARG A 1 75  ? 11.608  -3.522  -1.994  1.00 17.71 ? 1582 ARG A CB  1 
ATOM   494  C CG  . ARG A 1 75  ? 12.192  -2.122  -1.890  1.00 23.89 ? 1582 ARG A CG  1 
ATOM   495  C CD  . ARG A 1 75  ? 12.838  -1.874  -0.539  1.00 28.88 ? 1582 ARG A CD  1 
ATOM   496  N NE  . ARG A 1 75  ? 13.524  -0.579  -0.480  1.00 34.73 ? 1582 ARG A NE  1 
ATOM   497  C CZ  . ARG A 1 75  ? 12.940  0.582   -0.181  1.00 36.48 ? 1582 ARG A CZ  1 
ATOM   498  N NH1 . ARG A 1 75  ? 11.644  0.633   0.098   1.00 29.39 ? 1582 ARG A NH1 1 
ATOM   499  N NH2 . ARG A 1 75  ? 13.654  1.703   -0.165  1.00 46.84 ? 1582 ARG A NH2 1 
ATOM   500  N N   . TYR A 1 76  ? 11.664  -6.207  -3.659  1.00 17.21 ? 1583 TYR A N   1 
ATOM   501  C CA  . TYR A 1 76  ? 11.384  -7.620  -3.714  1.00 16.17 ? 1583 TYR A CA  1 
ATOM   502  C C   . TYR A 1 76  ? 12.000  -8.275  -2.485  1.00 18.70 ? 1583 TYR A C   1 
ATOM   503  O O   . TYR A 1 76  ? 13.194  -8.102  -2.219  1.00 21.54 ? 1583 TYR A O   1 
ATOM   504  C CB  . TYR A 1 76  ? 11.983  -8.231  -4.979  1.00 18.43 ? 1583 TYR A CB  1 
ATOM   505  C CG  . TYR A 1 76  ? 11.821  -9.715  -5.054  1.00 17.14 ? 1583 TYR A CG  1 
ATOM   506  C CD1 . TYR A 1 76  ? 12.711  -10.570 -4.381  1.00 20.69 ? 1583 TYR A CD1 1 
ATOM   507  C CD2 . TYR A 1 76  ? 10.789  -10.282 -5.778  1.00 17.45 ? 1583 TYR A CD2 1 
ATOM   508  C CE1 . TYR A 1 76  ? 12.547  -11.961 -4.451  1.00 19.27 ? 1583 TYR A CE1 1 
ATOM   509  C CE2 . TYR A 1 76  ? 10.618  -11.657 -5.860  1.00 18.40 ? 1583 TYR A CE2 1 
ATOM   510  C CZ  . TYR A 1 76  ? 11.501  -12.499 -5.193  1.00 18.25 ? 1583 TYR A CZ  1 
ATOM   511  O OH  . TYR A 1 76  ? 11.305  -13.861 -5.292  1.00 21.65 ? 1583 TYR A OH  1 
ATOM   512  N N   . VAL A 1 77  ? 11.192  -8.979  -1.710  1.00 18.00 ? 1584 VAL A N   1 
ATOM   513  C CA  . VAL A 1 77  ? 11.718  -9.667  -0.511  1.00 19.17 ? 1584 VAL A CA  1 
ATOM   514  C C   . VAL A 1 77  ? 10.985  -10.999 -0.328  1.00 18.10 ? 1584 VAL A C   1 
ATOM   515  O O   . VAL A 1 77  ? 9.788   -11.035 -0.094  1.00 18.26 ? 1584 VAL A O   1 
ATOM   516  C CB  . VAL A 1 77  ? 11.555  -8.781  0.762   1.00 25.83 ? 1584 VAL A CB  1 
ATOM   517  C CG1 . VAL A 1 77  ? 10.124  -8.276  0.875   1.00 31.45 ? 1584 VAL A CG1 1 
ATOM   518  C CG2 . VAL A 1 77  ? 11.958  -9.559  2.016   1.00 28.96 ? 1584 VAL A CG2 1 
ATOM   519  N N   . ASP A 1 78  ? 11.719  -12.102 -0.462  1.00 19.06 ? 1585 ASP A N   1 
ATOM   520  C CA  . ASP A 1 78  ? 11.170  -13.444 -0.299  1.00 19.64 ? 1585 ASP A CA  1 
ATOM   521  C C   . ASP A 1 78  ? 9.848   -13.672 -1.025  1.00 15.91 ? 1585 ASP A C   1 
ATOM   522  O O   . ASP A 1 78  ? 8.845   -14.093 -0.440  1.00 20.47 ? 1585 ASP A O   1 
ATOM   523  C CB  . ASP A 1 78  ? 11.022  -13.786 1.205   1.00 22.48 ? 1585 ASP A CB  1 
ATOM   524  C CG  . ASP A 1 78  ? 12.374  -13.901 1.924   1.00 23.49 ? 1585 ASP A CG  1 
ATOM   525  O OD1 . ASP A 1 78  ? 13.309  -14.477 1.325   1.00 27.40 ? 1585 ASP A OD1 1 
ATOM   526  O OD2 . ASP A 1 78  ? 12.511  -13.429 3.072   1.00 24.18 ? 1585 ASP A OD2 1 
ATOM   527  N N   . GLN A 1 79  ? 9.869   -13.354 -2.325  1.00 17.39 ? 1586 GLN A N   1 
ATOM   528  C CA  . GLN A 1 79  ? 8.731   -13.530 -3.238  1.00 20.17 ? 1586 GLN A CA  1 
ATOM   529  C C   . GLN A 1 79  ? 7.609   -12.518 -3.095  1.00 18.43 ? 1586 GLN A C   1 
ATOM   530  O O   . GLN A 1 79  ? 6.624   -12.580 -3.824  1.00 24.25 ? 1586 GLN A O   1 
ATOM   531  C CB  . GLN A 1 79  ? 8.169   -14.939 -3.124  1.00 23.61 ? 1586 GLN A CB  1 
ATOM   532  C CG  . GLN A 1 79  ? 9.249   -15.986 -3.426  1.00 29.85 ? 1586 GLN A CG  1 
ATOM   533  C CD  . GLN A 1 79  ? 8.846   -17.379 -3.022  1.00 45.84 ? 1586 GLN A CD  1 
ATOM   534  O OE1 . GLN A 1 79  ? 8.258   -18.120 -3.810  1.00 45.83 ? 1586 GLN A OE1 1 
ATOM   535  N NE2 . GLN A 1 79  ? 9.150   -17.745 -1.780  1.00 43.30 ? 1586 GLN A NE2 1 
ATOM   536  N N   . VAL A 1 80  ? 7.781   -11.575 -2.187  1.00 15.55 ? 1587 VAL A N   1 
ATOM   537  C CA  . VAL A 1 80  ? 6.771   -10.536 -1.971  1.00 14.54 ? 1587 VAL A CA  1 
ATOM   538  C C   . VAL A 1 80  ? 7.294   -9.244  -2.552  1.00 15.91 ? 1587 VAL A C   1 
ATOM   539  O O   . VAL A 1 80  ? 8.496   -8.955  -2.514  1.00 16.15 ? 1587 VAL A O   1 
ATOM   540  C CB  . VAL A 1 80  ? 6.552   -10.338 -0.457  1.00 17.03 ? 1587 VAL A CB  1 
ATOM   541  C CG1 . VAL A 1 80  ? 5.687   -9.085  -0.189  1.00 22.88 ? 1587 VAL A CG1 1 
ATOM   542  C CG2 . VAL A 1 80  ? 5.948   -11.613 0.142   1.00 20.11 ? 1587 VAL A CG2 1 
ATOM   543  N N   . LEU A 1 81  ? 6.388   -8.463  -3.142  1.00 13.42 ? 1588 LEU A N   1 
ATOM   544  C CA  . LEU A 1 81  ? 6.749   -7.147  -3.658  1.00 13.39 ? 1588 LEU A CA  1 
ATOM   545  C C   . LEU A 1 81  ? 6.207   -6.191  -2.610  1.00 13.27 ? 1588 LEU A C   1 
ATOM   546  O O   . LEU A 1 81  ? 5.083   -6.380  -2.121  1.00 18.34 ? 1588 LEU A O   1 
ATOM   547  C CB  . LEU A 1 81  ? 6.117   -6.875  -5.022  1.00 15.70 ? 1588 LEU A CB  1 
ATOM   548  C CG  . LEU A 1 81  ? 6.102   -8.054  -5.997  1.00 13.84 ? 1588 LEU A CG  1 
ATOM   549  C CD1 . LEU A 1 81  ? 5.505   -7.608  -7.341  1.00 18.52 ? 1588 LEU A CD1 1 
ATOM   550  C CD2 . LEU A 1 81  ? 7.543   -8.559  -6.204  1.00 17.32 ? 1588 LEU A CD2 1 
ATOM   551  N N   . GLN A 1 82  ? 6.968   -5.189  -2.227  1.00 12.71 ? 1589 GLN A N   1 
ATOM   552  C CA  . GLN A 1 82  ? 6.490   -4.308  -1.182  1.00 11.92 ? 1589 GLN A CA  1 
ATOM   553  C C   . GLN A 1 82  ? 6.823   -2.841  -1.387  1.00 12.82 ? 1589 GLN A C   1 
ATOM   554  O O   . GLN A 1 82  ? 7.883   -2.490  -1.920  1.00 13.98 ? 1589 GLN A O   1 
ATOM   555  C CB  . GLN A 1 82  ? 7.087   -4.787  0.153   1.00 12.94 ? 1589 GLN A CB  1 
ATOM   556  C CG  . GLN A 1 82  ? 6.531   -4.107  1.391   1.00 13.13 ? 1589 GLN A CG  1 
ATOM   557  C CD  . GLN A 1 82  ? 7.014   -4.824  2.680   1.00 12.90 ? 1589 GLN A CD  1 
ATOM   558  O OE1 . GLN A 1 82  ? 6.319   -5.692  3.239   1.00 15.20 ? 1589 GLN A OE1 1 
ATOM   559  N NE2 . GLN A 1 82  ? 8.177   -4.438  3.150   1.00 12.82 ? 1589 GLN A NE2 1 
ATOM   560  N N   . LEU A 1 83  ? 5.880   -1.997  -0.962  1.00 12.54 ? 1590 LEU A N   1 
ATOM   561  C CA  . LEU A 1 83  ? 6.030   -0.542  -0.901  1.00 13.52 ? 1590 LEU A CA  1 
ATOM   562  C C   . LEU A 1 83  ? 5.866   -0.139  0.559   1.00 10.96 ? 1590 LEU A C   1 
ATOM   563  O O   . LEU A 1 83  ? 5.117   -0.771  1.290   1.00 12.53 ? 1590 LEU A O   1 
ATOM   564  C CB  . LEU A 1 83  ? 4.904   0.181   -1.670  1.00 12.08 ? 1590 LEU A CB  1 
ATOM   565  C CG  . LEU A 1 83  ? 4.954   0.031   -3.181  1.00 13.00 ? 1590 LEU A CG  1 
ATOM   566  C CD1 . LEU A 1 83  ? 3.608   0.496   -3.832  1.00 13.63 ? 1590 LEU A CD1 1 
ATOM   567  C CD2 . LEU A 1 83  ? 6.096   0.858   -3.724  1.00 19.26 ? 1590 LEU A CD2 1 
ATOM   568  N N   . VAL A 1 84  ? 6.579   0.903   0.983   1.00 12.51 ? 1591 VAL A N   1 
ATOM   569  C CA  . VAL A 1 84  ? 6.423   1.446   2.312   1.00 11.82 ? 1591 VAL A CA  1 
ATOM   570  C C   . VAL A 1 84  ? 6.264   2.952   2.154   1.00 12.38 ? 1591 VAL A C   1 
ATOM   571  O O   . VAL A 1 84  ? 7.175   3.631   1.682   1.00 13.88 ? 1591 VAL A O   1 
ATOM   572  C CB  . VAL A 1 84  ? 7.633   1.152   3.229   1.00 13.57 ? 1591 VAL A CB  1 
ATOM   573  C CG1 . VAL A 1 84  ? 7.397   1.769   4.605   1.00 15.09 ? 1591 VAL A CG1 1 
ATOM   574  C CG2 . VAL A 1 84  ? 7.853   -0.362  3.298   1.00 16.09 ? 1591 VAL A CG2 1 
ATOM   575  N N   . TYR A 1 85  ? 5.083   3.451   2.491   1.00 11.28 ? 1592 TYR A N   1 
ATOM   576  C CA  . TYR A 1 85  ? 4.824   4.889   2.442   1.00 11.55 ? 1592 TYR A CA  1 
ATOM   577  C C   . TYR A 1 85  ? 5.012   5.417   3.865   1.00 12.26 ? 1592 TYR A C   1 
ATOM   578  O O   . TYR A 1 85  ? 4.271   5.090   4.768   1.00 12.86 ? 1592 TYR A O   1 
ATOM   579  C CB  . TYR A 1 85  ? 3.391   5.190   1.990   1.00 10.73 ? 1592 TYR A CB  1 
ATOM   580  C CG  . TYR A 1 85  ? 3.011   4.742   0.610   1.00 10.18 ? 1592 TYR A CG  1 
ATOM   581  C CD1 . TYR A 1 85  ? 3.956   4.400   -0.363  1.00 11.42 ? 1592 TYR A CD1 1 
ATOM   582  C CD2 . TYR A 1 85  ? 1.667   4.742   0.243   1.00 11.73 ? 1592 TYR A CD2 1 
ATOM   583  C CE1 . TYR A 1 85  ? 3.546   4.066   -1.693  1.00 11.68 ? 1592 TYR A CE1 1 
ATOM   584  C CE2 . TYR A 1 85  ? 1.255   4.417   -1.068  1.00 11.05 ? 1592 TYR A CE2 1 
ATOM   585  C CZ  . TYR A 1 85  ? 2.187   4.088   -2.010  1.00 10.23 ? 1592 TYR A CZ  1 
ATOM   586  O OH  . TYR A 1 85  ? 1.814   3.777   -3.322  1.00 13.16 ? 1592 TYR A OH  1 
ATOM   587  N N   . LYS A 1 86  ? 6.023   6.267   4.034   1.00 14.42 ? 1593 LYS A N   1 
ATOM   588  C CA  . LYS A 1 86  ? 6.298   6.807   5.367   1.00 13.85 ? 1593 LYS A CA  1 
ATOM   589  C C   . LYS A 1 86  ? 5.937   8.268   5.476   1.00 14.69 ? 1593 LYS A C   1 
ATOM   590  O O   . LYS A 1 86  ? 5.406   8.887   4.537   1.00 15.34 ? 1593 LYS A O   1 
ATOM   591  C CB  . LYS A 1 86  ? 7.783   6.609   5.732   1.00 20.23 ? 1593 LYS A CB  1 
ATOM   592  C CG  . LYS A 1 86  ? 8.756   7.190   4.772   1.00 23.11 ? 1593 LYS A CG  1 
ATOM   593  C CD  . LYS A 1 86  ? 10.215  6.987   5.274   1.00 27.26 ? 1593 LYS A CD  1 
ATOM   594  C CE  . LYS A 1 86  ? 11.206  7.747   4.420   1.00 36.51 ? 1593 LYS A CE  1 
ATOM   595  N NZ  . LYS A 1 86  ? 12.608  7.666   4.945   1.00 35.61 ? 1593 LYS A NZ  1 
ATOM   596  N N   . ASP A 1 87  ? 6.190   8.825   6.650   1.00 14.67 ? 1594 ASP A N   1 
ATOM   597  C CA  . ASP A 1 87  ? 5.974   10.241  6.902   1.00 18.24 ? 1594 ASP A CA  1 
ATOM   598  C C   . ASP A 1 87  ? 4.514   10.647  6.788   1.00 13.56 ? 1594 ASP A C   1 
ATOM   599  O O   . ASP A 1 87  ? 4.181   11.674  6.210   1.00 14.60 ? 1594 ASP A O   1 
ATOM   600  C CB  . ASP A 1 87  ? 6.860   11.100  5.979   1.00 16.42 ? 1594 ASP A CB  1 
ATOM   601  C CG  . ASP A 1 87  ? 8.355   10.878  6.214   1.00 29.23 ? 1594 ASP A CG  1 
ATOM   602  O OD1 . ASP A 1 87  ? 8.743   10.530  7.353   1.00 30.94 ? 1594 ASP A OD1 1 
ATOM   603  O OD2 . ASP A 1 87  ? 9.134   11.063  5.253   1.00 39.42 ? 1594 ASP A OD2 1 
ATOM   604  N N   . GLY A 1 88  ? 3.664   9.788   7.330   1.00 14.11 ? 1595 GLY A N   1 
ATOM   605  C CA  . GLY A 1 88  ? 2.258   10.105  7.428   1.00 13.46 ? 1595 GLY A CA  1 
ATOM   606  C C   . GLY A 1 88  ? 2.001   11.117  8.553   1.00 13.37 ? 1595 GLY A C   1 
ATOM   607  O O   . GLY A 1 88  ? 2.943   11.747  9.074   1.00 15.90 ? 1595 GLY A O   1 
ATOM   608  N N   . SER A 1 89  ? 0.764   11.244  8.990   1.00 11.86 ? 1596 SER A N   1 
ATOM   609  C CA  . SER A 1 89  ? 0.347   12.192  10.023  1.00 11.48 ? 1596 SER A CA  1 
ATOM   610  C C   . SER A 1 89  ? 0.752   11.712  11.424  1.00 14.42 ? 1596 SER A C   1 
ATOM   611  O O   . SER A 1 89  ? 1.085   10.540  11.618  1.00 13.75 ? 1596 SER A O   1 
ATOM   612  C CB  . SER A 1 89  ? -1.180  12.373  9.939   1.00 13.74 ? 1596 SER A CB  1 
ATOM   613  O OG  . SER A 1 89  ? -1.843  11.139  10.182  1.00 13.73 ? 1596 SER A OG  1 
ATOM   614  N N   . PRO A 1 90  ? 0.647   12.582  12.438  1.00 13.81 ? 1597 PRO A N   1 
ATOM   615  C CA  . PRO A 1 90  ? 1.037   12.200  13.801  1.00 14.70 ? 1597 PRO A CA  1 
ATOM   616  C C   . PRO A 1 90  ? 0.274   11.002  14.364  1.00 18.05 ? 1597 PRO A C   1 
ATOM   617  O O   . PRO A 1 90  ? -0.958  10.934  14.298  1.00 17.41 ? 1597 PRO A O   1 
ATOM   618  C CB  . PRO A 1 90  ? 0.765   13.464  14.620  1.00 17.91 ? 1597 PRO A CB  1 
ATOM   619  C CG  . PRO A 1 90  ? 0.942   14.580  13.631  1.00 15.02 ? 1597 PRO A CG  1 
ATOM   620  C CD  . PRO A 1 90  ? 0.346   14.029  12.331  1.00 14.19 ? 1597 PRO A CD  1 
ATOM   621  N N   . CYS A 1 91  ? 1.028   10.087  14.964  1.00 18.07 ? 1598 CYS A N   1 
ATOM   622  C CA  . CYS A 1 91  ? 0.489   8.871   15.544  1.00 19.96 ? 1598 CYS A CA  1 
ATOM   623  C C   . CYS A 1 91  ? -0.294  9.154   16.826  1.00 21.57 ? 1598 CYS A C   1 
ATOM   624  O O   . CYS A 1 91  ? 0.266   9.686   17.782  1.00 28.30 ? 1598 CYS A O   1 
ATOM   625  C CB  . CYS A 1 91  ? 1.664   7.951   15.868  1.00 19.81 ? 1598 CYS A CB  1 
ATOM   626  S SG  . CYS A 1 91  ? 1.185   6.395   16.652  1.00 29.58 ? 1598 CYS A SG  1 
ATOM   627  N N   . PRO A 1 92  ? -1.574  8.788   16.890  1.00 17.46 ? 1599 PRO A N   1 
ATOM   628  C CA  . PRO A 1 92  ? -2.392  9.026   18.089  1.00 21.38 ? 1599 PRO A CA  1 
ATOM   629  C C   . PRO A 1 92  ? -1.999  8.194   19.309  1.00 31.51 ? 1599 PRO A C   1 
ATOM   630  O O   . PRO A 1 92  ? -2.229  8.596   20.461  1.00 30.39 ? 1599 PRO A O   1 
ATOM   631  C CB  . PRO A 1 92  ? -3.802  8.671   17.629  1.00 26.05 ? 1599 PRO A CB  1 
ATOM   632  C CG  . PRO A 1 92  ? -3.735  8.788   16.116  1.00 32.96 ? 1599 PRO A CG  1 
ATOM   633  C CD  . PRO A 1 92  ? -2.399  8.224   15.800  1.00 20.69 ? 1599 PRO A CD  1 
ATOM   634  N N   . SER A 1 93  ? -1.419  7.027   19.050  1.00 28.59 ? 1600 SER A N   1 
ATOM   635  C CA  . SER A 1 93  ? -1.039  6.102   20.113  1.00 29.35 ? 1600 SER A CA  1 
ATOM   636  C C   . SER A 1 93  ? 0.357   6.292   20.697  1.00 32.12 ? 1600 SER A C   1 
ATOM   637  O O   . SER A 1 93  ? 0.606   5.863   21.824  1.00 45.14 ? 1600 SER A O   1 
ATOM   638  C CB  . SER A 1 93  ? -1.175  4.659   19.615  1.00 35.42 ? 1600 SER A CB  1 
ATOM   639  O OG  . SER A 1 93  ? -2.496  4.383   19.190  1.00 49.09 ? 1600 SER A OG  1 
ATOM   640  N N   . LYS A 1 94  ? 1.260   6.945   19.966  1.00 28.26 ? 1601 LYS A N   1 
ATOM   641  C CA  . LYS A 1 94  ? 2.636   7.133   20.446  1.00 32.75 ? 1601 LYS A CA  1 
ATOM   642  C C   . LYS A 1 94  ? 3.240   8.456   20.003  1.00 34.14 ? 1601 LYS A C   1 
ATOM   643  O O   . LYS A 1 94  ? 3.499   8.671   18.815  1.00 30.92 ? 1601 LYS A O   1 
ATOM   644  C CB  . LYS A 1 94  ? 3.536   5.999   19.942  1.00 34.78 ? 1601 LYS A CB  1 
ATOM   645  C CG  . LYS A 1 94  ? 2.885   4.624   19.957  1.00 37.91 ? 1601 LYS A CG  1 
ATOM   646  C CD  . LYS A 1 94  ? 2.610   4.130   21.371  1.00 45.57 ? 1601 LYS A CD  1 
ATOM   647  C CE  . LYS A 1 94  ? 1.458   3.123   21.375  1.00 40.32 ? 1601 LYS A CE  1 
ATOM   648  N NZ  . LYS A 1 94  ? 1.159   2.597   22.742  1.00 46.09 ? 1601 LYS A NZ  1 
ATOM   649  N N   . SER A 1 95  ? 3.498   9.335   20.965  1.00 29.51 ? 1602 SER A N   1 
ATOM   650  C CA  . SER A 1 95  ? 4.075   10.630  20.659  1.00 27.35 ? 1602 SER A CA  1 
ATOM   651  C C   . SER A 1 95  ? 5.411   10.508  19.953  1.00 24.38 ? 1602 SER A C   1 
ATOM   652  O O   . SER A 1 95  ? 6.226   9.627   20.292  1.00 27.27 ? 1602 SER A O   1 
ATOM   653  C CB  . SER A 1 95  ? 4.264   11.453  21.941  1.00 35.73 ? 1602 SER A CB  1 
ATOM   654  O OG  . SER A 1 95  ? 3.021   11.750  22.551  1.00 39.62 ? 1602 SER A OG  1 
ATOM   655  N N   . GLY A 1 96  ? 5.626   11.395  18.979  1.00 22.64 ? 1603 GLY A N   1 
ATOM   656  C CA  . GLY A 1 96  ? 6.856   11.430  18.217  1.00 24.63 ? 1603 GLY A CA  1 
ATOM   657  C C   . GLY A 1 96  ? 6.869   10.617  16.939  1.00 24.13 ? 1603 GLY A C   1 
ATOM   658  O O   . GLY A 1 96  ? 7.740   10.815  16.091  1.00 30.74 ? 1603 GLY A O   1 
ATOM   659  N N   . LEU A 1 97  ? 5.905   9.712   16.795  1.00 23.59 ? 1604 LEU A N   1 
ATOM   660  C CA  . LEU A 1 97  ? 5.843   8.860   15.619  1.00 18.70 ? 1604 LEU A CA  1 
ATOM   661  C C   . LEU A 1 97  ? 4.810   9.357   14.617  1.00 18.11 ? 1604 LEU A C   1 
ATOM   662  O O   . LEU A 1 97  ? 3.859   10.054  14.995  1.00 19.01 ? 1604 LEU A O   1 
ATOM   663  C CB  . LEU A 1 97  ? 5.461   7.433   16.033  1.00 21.65 ? 1604 LEU A CB  1 
ATOM   664  C CG  . LEU A 1 97  ? 6.417   6.719   17.002  1.00 27.23 ? 1604 LEU A CG  1 
ATOM   665  C CD1 . LEU A 1 97  ? 5.869   5.314   17.376  1.00 26.80 ? 1604 LEU A CD1 1 
ATOM   666  C CD2 . LEU A 1 97  ? 7.783   6.631   16.341  1.00 31.19 ? 1604 LEU A CD2 1 
ATOM   667  N N   . SER A 1 98  ? 5.019   8.957   13.369  1.00 18.98 ? 1605 SER A N   1 
ATOM   668  C CA  . SER A 1 98  ? 4.143   9.292   12.242  1.00 17.91 ? 1605 SER A CA  1 
ATOM   669  C C   . SER A 1 98  ? 3.634   7.998   11.652  1.00 19.25 ? 1605 SER A C   1 
ATOM   670  O O   . SER A 1 98  ? 4.358   6.997   11.619  1.00 22.06 ? 1605 SER A O   1 
ATOM   671  C CB  . SER A 1 98  ? 4.921   9.994   11.139  1.00 20.39 ? 1605 SER A CB  1 
ATOM   672  O OG  . SER A 1 98  ? 5.429   11.263  11.559  1.00 26.68 ? 1605 SER A OG  1 
ATOM   673  N N   . TYR A 1 99  ? 2.397   8.029   11.162  1.00 14.93 ? 1606 TYR A N   1 
ATOM   674  C CA  . TYR A 1 99  ? 1.837   6.851   10.505  1.00 13.71 ? 1606 TYR A CA  1 
ATOM   675  C C   . TYR A 1 99  ? 2.689   6.470   9.295   1.00 15.09 ? 1606 TYR A C   1 
ATOM   676  O O   . TYR A 1 99  ? 3.317   7.286   8.607   1.00 15.65 ? 1606 TYR A O   1 
ATOM   677  C CB  . TYR A 1 99  ? 0.411   7.150   9.996   1.00 12.82 ? 1606 TYR A CB  1 
ATOM   678  C CG  . TYR A 1 99  ? -0.722  6.921   10.974  1.00 14.68 ? 1606 TYR A CG  1 
ATOM   679  C CD1 . TYR A 1 99  ? -1.484  7.984   11.466  1.00 14.43 ? 1606 TYR A CD1 1 
ATOM   680  C CD2 . TYR A 1 99  ? -1.109  5.636   11.338  1.00 19.62 ? 1606 TYR A CD2 1 
ATOM   681  C CE1 . TYR A 1 99  ? -2.593  7.779   12.287  1.00 17.10 ? 1606 TYR A CE1 1 
ATOM   682  C CE2 . TYR A 1 99  ? -2.236  5.414   12.166  1.00 21.67 ? 1606 TYR A CE2 1 
ATOM   683  C CZ  . TYR A 1 99  ? -2.969  6.510   12.641  1.00 21.42 ? 1606 TYR A CZ  1 
ATOM   684  O OH  . TYR A 1 99  ? -4.052  6.338   13.485  1.00 24.57 ? 1606 TYR A OH  1 
ATOM   685  N N   . LYS A 1 100 ? 2.725   5.169   9.035   1.00 13.77 ? 1607 LYS A N   1 
ATOM   686  C CA  . LYS A 1 100 ? 3.381   4.627   7.851   1.00 14.53 ? 1607 LYS A CA  1 
ATOM   687  C C   . LYS A 1 100 ? 2.501   3.466   7.344   1.00 12.51 ? 1607 LYS A C   1 
ATOM   688  O O   . LYS A 1 100 ? 1.797   2.822   8.131   1.00 14.12 ? 1607 LYS A O   1 
ATOM   689  C CB  . LYS A 1 100 ? 4.796   4.132   8.160   1.00 21.88 ? 1607 LYS A CB  1 
ATOM   690  C CG  . LYS A 1 100 ? 4.832   2.907   9.031   1.00 28.95 ? 1607 LYS A CG  1 
ATOM   691  C CD  . LYS A 1 100 ? 6.236   2.553   9.512   1.00 39.28 ? 1607 LYS A CD  1 
ATOM   692  C CE  . LYS A 1 100 ? 7.105   2.003   8.398   1.00 37.54 ? 1607 LYS A CE  1 
ATOM   693  N NZ  . LYS A 1 100 ? 8.286   1.286   8.969   1.00 46.20 ? 1607 LYS A NZ  1 
ATOM   694  N N   . SER A 1 101 ? 2.547   3.237   6.038   1.00 11.82 ? 1608 SER A N   1 
ATOM   695  C CA  . SER A 1 101 ? 1.751   2.149   5.435   1.00 11.98 ? 1608 SER A CA  1 
ATOM   696  C C   . SER A 1 101 ? 2.667   1.199   4.672   1.00 12.02 ? 1608 SER A C   1 
ATOM   697  O O   . SER A 1 101 ? 3.461   1.630   3.830   1.00 12.96 ? 1608 SER A O   1 
ATOM   698  C CB  . SER A 1 101 ? 0.714   2.722   4.444   1.00 11.93 ? 1608 SER A CB  1 
ATOM   699  O OG  . SER A 1 101 ? -0.324  3.401   5.109   1.00 13.70 ? 1608 SER A OG  1 
ATOM   700  N N   . VAL A 1 102 ? 2.565   -0.095  4.987   1.00 12.46 ? 1609 VAL A N   1 
ATOM   701  C CA  . VAL A 1 102 ? 3.340   -1.135  4.309   1.00 12.36 ? 1609 VAL A CA  1 
ATOM   702  C C   . VAL A 1 102 ? 2.340   -1.853  3.401   1.00 10.81 ? 1609 VAL A C   1 
ATOM   703  O O   . VAL A 1 102 ? 1.290   -2.315  3.876   1.00 12.18 ? 1609 VAL A O   1 
ATOM   704  C CB  . VAL A 1 102 ? 3.930   -2.097  5.340   1.00 12.40 ? 1609 VAL A CB  1 
ATOM   705  C CG1 . VAL A 1 102 ? 4.630   -3.243  4.632   1.00 13.06 ? 1609 VAL A CG1 1 
ATOM   706  C CG2 . VAL A 1 102 ? 4.913   -1.319  6.262   1.00 16.23 ? 1609 VAL A CG2 1 
ATOM   707  N N   . ILE A 1 103 ? 2.637   -1.915  2.111   1.00 11.31 ? 1610 ILE A N   1 
ATOM   708  C CA  . ILE A 1 103 ? 1.717   -2.544  1.150   1.00 12.08 ? 1610 ILE A CA  1 
ATOM   709  C C   . ILE A 1 103 ? 2.476   -3.717  0.528   1.00 10.43 ? 1610 ILE A C   1 
ATOM   710  O O   . ILE A 1 103 ? 3.482   -3.524  -0.157  1.00 11.42 ? 1610 ILE A O   1 
ATOM   711  C CB  . ILE A 1 103 ? 1.271   -1.528  0.061   1.00 12.79 ? 1610 ILE A CB  1 
ATOM   712  C CG1 . ILE A 1 103 ? 0.654   -0.272  0.716   1.00 14.88 ? 1610 ILE A CG1 1 
ATOM   713  C CG2 . ILE A 1 103 ? 0.252   -2.197  -0.867  1.00 13.78 ? 1610 ILE A CG2 1 
ATOM   714  C CD1 . ILE A 1 103 ? 0.526   0.933   -0.236  1.00 17.75 ? 1610 ILE A CD1 1 
ATOM   715  N N   . SER A 1 104 ? 1.962   -4.908  0.799   1.00 9.40  ? 1611 SER A N   1 
ATOM   716  C CA  . SER A 1 104 ? 2.631   -6.158  0.386   1.00 10.49 ? 1611 SER A CA  1 
ATOM   717  C C   . SER A 1 104 ? 1.825   -6.917  -0.663  1.00 10.88 ? 1611 SER A C   1 
ATOM   718  O O   . SER A 1 104 ? 0.663   -7.234  -0.451  1.00 12.41 ? 1611 SER A O   1 
ATOM   719  C CB  . SER A 1 104 ? 2.840   -7.054  1.623   1.00 11.65 ? 1611 SER A CB  1 
ATOM   720  O OG  . SER A 1 104 ? 3.612   -6.368  2.609   1.00 11.44 ? 1611 SER A OG  1 
ATOM   721  N N   . PHE A 1 105 ? 2.455   -7.179  -1.810  1.00 12.46 ? 1612 PHE A N   1 
ATOM   722  C CA  . PHE A 1 105 ? 1.813   -7.883  -2.923  1.00 10.92 ? 1612 PHE A CA  1 
ATOM   723  C C   . PHE A 1 105 ? 2.362   -9.291  -2.937  1.00 13.23 ? 1612 PHE A C   1 
ATOM   724  O O   . PHE A 1 105 ? 3.601   -9.480  -3.000  1.00 14.26 ? 1612 PHE A O   1 
ATOM   725  C CB  . PHE A 1 105 ? 2.137   -7.204  -4.267  1.00 13.86 ? 1612 PHE A CB  1 
ATOM   726  C CG  . PHE A 1 105 ? 1.716   -5.756  -4.344  1.00 12.80 ? 1612 PHE A CG  1 
ATOM   727  C CD1 . PHE A 1 105 ? 2.542   -4.753  -3.853  1.00 13.95 ? 1612 PHE A CD1 1 
ATOM   728  C CD2 . PHE A 1 105 ? 0.494   -5.416  -4.925  1.00 15.31 ? 1612 PHE A CD2 1 
ATOM   729  C CE1 . PHE A 1 105 ? 2.159   -3.410  -3.935  1.00 17.98 ? 1612 PHE A CE1 1 
ATOM   730  C CE2 . PHE A 1 105 ? 0.112   -4.073  -5.002  1.00 15.70 ? 1612 PHE A CE2 1 
ATOM   731  C CZ  . PHE A 1 105 ? 0.947   -3.097  -4.507  1.00 15.37 ? 1612 PHE A CZ  1 
ATOM   732  N N   . VAL A 1 106 ? 1.447   -10.246 -2.881  1.00 13.12 ? 1613 VAL A N   1 
ATOM   733  C CA  . VAL A 1 106 ? 1.762   -11.672 -2.846  1.00 15.38 ? 1613 VAL A CA  1 
ATOM   734  C C   . VAL A 1 106 ? 1.127   -12.384 -4.022  1.00 13.16 ? 1613 VAL A C   1 
ATOM   735  O O   . VAL A 1 106 ? 0.000   -12.073 -4.418  1.00 14.37 ? 1613 VAL A O   1 
ATOM   736  C CB  . VAL A 1 106 ? 1.214   -12.291 -1.518  1.00 17.90 ? 1613 VAL A CB  1 
ATOM   737  C CG1 . VAL A 1 106 ? 1.445   -13.799 -1.490  1.00 18.47 ? 1613 VAL A CG1 1 
ATOM   738  C CG2 . VAL A 1 106 ? 1.874   -11.607 -0.319  1.00 22.62 ? 1613 VAL A CG2 1 
ATOM   739  N N   . CYS A 1 107 ? 1.855   -13.347 -4.585  1.00 15.23 ? 1614 CYS A N   1 
ATOM   740  C CA  . CYS A 1 107 ? 1.310   -14.067 -5.705  1.00 15.53 ? 1614 CYS A CA  1 
ATOM   741  C C   . CYS A 1 107 ? 0.027   -14.800 -5.393  1.00 16.46 ? 1614 CYS A C   1 
ATOM   742  O O   . CYS A 1 107 ? -0.067  -15.481 -4.379  1.00 15.79 ? 1614 CYS A O   1 
ATOM   743  C CB  . CYS A 1 107 ? 2.340   -15.089 -6.195  1.00 18.11 ? 1614 CYS A CB  1 
ATOM   744  S SG  . CYS A 1 107 ? 1.698   -16.357 -7.364  1.00 22.69 ? 1614 CYS A SG  1 
ATOM   745  N N   . ARG A 1 108 ? -0.954  -14.649 -6.261  1.00 15.10 ? 1615 ARG A N   1 
ATOM   746  C CA  . ARG A 1 108 ? -2.200  -15.380 -6.178  1.00 18.24 ? 1615 ARG A CA  1 
ATOM   747  C C   . ARG A 1 108 ? -2.415  -15.749 -7.654  1.00 20.25 ? 1615 ARG A C   1 
ATOM   748  O O   . ARG A 1 108 ? -2.784  -14.907 -8.461  1.00 21.08 ? 1615 ARG A O   1 
ATOM   749  C CB  . ARG A 1 108 ? -3.348  -14.496 -5.666  1.00 19.73 ? 1615 ARG A CB  1 
ATOM   750  C CG  . ARG A 1 108 ? -4.571  -15.314 -5.289  1.00 21.88 ? 1615 ARG A CG  1 
ATOM   751  C CD  . ARG A 1 108 ? -5.728  -14.470 -4.793  1.00 23.86 ? 1615 ARG A CD  1 
ATOM   752  N NE  . ARG A 1 108 ? -6.861  -15.360 -4.553  1.00 31.55 ? 1615 ARG A NE  1 
ATOM   753  C CZ  . ARG A 1 108 ? -7.783  -15.166 -3.624  1.00 31.54 ? 1615 ARG A CZ  1 
ATOM   754  N NH1 . ARG A 1 108 ? -7.711  -14.111 -2.839  1.00 30.38 ? 1615 ARG A NH1 1 
ATOM   755  N NH2 . ARG A 1 108 ? -8.793  -16.017 -3.500  1.00 45.27 ? 1615 ARG A NH2 1 
ATOM   756  N N   . PRO A 1 109 ? -2.190  -17.015 -8.018  1.00 21.43 ? 1616 PRO A N   1 
ATOM   757  C CA  . PRO A 1 109 ? -2.364  -17.409 -9.421  1.00 21.44 ? 1616 PRO A CA  1 
ATOM   758  C C   . PRO A 1 109 ? -3.709  -17.037 -10.026 1.00 20.34 ? 1616 PRO A C   1 
ATOM   759  O O   . PRO A 1 109 ? -3.763  -16.621 -11.188 1.00 25.92 ? 1616 PRO A O   1 
ATOM   760  C CB  . PRO A 1 109 ? -2.116  -18.912 -9.388  1.00 26.10 ? 1616 PRO A CB  1 
ATOM   761  C CG  . PRO A 1 109 ? -1.090  -19.047 -8.302  1.00 27.62 ? 1616 PRO A CG  1 
ATOM   762  C CD  . PRO A 1 109 ? -1.667  -18.130 -7.214  1.00 24.31 ? 1616 PRO A CD  1 
ATOM   763  N N   . GLU A 1 110 ? -4.781  -17.185 -9.260  1.00 19.97 ? 1617 GLU A N   1 
ATOM   764  C CA  . GLU A 1 110 ? -6.104  -16.804 -9.740  1.00 21.36 ? 1617 GLU A CA  1 
ATOM   765  C C   . GLU A 1 110 ? -6.527  -15.554 -8.963  1.00 20.68 ? 1617 GLU A C   1 
ATOM   766  O O   . GLU A 1 110 ? -6.498  -15.553 -7.738  1.00 23.22 ? 1617 GLU A O   1 
ATOM   767  C CB  . GLU A 1 110 ? -7.108  -17.942 -9.529  1.00 26.55 ? 1617 GLU A CB  1 
ATOM   768  C CG  . GLU A 1 110 ? -6.678  -19.240 -10.222 1.00 31.93 ? 1617 GLU A CG  1 
ATOM   769  C CD  . GLU A 1 110 ? -7.812  -20.238 -10.390 1.00 44.44 ? 1617 GLU A CD  1 
ATOM   770  O OE1 . GLU A 1 110 ? -8.769  -19.933 -11.140 1.00 50.02 ? 1617 GLU A OE1 1 
ATOM   771  O OE2 . GLU A 1 110 ? -7.747  -21.329 -9.775  1.00 49.92 ? 1617 GLU A OE2 1 
ATOM   772  N N   . ALA A 1 111 ? -6.935  -14.505 -9.668  1.00 19.83 ? 1618 ALA A N   1 
ATOM   773  C CA  . ALA A 1 111 ? -7.344  -13.261 -8.995  1.00 17.51 ? 1618 ALA A CA  1 
ATOM   774  C C   . ALA A 1 111 ? -8.528  -13.543 -8.071  1.00 17.17 ? 1618 ALA A C   1 
ATOM   775  O O   . ALA A 1 111 ? -9.396  -14.375 -8.374  1.00 19.70 ? 1618 ALA A O   1 
ATOM   776  C CB  . ALA A 1 111 ? -7.732  -12.186 -10.029 1.00 24.25 ? 1618 ALA A CB  1 
ATOM   777  N N   . GLY A 1 112 ? -8.555  -12.861 -6.928  1.00 17.73 ? 1619 GLY A N   1 
ATOM   778  C CA  . GLY A 1 112 ? -9.637  -13.021 -5.977  1.00 20.64 ? 1619 GLY A CA  1 
ATOM   779  C C   . GLY A 1 112 ? -10.942 -12.433 -6.500  1.00 17.53 ? 1619 GLY A C   1 
ATOM   780  O O   . GLY A 1 112 ? -10.929 -11.573 -7.399  1.00 18.43 ? 1619 GLY A O   1 
ATOM   781  N N   . PRO A 1 113 ? -12.083 -12.851 -5.936  1.00 17.72 ? 1620 PRO A N   1 
ATOM   782  C CA  . PRO A 1 113 ? -13.366 -12.331 -6.411  1.00 18.59 ? 1620 PRO A CA  1 
ATOM   783  C C   . PRO A 1 113 ? -13.562 -10.832 -6.240  1.00 16.96 ? 1620 PRO A C   1 
ATOM   784  O O   . PRO A 1 113 ? -14.356 -10.235 -6.995  1.00 16.66 ? 1620 PRO A O   1 
ATOM   785  C CB  . PRO A 1 113 ? -14.392 -13.167 -5.651  1.00 26.18 ? 1620 PRO A CB  1 
ATOM   786  C CG  . PRO A 1 113 ? -13.693 -13.505 -4.387  1.00 26.61 ? 1620 PRO A CG  1 
ATOM   787  C CD  . PRO A 1 113 ? -12.279 -13.813 -4.830  1.00 21.52 ? 1620 PRO A CD  1 
ATOM   788  N N   . THR A 1 114 ? -12.890 -10.223 -5.262  1.00 17.89 ? 1621 THR A N   1 
ATOM   789  C CA  . THR A 1 114 ? -13.022 -8.773  -5.066  1.00 18.01 ? 1621 THR A CA  1 
ATOM   790  C C   . THR A 1 114 ? -11.798 -8.078  -5.655  1.00 19.37 ? 1621 THR A C   1 
ATOM   791  O O   . THR A 1 114 ? -11.941 -7.081  -6.377  1.00 18.81 ? 1621 THR A O   1 
ATOM   792  C CB  . THR A 1 114 ? -13.216 -8.445  -3.569  1.00 20.67 ? 1621 THR A CB  1 
ATOM   793  O OG1 . THR A 1 114 ? -14.356 -9.174  -3.087  1.00 28.68 ? 1621 THR A OG1 1 
ATOM   794  C CG2 . THR A 1 114 ? -13.468 -6.963  -3.389  1.00 22.97 ? 1621 THR A CG2 1 
ATOM   795  N N   . ASN A 1 115 ? -10.608 -8.605  -5.368  1.00 15.96 ? 1622 ASN A N   1 
ATOM   796  C CA  . ASN A 1 115 ? -9.344  -8.119  -5.920  1.00 15.29 ? 1622 ASN A CA  1 
ATOM   797  C C   . ASN A 1 115 ? -8.968  -6.704  -5.552  1.00 22.59 ? 1622 ASN A C   1 
ATOM   798  O O   . ASN A 1 115 ? -8.632  -5.870  -6.398  1.00 19.88 ? 1622 ASN A O   1 
ATOM   799  C CB  . ASN A 1 115 ? -9.353  -8.307  -7.456  1.00 16.35 ? 1622 ASN A CB  1 
ATOM   800  C CG  . ASN A 1 115 ? -7.991  -7.993  -8.115  1.00 18.07 ? 1622 ASN A CG  1 
ATOM   801  O OD1 . ASN A 1 115 ? -6.921  -8.225  -7.535  1.00 17.34 ? 1622 ASN A OD1 1 
ATOM   802  N ND2 . ASN A 1 115 ? -8.024  -7.464  -9.342  1.00 16.42 ? 1622 ASN A ND2 1 
ATOM   803  N N   . ARG A 1 116 ? -9.018  -6.426  -4.257  1.00 19.01 ? 1623 ARG A N   1 
ATOM   804  C CA  . ARG A 1 116 ? -8.617  -5.115  -3.769  1.00 17.68 ? 1623 ARG A CA  1 
ATOM   805  C C   . ARG A 1 116 ? -7.711  -5.328  -2.576  1.00 14.04 ? 1623 ARG A C   1 
ATOM   806  O O   . ARG A 1 116 ? -7.673  -6.389  -1.955  1.00 15.90 ? 1623 ARG A O   1 
ATOM   807  C CB  . ARG A 1 116 ? -9.805  -4.206  -3.366  1.00 22.96 ? 1623 ARG A CB  1 
ATOM   808  C CG  . ARG A 1 116 ? -10.810 -4.709  -2.317  1.00 26.19 ? 1623 ARG A CG  1 
ATOM   809  C CD  . ARG A 1 116 ? -11.505 -3.561  -1.524  1.00 32.60 ? 1623 ARG A CD  1 
ATOM   810  N NE  . ARG A 1 116 ? -12.083 -2.460  -2.315  1.00 23.46 ? 1623 ARG A NE  1 
ATOM   811  C CZ  . ARG A 1 116 ? -13.345 -2.400  -2.726  1.00 28.00 ? 1623 ARG A CZ  1 
ATOM   812  N NH1 . ARG A 1 116 ? -14.197 -3.385  -2.442  1.00 28.52 ? 1623 ARG A NH1 1 
ATOM   813  N NH2 . ARG A 1 116 ? -13.766 -1.334  -3.396  1.00 36.35 ? 1623 ARG A NH2 1 
ATOM   814  N N   . PRO A 1 117 ? -6.910  -4.320  -2.271  1.00 14.18 ? 1624 PRO A N   1 
ATOM   815  C CA  . PRO A 1 117 ? -6.012  -4.438  -1.128  1.00 13.79 ? 1624 PRO A CA  1 
ATOM   816  C C   . PRO A 1 117 ? -6.812  -4.515  0.157   1.00 13.82 ? 1624 PRO A C   1 
ATOM   817  O O   . PRO A 1 117 ? -7.942  -3.993  0.254   1.00 13.44 ? 1624 PRO A O   1 
ATOM   818  C CB  . PRO A 1 117 ? -5.162  -3.168  -1.215  1.00 14.69 ? 1624 PRO A CB  1 
ATOM   819  C CG  . PRO A 1 117 ? -6.103  -2.156  -1.878  1.00 18.23 ? 1624 PRO A CG  1 
ATOM   820  C CD  . PRO A 1 117 ? -6.790  -3.005  -2.922  1.00 14.39 ? 1624 PRO A CD  1 
ATOM   821  N N   . MET A 1 118 ? -6.242  -5.176  1.162   1.00 12.96 ? 1625 MET A N   1 
ATOM   822  C CA  . MET A 1 118 ? -6.894  -5.320  2.442   1.00 12.89 ? 1625 MET A CA  1 
ATOM   823  C C   . MET A 1 118 ? -6.010  -4.788  3.541   1.00 12.25 ? 1625 MET A C   1 
ATOM   824  O O   . MET A 1 118 ? -4.802  -5.011  3.527   1.00 13.80 ? 1625 MET A O   1 
ATOM   825  C CB  . MET A 1 118 ? -7.139  -6.804  2.735   1.00 20.63 ? 1625 MET A CB  1 
ATOM   826  C CG  . MET A 1 118 ? -8.032  -7.514  1.735   1.00 21.82 ? 1625 MET A CG  1 
ATOM   827  S SD  . MET A 1 118 ? -8.298  -9.219  2.257   1.00 48.55 ? 1625 MET A SD  1 
ATOM   828  C CE  . MET A 1 118 ? -9.376  -8.978  3.643   1.00 35.65 ? 1625 MET A CE  1 
ATOM   829  N N   . LEU A 1 119 ? -6.596  -4.056  4.486   1.00 11.84 ? 1626 LEU A N   1 
ATOM   830  C CA  . LEU A 1 119 ? -5.849  -3.605  5.655   1.00 12.95 ? 1626 LEU A CA  1 
ATOM   831  C C   . LEU A 1 119 ? -5.948  -4.760  6.626   1.00 13.44 ? 1626 LEU A C   1 
ATOM   832  O O   . LEU A 1 119 ? -7.015  -5.058  7.174   1.00 15.87 ? 1626 LEU A O   1 
ATOM   833  C CB  . LEU A 1 119 ? -6.531  -2.372  6.252   1.00 15.50 ? 1626 LEU A CB  1 
ATOM   834  C CG  . LEU A 1 119 ? -5.958  -1.906  7.587   1.00 16.01 ? 1626 LEU A CG  1 
ATOM   835  C CD1 . LEU A 1 119 ? -4.492  -1.577  7.534   1.00 16.34 ? 1626 LEU A CD1 1 
ATOM   836  C CD2 . LEU A 1 119 ? -6.738  -0.639  7.967   1.00 18.57 ? 1626 LEU A CD2 1 
ATOM   837  N N   . ILE A 1 120 ? -4.822  -5.429  6.871   1.00 12.28 ? 1627 ILE A N   1 
ATOM   838  C CA  . ILE A 1 120 ? -4.875  -6.602  7.748   1.00 13.73 ? 1627 ILE A CA  1 
ATOM   839  C C   . ILE A 1 120 ? -4.504  -6.366  9.210   1.00 12.92 ? 1627 ILE A C   1 
ATOM   840  O O   . ILE A 1 120 ? -4.946  -7.109  10.093  1.00 15.17 ? 1627 ILE A O   1 
ATOM   841  C CB  . ILE A 1 120 ? -4.016  -7.816  7.184   1.00 12.51 ? 1627 ILE A CB  1 
ATOM   842  C CG1 . ILE A 1 120 ? -2.525  -7.452  7.081   1.00 13.10 ? 1627 ILE A CG1 1 
ATOM   843  C CG2 . ILE A 1 120 ? -4.591  -8.262  5.822   1.00 14.04 ? 1627 ILE A CG2 1 
ATOM   844  C CD1 . ILE A 1 120 ? -1.640  -8.641  6.583   1.00 13.53 ? 1627 ILE A CD1 1 
ATOM   845  N N   . SER A 1 121 ? -3.722  -5.328  9.482   1.00 13.28 ? 1628 SER A N   1 
ATOM   846  C CA  . SER A 1 121 ? -3.294  -5.063  10.855  1.00 14.72 ? 1628 SER A CA  1 
ATOM   847  C C   . SER A 1 121 ? -2.845  -3.637  11.006  1.00 15.41 ? 1628 SER A C   1 
ATOM   848  O O   . SER A 1 121 ? -2.296  -3.044  10.099  1.00 15.55 ? 1628 SER A O   1 
ATOM   849  C CB  . SER A 1 121 ? -2.100  -5.961  11.214  1.00 14.51 ? 1628 SER A CB  1 
ATOM   850  O OG  . SER A 1 121 ? -1.940  -6.001  12.644  1.00 28.56 ? 1628 SER A OG  1 
ATOM   851  N N   . LEU A 1 122 ? -3.021  -3.117  12.213  1.00 19.63 ? 1629 LEU A N   1 
ATOM   852  C CA  . LEU A 1 122 ? -2.554  -1.777  12.520  1.00 23.67 ? 1629 LEU A CA  1 
ATOM   853  C C   . LEU A 1 122 ? -1.774  -1.950  13.798  1.00 22.07 ? 1629 LEU A C   1 
ATOM   854  O O   . LEU A 1 122 ? -2.376  -2.279  14.827  1.00 26.11 ? 1629 LEU A O   1 
ATOM   855  C CB  . LEU A 1 122 ? -3.732  -0.816  12.754  1.00 28.38 ? 1629 LEU A CB  1 
ATOM   856  C CG  . LEU A 1 122 ? -3.429  0.284   13.794  1.00 40.22 ? 1629 LEU A CG  1 
ATOM   857  C CD1 . LEU A 1 122 ? -2.257  1.134   13.327  1.00 34.09 ? 1629 LEU A CD1 1 
ATOM   858  C CD2 . LEU A 1 122 ? -4.665  1.143   14.023  1.00 38.88 ? 1629 LEU A CD2 1 
ATOM   859  N N   . ASP A 1 123 ? -0.457  -1.802  13.740  1.00 19.67 ? 1630 ASP A N   1 
ATOM   860  C CA  . ASP A 1 123 ? 0.349   -1.902  14.945  1.00 21.44 ? 1630 ASP A CA  1 
ATOM   861  C C   . ASP A 1 123 ? 0.302   -0.533  15.609  1.00 27.69 ? 1630 ASP A C   1 
ATOM   862  O O   . ASP A 1 123 ? 0.939   0.418   15.137  1.00 24.72 ? 1630 ASP A O   1 
ATOM   863  C CB  . ASP A 1 123 ? 1.796   -2.280  14.650  1.00 24.57 ? 1630 ASP A CB  1 
ATOM   864  C CG  . ASP A 1 123 ? 2.575   -2.565  15.926  1.00 40.70 ? 1630 ASP A CG  1 
ATOM   865  O OD1 . ASP A 1 123 ? 2.976   -1.604  16.617  1.00 38.28 ? 1630 ASP A OD1 1 
ATOM   866  O OD2 . ASP A 1 123 ? 2.750   -3.755  16.259  1.00 44.34 ? 1630 ASP A OD2 1 
ATOM   867  N N   . LYS A 1 124 ? -0.470  -0.446  16.690  1.00 26.93 ? 1631 LYS A N   1 
ATOM   868  C CA  . LYS A 1 124 ? -0.661  0.799   17.434  1.00 30.29 ? 1631 LYS A CA  1 
ATOM   869  C C   . LYS A 1 124 ? 0.584   1.324   18.129  1.00 29.49 ? 1631 LYS A C   1 
ATOM   870  O O   . LYS A 1 124 ? 0.668   2.516   18.437  1.00 33.75 ? 1631 LYS A O   1 
ATOM   871  C CB  . LYS A 1 124 ? -1.775  0.621   18.467  1.00 37.36 ? 1631 LYS A CB  1 
ATOM   872  C CG  . LYS A 1 124 ? -3.123  0.244   17.870  1.00 37.26 ? 1631 LYS A CG  1 
ATOM   873  C CD  . LYS A 1 124 ? -4.188  0.043   18.942  1.00 41.09 ? 1631 LYS A CD  1 
ATOM   874  C CE  . LYS A 1 124 ? -4.441  1.324   19.723  1.00 44.08 ? 1631 LYS A CE  1 
ATOM   875  N NZ  . LYS A 1 124 ? -5.365  1.093   20.867  1.00 44.51 ? 1631 LYS A NZ  1 
ATOM   876  N N   . GLN A 1 125 ? 1.540   0.451   18.400  1.00 28.31 ? 1632 GLN A N   1 
ATOM   877  C CA  . GLN A 1 125 ? 2.759   0.878   19.082  1.00 30.53 ? 1632 GLN A CA  1 
ATOM   878  C C   . GLN A 1 125 ? 3.738   1.581   18.156  1.00 32.16 ? 1632 GLN A C   1 
ATOM   879  O O   . GLN A 1 125 ? 4.659   2.265   18.602  1.00 33.19 ? 1632 GLN A O   1 
ATOM   880  C CB  . GLN A 1 125 ? 3.434   -0.325  19.735  1.00 30.13 ? 1632 GLN A CB  1 
ATOM   881  C CG  . GLN A 1 125 ? 2.578   -0.992  20.807  1.00 40.17 ? 1632 GLN A CG  1 
ATOM   882  C CD  . GLN A 1 125 ? 2.396   -0.124  22.051  1.00 36.70 ? 1632 GLN A CD  1 
ATOM   883  O OE1 . GLN A 1 125 ? 1.431   -0.289  22.799  1.00 47.64 ? 1632 GLN A OE1 1 
ATOM   884  N NE2 . GLN A 1 125 ? 3.332   0.794   22.279  1.00 40.85 ? 1632 GLN A NE2 1 
ATOM   885  N N   . THR A 1 126 ? 3.524   1.434   16.853  1.00 27.84 ? 1633 THR A N   1 
ATOM   886  C CA  . THR A 1 126 ? 4.409   2.062   15.880  1.00 30.79 ? 1633 THR A CA  1 
ATOM   887  C C   . THR A 1 126 ? 3.606   2.789   14.799  1.00 25.59 ? 1633 THR A C   1 
ATOM   888  O O   . THR A 1 126 ? 4.181   3.355   13.874  1.00 33.80 ? 1633 THR A O   1 
ATOM   889  C CB  . THR A 1 126 ? 5.321   1.002   15.201  1.00 31.49 ? 1633 THR A CB  1 
ATOM   890  O OG1 . THR A 1 126 ? 4.520   0.121   14.392  1.00 28.22 ? 1633 THR A OG1 1 
ATOM   891  C CG2 . THR A 1 126 ? 6.039   0.163   16.245  1.00 36.28 ? 1633 THR A CG2 1 
ATOM   892  N N   . CYS A 1 127 ? 2.284   2.806   14.948  1.00 23.98 ? 1634 CYS A N   1 
ATOM   893  C CA  . CYS A 1 127 ? 1.373   3.385   13.961  1.00 22.67 ? 1634 CYS A CA  1 
ATOM   894  C C   . CYS A 1 127 ? 1.708   2.941   12.529  1.00 23.07 ? 1634 CYS A C   1 
ATOM   895  O O   . CYS A 1 127 ? 1.820   3.737   11.594  1.00 23.28 ? 1634 CYS A O   1 
ATOM   896  C CB  . CYS A 1 127 ? 1.295   4.924   14.056  1.00 25.59 ? 1634 CYS A CB  1 
ATOM   897  S SG  . CYS A 1 127 ? 0.027   5.579   15.216  1.00 26.94 ? 1634 CYS A SG  1 
ATOM   898  N N   . THR A 1 128 ? 1.880   1.639   12.351  1.00 15.77 ? 1635 THR A N   1 
ATOM   899  C CA  . THR A 1 128 ? 2.149   1.101   11.023  1.00 15.07 ? 1635 THR A CA  1 
ATOM   900  C C   . THR A 1 128 ? 0.914   0.326   10.578  1.00 16.28 ? 1635 THR A C   1 
ATOM   901  O O   . THR A 1 128 ? 0.416   -0.552  11.301  1.00 15.65 ? 1635 THR A O   1 
ATOM   902  C CB  . THR A 1 128 ? 3.362   0.128   11.005  1.00 17.37 ? 1635 THR A CB  1 
ATOM   903  O OG1 . THR A 1 128 ? 4.549   0.816   11.423  1.00 19.99 ? 1635 THR A OG1 1 
ATOM   904  C CG2 . THR A 1 128 ? 3.576   -0.394  9.623   1.00 17.50 ? 1635 THR A CG2 1 
ATOM   905  N N   . LEU A 1 129 ? 0.381   0.683   9.406   1.00 12.38 ? 1636 LEU A N   1 
ATOM   906  C CA  . LEU A 1 129 ? -0.750  -0.010  8.796   1.00 11.95 ? 1636 LEU A CA  1 
ATOM   907  C C   . LEU A 1 129 ? -0.170  -1.052  7.837   1.00 13.04 ? 1636 LEU A C   1 
ATOM   908  O O   . LEU A 1 129 ? 0.611   -0.699  6.957   1.00 14.27 ? 1636 LEU A O   1 
ATOM   909  C CB  . LEU A 1 129 ? -1.640  0.962   7.999   1.00 13.65 ? 1636 LEU A CB  1 
ATOM   910  C CG  . LEU A 1 129 ? -2.630  1.793   8.804   1.00 14.30 ? 1636 LEU A CG  1 
ATOM   911  C CD1 . LEU A 1 129 ? -1.964  2.835   9.644   1.00 18.45 ? 1636 LEU A CD1 1 
ATOM   912  C CD2 . LEU A 1 129 ? -3.572  2.450   7.823   1.00 17.64 ? 1636 LEU A CD2 1 
ATOM   913  N N   . PHE A 1 130 ? -0.543  -2.312  8.009   1.00 11.36 ? 1637 PHE A N   1 
ATOM   914  C CA  . PHE A 1 130 ? -0.074  -3.377  7.119   1.00 9.77  ? 1637 PHE A CA  1 
ATOM   915  C C   . PHE A 1 130 ? -1.216  -3.791  6.193   1.00 8.29  ? 1637 PHE A C   1 
ATOM   916  O O   . PHE A 1 130 ? -2.293  -4.180  6.639   1.00 10.77 ? 1637 PHE A O   1 
ATOM   917  C CB  . PHE A 1 130 ? 0.373   -4.599  7.933   1.00 10.73 ? 1637 PHE A CB  1 
ATOM   918  C CG  . PHE A 1 130 ? 1.666   -4.392  8.668   1.00 10.88 ? 1637 PHE A CG  1 
ATOM   919  C CD1 . PHE A 1 130 ? 2.880   -4.544  8.008   1.00 11.73 ? 1637 PHE A CD1 1 
ATOM   920  C CD2 . PHE A 1 130 ? 1.660   -4.003  10.016  1.00 12.33 ? 1637 PHE A CD2 1 
ATOM   921  C CE1 . PHE A 1 130 ? 4.117   -4.311  8.702   1.00 13.88 ? 1637 PHE A CE1 1 
ATOM   922  C CE2 . PHE A 1 130 ? 2.891   -3.773  10.682  1.00 13.79 ? 1637 PHE A CE2 1 
ATOM   923  C CZ  . PHE A 1 130 ? 4.076   -3.926  10.034  1.00 13.82 ? 1637 PHE A CZ  1 
ATOM   924  N N   . PHE A 1 131 ? -0.932  -3.675  4.909   1.00 9.84  ? 1638 PHE A N   1 
ATOM   925  C CA  . PHE A 1 131 ? -1.885  -4.041  3.867   1.00 10.25 ? 1638 PHE A CA  1 
ATOM   926  C C   . PHE A 1 131 ? -1.345  -5.209  3.064   1.00 10.48 ? 1638 PHE A C   1 
ATOM   927  O O   . PHE A 1 131 ? -0.130  -5.331  2.861   1.00 11.16 ? 1638 PHE A O   1 
ATOM   928  C CB  . PHE A 1 131 ? -2.091  -2.888  2.845   1.00 12.73 ? 1638 PHE A CB  1 
ATOM   929  C CG  . PHE A 1 131 ? -2.671  -1.603  3.424   1.00 11.35 ? 1638 PHE A CG  1 
ATOM   930  C CD1 . PHE A 1 131 ? -1.842  -0.653  3.984   1.00 11.42 ? 1638 PHE A CD1 1 
ATOM   931  C CD2 . PHE A 1 131 ? -4.049  -1.362  3.368   1.00 12.74 ? 1638 PHE A CD2 1 
ATOM   932  C CE1 . PHE A 1 131 ? -2.342  0.541   4.508   1.00 12.96 ? 1638 PHE A CE1 1 
ATOM   933  C CE2 . PHE A 1 131 ? -4.565  -0.160  3.894   1.00 13.55 ? 1638 PHE A CE2 1 
ATOM   934  C CZ  . PHE A 1 131 ? -3.734  0.762   4.457   1.00 13.76 ? 1638 PHE A CZ  1 
ATOM   935  N N   . SER A 1 132 ? -2.248  -6.029  2.557   1.00 10.93 ? 1639 SER A N   1 
ATOM   936  C CA  . SER A 1 132 ? -1.878  -7.117  1.646   1.00 10.03 ? 1639 SER A CA  1 
ATOM   937  C C   . SER A 1 132 ? -2.725  -7.065  0.395   1.00 10.26 ? 1639 SER A C   1 
ATOM   938  O O   . SER A 1 132 ? -3.904  -6.628  0.416   1.00 10.95 ? 1639 SER A O   1 
ATOM   939  C CB  . SER A 1 132 ? -2.105  -8.485  2.307   1.00 11.75 ? 1639 SER A CB  1 
ATOM   940  O OG  . SER A 1 132 ? -3.442  -8.729  2.649   1.00 13.94 ? 1639 SER A OG  1 
ATOM   941  N N   . TRP A 1 133 ? -2.131  -7.471  -0.712  1.00 10.95 ? 1640 TRP A N   1 
ATOM   942  C CA  . TRP A 1 133 ? -2.898  -7.580  -1.952  1.00 11.55 ? 1640 TRP A CA  1 
ATOM   943  C C   . TRP A 1 133 ? -2.391  -8.863  -2.614  1.00 10.52 ? 1640 TRP A C   1 
ATOM   944  O O   . TRP A 1 133 ? -1.255  -8.939  -3.088  1.00 11.44 ? 1640 TRP A O   1 
ATOM   945  C CB  . TRP A 1 133 ? -2.690  -6.360  -2.857  1.00 11.16 ? 1640 TRP A CB  1 
ATOM   946  C CG  . TRP A 1 133 ? -3.718  -6.228  -3.963  1.00 11.97 ? 1640 TRP A CG  1 
ATOM   947  C CD1 . TRP A 1 133 ? -4.510  -7.212  -4.479  1.00 11.80 ? 1640 TRP A CD1 1 
ATOM   948  C CD2 . TRP A 1 133 ? -4.018  -5.037  -4.670  1.00 11.84 ? 1640 TRP A CD2 1 
ATOM   949  N NE1 . TRP A 1 133 ? -5.316  -6.683  -5.479  1.00 13.72 ? 1640 TRP A NE1 1 
ATOM   950  C CE2 . TRP A 1 133 ? -5.020  -5.356  -5.612  1.00 11.90 ? 1640 TRP A CE2 1 
ATOM   951  C CE3 . TRP A 1 133 ? -3.538  -3.721  -4.603  1.00 12.79 ? 1640 TRP A CE3 1 
ATOM   952  C CZ2 . TRP A 1 133 ? -5.562  -4.393  -6.485  1.00 15.03 ? 1640 TRP A CZ2 1 
ATOM   953  C CZ3 . TRP A 1 133 ? -4.078  -2.758  -5.470  1.00 14.54 ? 1640 TRP A CZ3 1 
ATOM   954  C CH2 . TRP A 1 133 ? -5.082  -3.111  -6.394  1.00 15.14 ? 1640 TRP A CH2 1 
ATOM   955  N N   . HIS A 1 134 ? -3.246  -9.866  -2.642  1.00 10.69 ? 1641 HIS A N   1 
ATOM   956  C CA  . HIS A 1 134 ? -2.905  -11.160 -3.264  1.00 13.70 ? 1641 HIS A CA  1 
ATOM   957  C C   . HIS A 1 134 ? -3.332  -10.986 -4.718  1.00 11.84 ? 1641 HIS A C   1 
ATOM   958  O O   . HIS A 1 134 ? -4.513  -10.845 -5.003  1.00 13.97 ? 1641 HIS A O   1 
ATOM   959  C CB  . HIS A 1 134 ? -3.660  -12.266 -2.531  1.00 13.81 ? 1641 HIS A CB  1 
ATOM   960  C CG  . HIS A 1 134 ? -3.157  -12.477 -1.132  1.00 14.69 ? 1641 HIS A CG  1 
ATOM   961  N ND1 . HIS A 1 134 ? -2.192  -13.411 -0.809  1.00 17.77 ? 1641 HIS A ND1 1 
ATOM   962  C CD2 . HIS A 1 134 ? -3.421  -11.798 0.006   1.00 12.43 ? 1641 HIS A CD2 1 
ATOM   963  C CE1 . HIS A 1 134 ? -1.878  -13.286 0.471   1.00 15.26 ? 1641 HIS A CE1 1 
ATOM   964  N NE2 . HIS A 1 134 ? -2.607  -12.315 0.992   1.00 17.87 ? 1641 HIS A NE2 1 
ATOM   965  N N   . THR A 1 135 ? -2.350  -10.976 -5.606  1.00 13.00 ? 1642 THR A N   1 
ATOM   966  C CA  . THR A 1 135 ? -2.585  -10.674 -7.017  1.00 14.63 ? 1642 THR A CA  1 
ATOM   967  C C   . THR A 1 135 ? -1.763  -11.524 -7.978  1.00 16.38 ? 1642 THR A C   1 
ATOM   968  O O   . THR A 1 135 ? -0.610  -11.888 -7.685  1.00 14.66 ? 1642 THR A O   1 
ATOM   969  C CB  . THR A 1 135 ? -2.218  -9.176  -7.267  1.00 13.35 ? 1642 THR A CB  1 
ATOM   970  O OG1 . THR A 1 135 ? -2.261  -8.879  -8.682  1.00 15.36 ? 1642 THR A OG1 1 
ATOM   971  C CG2 . THR A 1 135 ? -0.851  -8.842  -6.740  1.00 16.29 ? 1642 THR A CG2 1 
ATOM   972  N N   . PRO A 1 136 ? -2.319  -11.815 -9.177  1.00 14.72 ? 1643 PRO A N   1 
ATOM   973  C CA  . PRO A 1 136 ? -1.546  -12.604 -10.137 1.00 17.39 ? 1643 PRO A CA  1 
ATOM   974  C C   . PRO A 1 136 ? -0.327  -11.808 -10.647 1.00 16.49 ? 1643 PRO A C   1 
ATOM   975  O O   . PRO A 1 136 ? 0.624   -12.408 -11.176 1.00 18.61 ? 1643 PRO A O   1 
ATOM   976  C CB  . PRO A 1 136 ? -2.559  -12.934 -11.237 1.00 18.89 ? 1643 PRO A CB  1 
ATOM   977  C CG  . PRO A 1 136 ? -3.623  -11.860 -11.102 1.00 20.80 ? 1643 PRO A CG  1 
ATOM   978  C CD  . PRO A 1 136 ? -3.714  -11.652 -9.607  1.00 17.49 ? 1643 PRO A CD  1 
ATOM   979  N N   . LEU A 1 137 ? -0.306  -10.478 -10.485 1.00 16.00 ? 1644 LEU A N   1 
ATOM   980  C CA  . LEU A 1 137 ? 0.852   -9.693  -10.926 1.00 17.61 ? 1644 LEU A CA  1 
ATOM   981  C C   . LEU A 1 137 ? 2.124   -9.990  -10.117 1.00 17.01 ? 1644 LEU A C   1 
ATOM   982  O O   . LEU A 1 137 ? 3.227   -9.589  -10.519 1.00 18.49 ? 1644 LEU A O   1 
ATOM   983  C CB  . LEU A 1 137 ? 0.573   -8.186  -10.825 1.00 16.37 ? 1644 LEU A CB  1 
ATOM   984  C CG  . LEU A 1 137 ? -0.540  -7.723  -11.743 1.00 16.34 ? 1644 LEU A CG  1 
ATOM   985  C CD1 . LEU A 1 137 ? -0.861  -6.262  -11.416 1.00 18.95 ? 1644 LEU A CD1 1 
ATOM   986  C CD2 . LEU A 1 137 ? -0.138  -7.890  -13.222 1.00 22.71 ? 1644 LEU A CD2 1 
ATOM   987  N N   . ALA A 1 138 ? 1.978   -10.640 -8.961  1.00 16.15 ? 1645 ALA A N   1 
ATOM   988  C CA  . ALA A 1 138 ? 3.137   -10.961 -8.136  1.00 15.77 ? 1645 ALA A CA  1 
ATOM   989  C C   . ALA A 1 138 ? 3.639   -12.379 -8.371  1.00 21.40 ? 1645 ALA A C   1 
ATOM   990  O O   . ALA A 1 138 ? 4.534   -12.836 -7.648  1.00 20.27 ? 1645 ALA A O   1 
ATOM   991  C CB  . ALA A 1 138 ? 2.803   -10.742 -6.650  1.00 18.56 ? 1645 ALA A CB  1 
ATOM   992  N N   . CYS A 1 139 ? 3.066   -13.060 -9.367  1.00 19.65 ? 1646 CYS A N   1 
ATOM   993  C CA  . CYS A 1 139 ? 3.473   -14.433 -9.679  1.00 19.50 ? 1646 CYS A CA  1 
ATOM   994  C C   . CYS A 1 139 ? 4.585   -14.477 -10.722 1.00 22.63 ? 1646 CYS A C   1 
ATOM   995  O O   . CYS A 1 139 ? 4.566   -13.734 -11.713 1.00 28.46 ? 1646 CYS A O   1 
ATOM   996  C CB  . CYS A 1 139 ? 2.294   -15.250 -10.183 1.00 21.55 ? 1646 CYS A CB  1 
ATOM   997  S SG  . CYS A 1 139 ? 0.945   -15.319 -8.975  1.00 22.85 ? 1646 CYS A SG  1 
ATOM   998  N N   . GLU A 1 140 ? 5.544   -15.372 -10.470 1.00 27.89 ? 1647 GLU A N   1 
ATOM   999  C CA  . GLU A 1 140 ? 6.696   -15.594 -11.351 1.00 32.00 ? 1647 GLU A CA  1 
ATOM   1000 C C   . GLU A 1 140 ? 6.644   -17.003 -11.946 1.00 38.47 ? 1647 GLU A C   1 
ATOM   1001 O O   . GLU A 1 140 ? 5.878   -17.272 -12.869 1.00 49.62 ? 1647 GLU A O   1 
ATOM   1002 C CB  . GLU A 1 140 ? 7.998   -15.435 -10.569 1.00 28.75 ? 1647 GLU A CB  1 
ATOM   1003 C CG  . GLU A 1 140 ? 9.239   -15.771 -11.382 1.00 37.96 ? 1647 GLU A CG  1 
ATOM   1004 C CD  . GLU A 1 140 ? 10.528  -15.390 -10.684 1.00 36.34 ? 1647 GLU A CD  1 
ATOM   1005 O OE1 . GLU A 1 140 ? 11.603  -15.631 -11.273 1.00 46.04 ? 1647 GLU A OE1 1 
ATOM   1006 O OE2 . GLU A 1 140 ? 10.477  -14.847 -9.553  1.00 33.57 ? 1647 GLU A OE2 1 
HETATM 1007 S S   . SO4 B 2 .   ? -10.540 -11.441 -2.420  1.00 91.58 ? 3001 SO4 A S   1 
HETATM 1008 O O1  . SO4 B 2 .   ? -10.266 -10.942 -3.778  1.00 99.91 ? 3001 SO4 A O1  1 
HETATM 1009 O O2  . SO4 B 2 .   ? -10.052 -12.825 -2.292  1.00 89.36 ? 3001 SO4 A O2  1 
HETATM 1010 O O3  . SO4 B 2 .   ? -11.993 -11.414 -2.176  1.00 98.35 ? 3001 SO4 A O3  1 
HETATM 1011 O O4  . SO4 B 2 .   ? -9.852  -10.586 -1.435  1.00 92.77 ? 3001 SO4 A O4  1 
HETATM 1012 O O   . HOH C 3 .   ? 12.000  5.061   -15.953 1.00 48.01 ? 2001 HOH A O   1 
HETATM 1013 O O   . HOH C 3 .   ? 14.940  -2.086  -7.815  1.00 43.99 ? 2002 HOH A O   1 
HETATM 1014 O O   . HOH C 3 .   ? -11.956 5.248   -5.020  1.00 28.74 ? 2003 HOH A O   1 
HETATM 1015 O O   . HOH C 3 .   ? -12.410 2.120   -5.309  1.00 38.43 ? 2004 HOH A O   1 
HETATM 1016 O O   . HOH C 3 .   ? -14.376 5.128   -4.039  1.00 31.17 ? 2005 HOH A O   1 
HETATM 1017 O O   . HOH C 3 .   ? -9.919  7.905   10.718  1.00 23.42 ? 2006 HOH A O   1 
HETATM 1018 O O   . HOH C 3 .   ? -7.648  -3.578  10.975  1.00 45.45 ? 2007 HOH A O   1 
HETATM 1019 O O   . HOH C 3 .   ? 3.351   16.942  -3.677  1.00 42.42 ? 2008 HOH A O   1 
HETATM 1020 O O   . HOH C 3 .   ? -0.617  19.222  -6.613  1.00 48.80 ? 2009 HOH A O   1 
HETATM 1021 O O   . HOH C 3 .   ? 1.539   15.022  3.825   1.00 25.33 ? 2010 HOH A O   1 
HETATM 1022 O O   . HOH C 3 .   ? 6.925   13.431  -0.831  1.00 39.41 ? 2011 HOH A O   1 
HETATM 1023 O O   . HOH C 3 .   ? -5.834  10.012  11.994  1.00 20.83 ? 2012 HOH A O   1 
HETATM 1024 O O   . HOH C 3 .   ? -1.213  15.763  4.663   1.00 23.52 ? 2013 HOH A O   1 
HETATM 1025 O O   . HOH C 3 .   ? 8.672   11.819  0.669   1.00 35.95 ? 2014 HOH A O   1 
HETATM 1026 O O   . HOH C 3 .   ? 10.569  3.157   5.270   1.00 33.93 ? 2015 HOH A O   1 
HETATM 1027 O O   . HOH C 3 .   ? 12.753  -3.952  2.457   1.00 37.50 ? 2016 HOH A O   1 
HETATM 1028 O O   . HOH C 3 .   ? 15.644  -4.382  -1.767  1.00 42.54 ? 2017 HOH A O   1 
HETATM 1029 O O   . HOH C 3 .   ? 5.097   -15.822 -1.608  1.00 28.59 ? 2018 HOH A O   1 
HETATM 1030 O O   . HOH C 3 .   ? 1.986   16.029  8.908   1.00 46.62 ? 2019 HOH A O   1 
HETATM 1031 O O   . HOH C 3 .   ? -0.463  16.123  9.600   1.00 32.54 ? 2020 HOH A O   1 
HETATM 1032 O O   . HOH C 3 .   ? 10.784  -2.021  5.856   1.00 43.27 ? 2021 HOH A O   1 
HETATM 1033 O O   . HOH C 3 .   ? -12.520 -16.917 -14.030 1.00 40.76 ? 2022 HOH A O   1 
HETATM 1034 O O   . HOH C 3 .   ? -14.517 -13.379 -10.165 1.00 43.29 ? 2023 HOH A O   1 
HETATM 1035 O O   . HOH C 3 .   ? -8.325  -9.241  7.205   1.00 38.91 ? 2024 HOH A O   1 
HETATM 1036 O O   . HOH C 3 .   ? -7.123  -12.668 1.266   1.00 40.74 ? 2025 HOH A O   1 
HETATM 1037 O O   . HOH C 3 .   ? 12.038  6.027   -19.449 1.00 46.83 ? 2026 HOH A O   1 
HETATM 1038 O O   . HOH C 3 .   ? 3.107   16.909  4.668   1.00 40.93 ? 2027 HOH A O   1 
HETATM 1039 O O   . HOH C 3 .   ? 15.261  -5.696  -16.321 1.00 47.77 ? 2028 HOH A O   1 
HETATM 1040 O O   . HOH C 3 .   ? 5.131   12.583  -9.720  1.00 48.49 ? 2029 HOH A O   1 
HETATM 1041 O O   . HOH C 3 .   ? 3.718   -9.260  -17.198 1.00 47.84 ? 2030 HOH A O   1 
HETATM 1042 O O   . HOH C 3 .   ? 18.142  -0.510  -10.569 1.00 48.29 ? 2031 HOH A O   1 
HETATM 1043 O O   . HOH C 3 .   ? -22.224 6.169   9.540   1.00 48.61 ? 2032 HOH A O   1 
HETATM 1044 O O   . HOH C 3 .   ? 16.631  -0.172  -13.190 1.00 53.45 ? 2033 HOH A O   1 
HETATM 1045 O O   . HOH C 3 .   ? 11.188  2.102   -17.423 1.00 48.95 ? 2034 HOH A O   1 
HETATM 1046 O O   . HOH C 3 .   ? 9.306   1.968   -9.476  1.00 34.96 ? 2035 HOH A O   1 
HETATM 1047 O O   . HOH C 3 .   ? 11.567  -1.516  -17.799 1.00 45.02 ? 2036 HOH A O   1 
HETATM 1048 O O   . HOH C 3 .   ? 14.993  -4.423  -9.365  1.00 32.65 ? 2037 HOH A O   1 
HETATM 1049 O O   . HOH C 3 .   ? 18.600  -7.530  -10.579 1.00 45.80 ? 2038 HOH A O   1 
HETATM 1050 O O   . HOH C 3 .   ? 13.476  -16.582 -6.348  1.00 49.71 ? 2039 HOH A O   1 
HETATM 1051 O O   . HOH C 3 .   ? 15.772  -13.605 -4.988  1.00 39.02 ? 2040 HOH A O   1 
HETATM 1052 O O   . HOH C 3 .   ? 21.794  -13.336 -9.663  1.00 46.75 ? 2041 HOH A O   1 
HETATM 1053 O O   . HOH C 3 .   ? 20.405  -17.283 -9.250  1.00 46.15 ? 2042 HOH A O   1 
HETATM 1054 O O   . HOH C 3 .   ? 14.196  -13.853 -16.220 1.00 42.95 ? 2043 HOH A O   1 
HETATM 1055 O O   . HOH C 3 .   ? 16.071  -9.485  -16.467 1.00 46.61 ? 2044 HOH A O   1 
HETATM 1056 O O   . HOH C 3 .   ? 10.846  -10.935 -16.946 1.00 38.99 ? 2045 HOH A O   1 
HETATM 1057 O O   . HOH C 3 .   ? 1.650   -4.044  -17.100 1.00 31.13 ? 2046 HOH A O   1 
HETATM 1058 O O   . HOH C 3 .   ? 1.099   -4.287  -14.404 1.00 22.12 ? 2047 HOH A O   1 
HETATM 1059 O O   . HOH C 3 .   ? -5.957  -0.896  -11.868 1.00 20.42 ? 2048 HOH A O   1 
HETATM 1060 O O   . HOH C 3 .   ? -3.040  3.372   -7.923  1.00 12.93 ? 2049 HOH A O   1 
HETATM 1061 O O   . HOH C 3 .   ? -5.382  4.169   -10.697 1.00 19.02 ? 2050 HOH A O   1 
HETATM 1062 O O   . HOH C 3 .   ? 3.622   3.346   -13.102 1.00 32.60 ? 2051 HOH A O   1 
HETATM 1063 O O   . HOH C 3 .   ? -6.452  15.613  -6.318  1.00 35.73 ? 2052 HOH A O   1 
HETATM 1064 O O   . HOH C 3 .   ? -3.519  15.390  -5.301  1.00 27.77 ? 2053 HOH A O   1 
HETATM 1065 O O   . HOH C 3 .   ? -9.221  2.784   -10.100 1.00 26.40 ? 2054 HOH A O   1 
HETATM 1066 O O   . HOH C 3 .   ? -9.121  5.653   -4.389  1.00 16.11 ? 2055 HOH A O   1 
HETATM 1067 O O   . HOH C 3 .   ? -13.077 -0.688  0.464   1.00 29.79 ? 2056 HOH A O   1 
HETATM 1068 O O   . HOH C 3 .   ? -14.799 2.268   -2.420  1.00 36.04 ? 2057 HOH A O   1 
HETATM 1069 O O   . HOH C 3 .   ? -11.171 -0.288  -4.858  1.00 19.10 ? 2058 HOH A O   1 
HETATM 1070 O O   . HOH C 3 .   ? -9.454  -4.049  4.481   1.00 15.59 ? 2059 HOH A O   1 
HETATM 1071 O O   . HOH C 3 .   ? -8.981  6.496   12.923  1.00 23.82 ? 2060 HOH A O   1 
HETATM 1072 O O   . HOH C 3 .   ? -16.595 2.920   10.863  1.00 31.68 ? 2061 HOH A O   1 
HETATM 1073 O O   . HOH C 3 .   ? -9.769  -2.230  10.266  1.00 36.40 ? 2062 HOH A O   1 
HETATM 1074 O O   . HOH C 3 .   ? -15.428 -0.757  6.076   1.00 33.10 ? 2063 HOH A O   1 
HETATM 1075 O O   . HOH C 3 .   ? -15.250 0.203   2.499   1.00 41.78 ? 2064 HOH A O   1 
HETATM 1076 O O   . HOH C 3 .   ? -11.780 6.491   7.475   1.00 17.10 ? 2065 HOH A O   1 
HETATM 1077 O O   . HOH C 3 .   ? -14.060 6.177   5.785   1.00 27.09 ? 2066 HOH A O   1 
HETATM 1078 O O   . HOH C 3 .   ? -15.243 6.951   -2.449  1.00 33.04 ? 2067 HOH A O   1 
HETATM 1079 O O   . HOH C 3 .   ? -15.071 8.864   1.705   1.00 30.24 ? 2068 HOH A O   1 
HETATM 1080 O O   . HOH C 3 .   ? 0.699   5.861   -9.216  1.00 16.04 ? 2069 HOH A O   1 
HETATM 1081 O O   . HOH C 3 .   ? 2.550   6.838   -10.990 1.00 35.12 ? 2070 HOH A O   1 
HETATM 1082 O O   . HOH C 3 .   ? 4.960   5.045   -11.010 1.00 38.27 ? 2071 HOH A O   1 
HETATM 1083 O O   . HOH C 3 .   ? 2.407   10.768  -7.558  1.00 27.21 ? 2072 HOH A O   1 
HETATM 1084 O O   . HOH C 3 .   ? -0.554  8.146   -8.681  1.00 15.85 ? 2073 HOH A O   1 
HETATM 1085 O O   . HOH C 3 .   ? 1.247   16.561  -5.891  1.00 40.71 ? 2074 HOH A O   1 
HETATM 1086 O O   . HOH C 3 .   ? -2.720  13.397  -3.756  1.00 16.18 ? 2075 HOH A O   1 
HETATM 1087 O O   . HOH C 3 .   ? -9.398  12.080  -12.105 1.00 40.53 ? 2076 HOH A O   1 
HETATM 1088 O O   . HOH C 3 .   ? -10.514 7.763   -6.956  1.00 20.91 ? 2077 HOH A O   1 
HETATM 1089 O O   . HOH C 3 .   ? -9.195  15.305  -3.455  1.00 39.09 ? 2078 HOH A O   1 
HETATM 1090 O O   . HOH C 3 .   ? -13.240 8.909   -5.180  1.00 37.91 ? 2079 HOH A O   1 
HETATM 1091 O O   . HOH C 3 .   ? 0.184   17.786  1.275   1.00 29.60 ? 2080 HOH A O   1 
HETATM 1092 O O   . HOH C 3 .   ? 2.529   14.846  1.030   1.00 24.54 ? 2081 HOH A O   1 
HETATM 1093 O O   . HOH C 3 .   ? 4.962   11.859  -2.197  1.00 28.12 ? 2082 HOH A O   1 
HETATM 1094 O O   . HOH C 3 .   ? -19.599 11.178  7.358   1.00 36.97 ? 2083 HOH A O   1 
HETATM 1095 O O   . HOH C 3 .   ? -14.948 7.297   3.924   1.00 32.78 ? 2084 HOH A O   1 
HETATM 1096 O O   . HOH C 3 .   ? -16.980 9.386   4.956   1.00 31.82 ? 2085 HOH A O   1 
HETATM 1097 O O   . HOH C 3 .   ? -15.605 6.290   8.106   1.00 24.37 ? 2086 HOH A O   1 
HETATM 1098 O O   . HOH C 3 .   ? -15.776 12.645  5.133   1.00 23.94 ? 2087 HOH A O   1 
HETATM 1099 O O   . HOH C 3 .   ? -19.706 6.094   10.172  1.00 45.36 ? 2088 HOH A O   1 
HETATM 1100 O O   . HOH C 3 .   ? -8.315  10.176  10.553  1.00 16.30 ? 2089 HOH A O   1 
HETATM 1101 O O   . HOH C 3 .   ? -15.231 11.443  2.629   1.00 29.50 ? 2090 HOH A O   1 
HETATM 1102 O O   . HOH C 3 .   ? -15.242 12.995  -1.480  1.00 40.06 ? 2091 HOH A O   1 
HETATM 1103 O O   . HOH C 3 .   ? 1.872   12.721  5.122   1.00 17.45 ? 2092 HOH A O   1 
HETATM 1104 O O   . HOH C 3 .   ? -2.545  14.565  6.787   1.00 14.57 ? 2093 HOH A O   1 
HETATM 1105 O O   . HOH C 3 .   ? 5.008   15.882  0.557   1.00 41.42 ? 2094 HOH A O   1 
HETATM 1106 O O   . HOH C 3 .   ? 7.428   15.522  1.106   1.00 46.24 ? 2095 HOH A O   1 
HETATM 1107 O O   . HOH C 3 .   ? 7.090   7.523   1.564   1.00 16.22 ? 2096 HOH A O   1 
HETATM 1108 O O   . HOH C 3 .   ? 8.161   10.537  -1.655  1.00 40.92 ? 2097 HOH A O   1 
HETATM 1109 O O   . HOH C 3 .   ? 8.469   1.986   -0.925  1.00 16.20 ? 2098 HOH A O   1 
HETATM 1110 O O   . HOH C 3 .   ? 10.043  7.022   -5.298  1.00 29.20 ? 2099 HOH A O   1 
HETATM 1111 O O   . HOH C 3 .   ? 10.517  6.786   1.912   1.00 45.17 ? 2100 HOH A O   1 
HETATM 1112 O O   . HOH C 3 .   ? 11.494  -0.047  -7.667  1.00 36.75 ? 2101 HOH A O   1 
HETATM 1113 O O   . HOH C 3 .   ? 14.062  -2.392  -5.214  1.00 34.14 ? 2102 HOH A O   1 
HETATM 1114 O O   . HOH C 3 .   ? 11.387  1.801   3.149   1.00 32.72 ? 2103 HOH A O   1 
HETATM 1115 O O   . HOH C 3 .   ? 10.463  2.909   0.814   1.00 34.55 ? 2104 HOH A O   1 
HETATM 1116 O O   . HOH C 3 .   ? 9.470   -1.153  0.014   1.00 18.33 ? 2105 HOH A O   1 
HETATM 1117 O O   . HOH C 3 .   ? 9.270   -14.715 -6.915  1.00 29.38 ? 2106 HOH A O   1 
HETATM 1118 O O   . HOH C 3 .   ? 15.599  -8.335  -3.603  1.00 39.10 ? 2107 HOH A O   1 
HETATM 1119 O O   . HOH C 3 .   ? 14.367  -5.119  -4.151  1.00 24.42 ? 2108 HOH A O   1 
HETATM 1120 O O   . HOH C 3 .   ? 12.360  -15.652 -3.420  1.00 41.41 ? 2109 HOH A O   1 
HETATM 1121 O O   . HOH C 3 .   ? 14.150  -5.961  -0.068  1.00 35.11 ? 2110 HOH A O   1 
HETATM 1122 O O   . HOH C 3 .   ? 8.646   -11.148 2.647   1.00 20.56 ? 2111 HOH A O   1 
HETATM 1123 O O   . HOH C 3 .   ? 14.500  -12.073 -1.177  1.00 29.01 ? 2112 HOH A O   1 
HETATM 1124 O O   . HOH C 3 .   ? 14.410  -15.519 -1.634  1.00 47.93 ? 2113 HOH A O   1 
HETATM 1125 O O   . HOH C 3 .   ? 10.628  -12.130 4.461   1.00 22.32 ? 2114 HOH A O   1 
HETATM 1126 O O   . HOH C 3 .   ? 9.813   -17.869 -6.523  1.00 41.04 ? 2115 HOH A O   1 
HETATM 1127 O O   . HOH C 3 .   ? 9.838   -21.028 -2.472  1.00 37.91 ? 2116 HOH A O   1 
HETATM 1128 O O   . HOH C 3 .   ? 4.339   -14.144 -3.545  1.00 22.00 ? 2117 HOH A O   1 
HETATM 1129 O O   . HOH C 3 .   ? 10.137  -3.047  1.934   1.00 21.33 ? 2118 HOH A O   1 
HETATM 1130 O O   . HOH C 3 .   ? 9.582   4.649   2.704   1.00 25.86 ? 2119 HOH A O   1 
HETATM 1131 O O   . HOH C 3 .   ? 13.766  7.106   2.227   1.00 46.60 ? 2120 HOH A O   1 
HETATM 1132 O O   . HOH C 3 .   ? 12.613  8.155   7.968   1.00 47.08 ? 2121 HOH A O   1 
HETATM 1133 O O   . HOH C 3 .   ? 8.843   13.564  4.093   1.00 41.18 ? 2122 HOH A O   1 
HETATM 1134 O O   . HOH C 3 .   ? 7.101   7.485   9.004   1.00 33.51 ? 2123 HOH A O   1 
HETATM 1135 O O   . HOH C 3 .   ? 11.462  10.020  6.323   1.00 44.57 ? 2124 HOH A O   1 
HETATM 1136 O O   . HOH C 3 .   ? 8.685   9.756   1.940   1.00 34.69 ? 2125 HOH A O   1 
HETATM 1137 O O   . HOH C 3 .   ? 4.874   14.044  7.577   1.00 41.09 ? 2126 HOH A O   1 
HETATM 1138 O O   . HOH C 3 .   ? 3.536   13.515  11.353  1.00 31.56 ? 2127 HOH A O   1 
HETATM 1139 O O   . HOH C 3 .   ? -3.201  11.077  12.553  1.00 16.62 ? 2128 HOH A O   1 
HETATM 1140 O O   . HOH C 3 .   ? 0.468   14.334  7.438   1.00 24.94 ? 2129 HOH A O   1 
HETATM 1141 O O   . HOH C 3 .   ? 1.317   12.029  18.260  1.00 29.61 ? 2130 HOH A O   1 
HETATM 1142 O O   . HOH C 3 .   ? -2.856  3.764   16.538  1.00 40.79 ? 2131 HOH A O   1 
HETATM 1143 O O   . HOH C 3 .   ? 1.913   13.406  20.770  1.00 26.31 ? 2132 HOH A O   1 
HETATM 1144 O O   . HOH C 3 .   ? 7.597   11.308  13.350  1.00 37.96 ? 2133 HOH A O   1 
HETATM 1145 O O   . HOH C 3 .   ? 10.650  12.087  15.320  1.00 43.58 ? 2134 HOH A O   1 
HETATM 1146 O O   . HOH C 3 .   ? 3.808   12.779  16.570  1.00 35.08 ? 2135 HOH A O   1 
HETATM 1147 O O   . HOH C 3 .   ? 6.838   12.956  9.582   1.00 40.28 ? 2136 HOH A O   1 
HETATM 1148 O O   . HOH C 3 .   ? 7.370   7.327   12.986  1.00 34.28 ? 2137 HOH A O   1 
HETATM 1149 O O   . HOH C 3 .   ? 5.824   4.837   12.043  1.00 28.50 ? 2138 HOH A O   1 
HETATM 1150 O O   . HOH C 3 .   ? -4.492  4.152   14.553  1.00 41.14 ? 2139 HOH A O   1 
HETATM 1151 O O   . HOH C 3 .   ? -6.564  7.682   13.468  1.00 28.72 ? 2140 HOH A O   1 
HETATM 1152 O O   . HOH C 3 .   ? 7.417   -2.178  9.118   1.00 37.62 ? 2141 HOH A O   1 
HETATM 1153 O O   . HOH C 3 .   ? 8.721   -0.867  7.260   1.00 43.35 ? 2142 HOH A O   1 
HETATM 1154 O O   . HOH C 3 .   ? 1.963   -5.867  4.624   1.00 11.64 ? 2143 HOH A O   1 
HETATM 1155 O O   . HOH C 3 .   ? -1.584  -15.474 -2.267  1.00 34.76 ? 2144 HOH A O   1 
HETATM 1156 O O   . HOH C 3 .   ? -7.091  -11.837 -4.360  1.00 37.70 ? 2145 HOH A O   1 
HETATM 1157 O O   . HOH C 3 .   ? -10.142 -17.646 -12.193 1.00 50.90 ? 2146 HOH A O   1 
HETATM 1158 O O   . HOH C 3 .   ? -6.348  -14.807 -12.342 1.00 34.93 ? 2147 HOH A O   1 
HETATM 1159 O O   . HOH C 3 .   ? -11.479 -15.847 -8.243  1.00 40.20 ? 2148 HOH A O   1 
HETATM 1160 O O   . HOH C 3 .   ? -11.726 -11.644 -10.070 1.00 23.98 ? 2149 HOH A O   1 
HETATM 1161 O O   . HOH C 3 .   ? -15.773 -11.433 -8.980  1.00 27.62 ? 2150 HOH A O   1 
HETATM 1162 O O   . HOH C 3 .   ? -9.136  -3.744  -8.258  1.00 21.20 ? 2151 HOH A O   1 
HETATM 1163 O O   . HOH C 3 .   ? -6.402  -10.845 -7.027  1.00 21.79 ? 2152 HOH A O   1 
HETATM 1164 O O   . HOH C 3 .   ? -14.310 -5.211  -0.125  1.00 30.32 ? 2153 HOH A O   1 
HETATM 1165 O O   . HOH C 3 .   ? -10.350 -4.141  1.707   1.00 17.56 ? 2154 HOH A O   1 
HETATM 1166 O O   . HOH C 3 .   ? -9.274  -4.063  8.059   1.00 38.56 ? 2155 HOH A O   1 
HETATM 1167 O O   . HOH C 3 .   ? -6.663  -9.314  9.332   1.00 25.75 ? 2156 HOH A O   1 
HETATM 1168 O O   . HOH C 3 .   ? -7.653  -6.171  11.421  1.00 42.17 ? 2157 HOH A O   1 
HETATM 1169 O O   . HOH C 3 .   ? 0.545   -6.084  13.247  1.00 30.00 ? 2158 HOH A O   1 
HETATM 1170 O O   . HOH C 3 .   ? -4.506  -4.928  14.057  1.00 27.16 ? 2159 HOH A O   1 
HETATM 1171 O O   . HOH C 3 .   ? 4.431   -5.429  15.855  1.00 26.03 ? 2160 HOH A O   1 
HETATM 1172 O O   . HOH C 3 .   ? 5.066   -2.750  20.610  1.00 49.98 ? 2161 HOH A O   1 
HETATM 1173 O O   . HOH C 3 .   ? -1.358  -2.853  17.867  1.00 40.48 ? 2162 HOH A O   1 
HETATM 1174 O O   . HOH C 3 .   ? -8.023  1.276   21.121  1.00 50.44 ? 2163 HOH A O   1 
HETATM 1175 O O   . HOH C 3 .   ? -1.229  -0.708  22.173  1.00 45.79 ? 2164 HOH A O   1 
HETATM 1176 O O   . HOH C 3 .   ? 2.888   -2.874  24.266  1.00 47.08 ? 2165 HOH A O   1 
HETATM 1177 O O   . HOH C 3 .   ? 4.235   2.800   23.634  1.00 44.32 ? 2166 HOH A O   1 
HETATM 1178 O O   . HOH C 3 .   ? 6.740   -1.849  11.463  1.00 44.76 ? 2167 HOH A O   1 
HETATM 1179 O O   . HOH C 3 .   ? -3.484  -11.331 3.776   1.00 15.24 ? 2168 HOH A O   1 
HETATM 1180 O O   . HOH C 3 .   ? -5.266  -9.586  0.838   1.00 22.41 ? 2169 HOH A O   1 
HETATM 1181 O O   . HOH C 3 .   ? -6.063  -11.041 3.103   1.00 39.01 ? 2170 HOH A O   1 
HETATM 1182 O O   . HOH C 3 .   ? -6.058  -9.017  -1.707  1.00 19.84 ? 2171 HOH A O   1 
HETATM 1183 O O   . HOH C 3 .   ? -4.668  -7.634  -9.084  1.00 17.70 ? 2172 HOH A O   1 
HETATM 1184 O O   . HOH C 3 .   ? -0.045  -14.450 -12.963 1.00 36.05 ? 2173 HOH A O   1 
HETATM 1185 O O   . HOH C 3 .   ? 2.456   -12.135 -13.461 1.00 42.28 ? 2174 HOH A O   1 
HETATM 1186 O O   . HOH C 3 .   ? 4.251   -8.676  -12.855 1.00 25.78 ? 2175 HOH A O   1 
HETATM 1187 O O   . HOH C 3 .   ? 6.700   -13.772 -6.295  1.00 26.34 ? 2176 HOH A O   1 
HETATM 1188 O O   . HOH C 3 .   ? 5.009   -11.286 -13.186 1.00 35.21 ? 2177 HOH A O   1 
HETATM 1189 O O   . HOH C 3 .   ? 5.221   -17.346 -8.403  1.00 40.79 ? 2178 HOH A O   1 
HETATM 1190 O O   . HOH C 3 .   ? -10.166 -7.794  -1.472  1.00 27.85 ? 2179 HOH A O   1 
# 
